data_8FML
#
_entry.id   8FML
#
_cell.length_a   1.00
_cell.length_b   1.00
_cell.length_c   1.00
_cell.angle_alpha   90.00
_cell.angle_beta   90.00
_cell.angle_gamma   90.00
#
_symmetry.space_group_name_H-M   'P 1'
#
loop_
_entity.id
_entity.type
_entity.pdbx_description
1 polymer 'Baculoviral IAP repeat-containing protein 1e'
2 polymer Flagellin
#
loop_
_entity_poly.entity_id
_entity_poly.type
_entity_poly.pdbx_seq_one_letter_code
_entity_poly.pdbx_strand_id
1 'polypeptide(L)'
;MDYKDDDDKLAEHGESSEDRISEIDYEFLPELSALLGVDAFQVAKSQEEEEHKERMKMKKGFNSQMRSEAKRLKTFETYD
TFRSWTPQEMAAAGFYHTGVRLGVQCFCCSLILFGNSLRKLPIERHKKLRPECEFLQGKDVGNIGKYDIRVKRPEKMLRG
GKARYHEEEARLESFEDWPFYAHGTSPRVLSAAGFVFTGKRDTVQCFSCGGSLGNWEEGDDPWKEHAKWFPKCEFLQSKK
SSEEIAQYIQSYEGFVHVTGEHFVKSWVRRELPMVSAYCNDSVFANEELRMDMFKDWPQESPVGVEALVRAGFFYTGKKD
IVRCFSCGGCLEKWAEGDDPMEDHIKFFPECVFLQTLKSSAEVIPTLQSQYALPEATETTRESNHGDAAAVHSTVVDLGR
SEAQWFQEARSLSEQLRDNYTKATFRHMNLPEVCSSLGTDHLLSCDVSIISKHISQPVQEALTIPEVFSNLNSVMCVEGE
TGSGKTTFLKRIAFLWASGCCPLLYRFQLVFYLSLSSITPDQGLANIICAQLLGAGGCISEVCLSSSIQQLQHQVLFLLD
DYSGLASLPQALHTLITKNYLSRTCLLIAVHTNRVRDIRLYLGTSLEIQEFPFYNTVSVLRKFFSHDIICVEKLIIYFID
NKDLQGVYKTPLFVAAVCTDWIQNASAQDKFQDVTLFQSYMQYLSLKYKATAEPLQATVSSCGQLALTGLFSSCFEFNSD
DLAEAGVDEDEKLTTLLMSKFTAQRLRPVYRFLGPLFQEFLAAVRLTELLSSDRQEDQDLGLYYLRQIDSPLKAINSFNI
FLYYVSSHSSSKAAPTVVSHLLQLVDEKESLENMSENEDYMKLHPQTFLWFQFVRGLWLVSPESSSSFVSEHLLRLALIF
AYESNTVAECSPFILQFLRGKTLALRVLNLQYFRDHPESLLLLRSLKVSINGNKMSSYVDYSFKTYFENLQPPAIDEEYT
SAFEHISEWRRNFAQDEEIIKNYENIRPRALPDISEGYWKLSPKPCKIPKLEVQVNNTDAADQALLQVLMEVFSASQSIE
FRLFNSSGFLESICPALELSKASVTKCSMSRLELSRAEQELLLTLPALQSLEVSETNQLPEQLFHNLHKFLGLKELCVRL
DGKPNVLSVLPREFPNLLHMEKLSIQTSTESDLSKLVKFIQNFPNLHVFHLKCDFLSNCESLMAVLASCKKLREIEFSGR
CFEAMTFVNILPNFVSLKILNLKDQQFPDKETSEKFAQALGSLRNLEELLVPTGDGIHQVAKLIVRQCLQLPCLRVLTFH
DILDDDSVIEIARAATSGGFQKLENLDISMNHKITEEGYRNFFQALDNLPNLQELNICRNIPGRIQVQATTVKALGQCVS
RLPSLIRLHMLSWLLDEEDMKVINDVKERHPQSKRLIIFWKLIVPFSPVILE
;
A
2 'polypeptide(L)'
;MHHHHHHMAQVINTNSLSLLTQNNLNKSQSALGTAIERLSSGLRINSAKDDAAGQAIANRFTANIKGLTQASRNANDGIS
IAQTTEGALNEINNNLQRVRELAVQSANSTNSQSDLDSIQAEITQRLNEIDRVSGQTQFNGVKVLAQDNTLTIQVGANDG
ETIDIDLKQINSQTLGLDTLNVQQKYKVSDTAATVTGYADTTIALDNSTFKASATGLGGTDQKIDGDLKFDDTTGKYYAK
VTVTGGTGKDGYYEVSVDKTNGEVTLAGGATSPLTGGLPATATEDVKNVQVANADLTEAKAALTAAGVTGTASVVKMSYT
DNNGKTIDGGLAVKVGDDYYSATQNKDGSISINTTKYTADDGTSKTALNKLGGADGKTEVVSIGGKTYAASKAEGHNFKA
QPDLAEAAATTTENPLQKIDAALAQVDTLRSDLGAVQNRFNSAITNLGNTVNNLTSARSRIEDSDYATEVSNMSRAQILQ
QAGTSVLAQANQVPQNVLSLLR
;
B
#
# COMPACT_ATOMS: atom_id res chain seq x y z
N SER A 16 -15.89 -15.54 35.20
CA SER A 16 -15.71 -15.07 33.83
C SER A 16 -14.63 -14.00 33.77
N SER A 17 -14.17 -13.55 34.94
CA SER A 17 -13.12 -12.53 34.98
C SER A 17 -11.81 -13.05 34.42
N GLU A 18 -11.41 -14.26 34.81
CA GLU A 18 -10.17 -14.83 34.30
C GLU A 18 -10.30 -15.36 32.87
N ASP A 19 -11.49 -15.85 32.50
CA ASP A 19 -11.69 -16.35 31.15
C ASP A 19 -11.55 -15.24 30.12
N ARG A 20 -12.17 -14.09 30.37
CA ARG A 20 -12.03 -12.95 29.49
C ARG A 20 -10.75 -12.19 29.80
N ILE A 21 -10.29 -11.41 28.82
CA ILE A 21 -9.09 -10.60 28.98
C ILE A 21 -9.12 -9.49 27.94
N SER A 22 -8.69 -8.30 28.36
CA SER A 22 -8.65 -7.12 27.51
C SER A 22 -7.19 -6.73 27.28
N GLU A 23 -6.82 -6.54 26.01
CA GLU A 23 -5.45 -6.22 25.64
C GLU A 23 -5.32 -4.80 25.09
N ILE A 24 -6.24 -3.91 25.43
CA ILE A 24 -6.24 -2.53 24.94
C ILE A 24 -6.42 -1.60 26.13
N ASP A 25 -5.50 -0.66 26.30
CA ASP A 25 -5.54 0.31 27.39
C ASP A 25 -6.16 1.59 26.86
N TYR A 26 -7.12 2.13 27.61
CA TYR A 26 -7.89 3.28 27.16
C TYR A 26 -7.27 4.61 27.54
N GLU A 27 -6.10 4.60 28.19
CA GLU A 27 -5.42 5.85 28.52
C GLU A 27 -4.95 6.57 27.26
N PHE A 28 -4.43 5.84 26.28
CA PHE A 28 -3.86 6.41 25.07
C PHE A 28 -4.70 6.11 23.84
N LEU A 29 -6.00 5.89 24.02
CA LEU A 29 -6.91 5.63 22.91
C LEU A 29 -7.32 6.93 22.20
N PRO A 30 -7.59 8.03 22.91
CA PRO A 30 -7.82 9.30 22.19
C PRO A 30 -6.64 9.74 21.34
N GLU A 31 -5.41 9.41 21.73
CA GLU A 31 -4.26 9.74 20.89
C GLU A 31 -4.32 8.98 19.56
N LEU A 32 -4.67 7.69 19.61
CA LEU A 32 -4.84 6.93 18.38
C LEU A 32 -6.02 7.45 17.57
N SER A 33 -7.08 7.89 18.25
CA SER A 33 -8.21 8.48 17.55
C SER A 33 -7.80 9.73 16.80
N ALA A 34 -6.95 10.56 17.41
CA ALA A 34 -6.52 11.79 16.76
C ALA A 34 -5.56 11.49 15.60
N LEU A 35 -4.63 10.56 15.78
CA LEU A 35 -3.64 10.28 14.74
C LEU A 35 -4.25 9.48 13.60
N LEU A 36 -4.73 8.27 13.88
CA LEU A 36 -5.26 7.39 12.85
C LEU A 36 -6.52 7.95 12.22
N GLY A 37 -7.19 8.88 12.88
CA GLY A 37 -8.37 9.51 12.33
C GLY A 37 -9.70 8.88 12.73
N VAL A 38 -9.67 7.78 13.47
CA VAL A 38 -10.89 7.14 13.95
C VAL A 38 -10.70 6.67 15.37
N ASP A 39 -11.78 6.70 16.14
CA ASP A 39 -11.74 6.21 17.50
C ASP A 39 -11.42 4.73 17.52
N ALA A 40 -10.48 4.34 18.37
CA ALA A 40 -10.12 2.93 18.56
C ALA A 40 -11.09 2.29 19.56
N PHE A 41 -12.37 2.28 19.20
CA PHE A 41 -13.42 1.71 20.02
C PHE A 41 -14.10 0.54 19.35
N GLN A 42 -14.66 0.71 18.16
CA GLN A 42 -15.41 -0.35 17.49
C GLN A 42 -14.49 -1.48 17.05
N VAL A 43 -13.48 -1.15 16.23
CA VAL A 43 -12.53 -2.16 15.78
C VAL A 43 -11.77 -2.74 16.96
N ALA A 44 -11.48 -1.90 17.96
CA ALA A 44 -10.80 -2.37 19.17
C ALA A 44 -11.62 -3.46 19.86
N LYS A 45 -12.91 -3.20 20.10
CA LYS A 45 -13.75 -4.18 20.76
C LYS A 45 -13.89 -5.45 19.92
N SER A 46 -14.07 -5.30 18.61
CA SER A 46 -14.22 -6.47 17.75
C SER A 46 -12.96 -7.34 17.78
N GLN A 47 -11.79 -6.70 17.68
CA GLN A 47 -10.53 -7.44 17.70
C GLN A 47 -10.31 -8.11 19.06
N GLU A 48 -10.64 -7.41 20.15
CA GLU A 48 -10.50 -8.01 21.48
C GLU A 48 -11.38 -9.23 21.62
N GLU A 49 -12.62 -9.15 21.14
CA GLU A 49 -13.52 -10.30 21.21
C GLU A 49 -12.98 -11.47 20.40
N GLU A 50 -12.56 -11.22 19.16
CA GLU A 50 -12.06 -12.29 18.30
C GLU A 50 -10.82 -12.93 18.90
N GLU A 51 -9.91 -12.11 19.45
CA GLU A 51 -8.74 -12.65 20.11
C GLU A 51 -9.13 -13.52 21.29
N HIS A 52 -10.13 -13.10 22.06
CA HIS A 52 -10.59 -13.92 23.17
C HIS A 52 -11.10 -15.28 22.69
N LYS A 53 -11.93 -15.28 21.64
CA LYS A 53 -12.47 -16.54 21.15
C LYS A 53 -11.36 -17.48 20.71
N GLU A 54 -10.43 -17.00 19.89
CA GLU A 54 -9.44 -17.94 19.36
C GLU A 54 -8.39 -18.29 20.41
N ARG A 55 -8.12 -17.39 21.37
CA ARG A 55 -7.28 -17.74 22.49
C ARG A 55 -7.88 -18.86 23.32
N MET A 56 -9.20 -18.79 23.56
CA MET A 56 -9.87 -19.90 24.23
C MET A 56 -9.78 -21.18 23.40
N LYS A 57 -9.95 -21.06 22.08
CA LYS A 57 -9.90 -22.24 21.22
C LYS A 57 -8.54 -22.92 21.26
N MET A 58 -7.46 -22.15 21.23
CA MET A 58 -6.13 -22.72 21.14
C MET A 58 -5.76 -23.45 22.44
N LYS A 59 -4.79 -24.35 22.33
CA LYS A 59 -4.38 -25.17 23.46
C LYS A 59 -3.73 -24.33 24.54
N LYS A 60 -3.95 -24.72 25.79
CA LYS A 60 -3.42 -24.02 26.96
C LYS A 60 -2.74 -25.02 27.87
N GLY A 61 -1.68 -24.58 28.52
CA GLY A 61 -0.95 -25.43 29.44
C GLY A 61 0.54 -25.13 29.39
N PHE A 62 1.28 -25.91 30.17
CA PHE A 62 2.72 -25.75 30.27
C PHE A 62 3.39 -26.45 29.10
N ASN A 63 3.93 -25.68 28.16
CA ASN A 63 4.67 -26.23 27.03
C ASN A 63 6.06 -26.60 27.53
N SER A 64 6.22 -27.86 27.92
CA SER A 64 7.44 -28.30 28.59
C SER A 64 8.65 -28.25 27.67
N GLN A 65 8.50 -28.70 26.42
CA GLN A 65 9.65 -28.86 25.55
C GLN A 65 10.31 -27.52 25.25
N MET A 66 9.59 -26.64 24.55
CA MET A 66 10.14 -25.35 24.16
C MET A 66 9.89 -24.28 25.23
N ARG A 67 10.37 -24.59 26.42
CA ARG A 67 10.38 -23.65 27.54
C ARG A 67 11.59 -22.73 27.52
N SER A 68 12.65 -23.12 26.82
CA SER A 68 13.87 -22.34 26.77
C SER A 68 13.80 -21.27 25.69
N GLU A 69 14.30 -20.09 26.01
CA GLU A 69 14.22 -18.97 25.08
C GLU A 69 14.97 -19.25 23.79
N ALA A 70 15.92 -20.20 23.80
CA ALA A 70 16.54 -20.63 22.55
C ALA A 70 15.50 -21.17 21.58
N LYS A 71 14.69 -22.12 22.04
CA LYS A 71 13.62 -22.65 21.18
C LYS A 71 12.53 -21.62 20.94
N ARG A 72 12.26 -20.75 21.92
CA ARG A 72 11.27 -19.71 21.73
C ARG A 72 11.65 -18.79 20.56
N LEU A 73 12.93 -18.42 20.48
CA LEU A 73 13.39 -17.61 19.36
C LEU A 73 13.52 -18.44 18.09
N LYS A 74 13.83 -19.72 18.22
CA LYS A 74 13.88 -20.60 17.05
C LYS A 74 12.51 -20.70 16.38
N THR A 75 11.43 -20.58 17.15
CA THR A 75 10.09 -20.58 16.60
C THR A 75 9.70 -19.24 16.00
N PHE A 76 10.59 -18.26 16.00
CA PHE A 76 10.32 -16.93 15.45
C PHE A 76 10.84 -16.77 14.03
N GLU A 77 11.29 -17.86 13.40
CA GLU A 77 11.71 -17.78 12.00
C GLU A 77 10.54 -17.45 11.10
N THR A 78 9.37 -18.00 11.40
CA THR A 78 8.16 -17.73 10.63
C THR A 78 7.47 -16.44 11.07
N TYR A 79 7.97 -15.76 12.10
CA TYR A 79 7.36 -14.54 12.57
C TYR A 79 7.48 -13.44 11.51
N ASP A 80 6.41 -12.66 11.36
CA ASP A 80 6.43 -11.55 10.41
C ASP A 80 7.39 -10.47 10.88
N THR A 81 8.11 -9.88 9.92
CA THR A 81 9.10 -8.86 10.24
C THR A 81 8.50 -7.47 10.41
N PHE A 82 7.22 -7.29 10.08
CA PHE A 82 6.54 -6.01 10.27
C PHE A 82 5.76 -6.11 11.58
N ARG A 83 6.41 -5.71 12.67
CA ARG A 83 5.83 -5.75 14.02
C ARG A 83 6.36 -4.55 14.79
N SER A 84 6.15 -4.57 16.10
CA SER A 84 6.66 -3.51 16.97
C SER A 84 7.52 -4.05 18.10
N TRP A 85 7.21 -5.22 18.65
CA TRP A 85 8.04 -5.85 19.66
C TRP A 85 8.99 -6.83 18.98
N THR A 86 10.26 -6.75 19.34
CA THR A 86 11.27 -7.63 18.75
C THR A 86 11.15 -9.04 19.32
N PRO A 87 11.24 -10.06 18.45
CA PRO A 87 11.27 -11.45 18.91
C PRO A 87 12.15 -11.70 20.13
N GLN A 88 13.26 -10.99 20.23
CA GLN A 88 14.14 -11.16 21.39
C GLN A 88 13.43 -10.76 22.67
N GLU A 89 12.77 -9.59 22.67
CA GLU A 89 12.02 -9.17 23.85
C GLU A 89 10.83 -10.09 24.11
N MET A 90 10.14 -10.51 23.04
CA MET A 90 9.01 -11.41 23.20
C MET A 90 9.41 -12.71 23.88
N ALA A 91 10.53 -13.29 23.45
CA ALA A 91 11.02 -14.51 24.10
C ALA A 91 11.57 -14.24 25.49
N ALA A 92 12.13 -13.04 25.72
CA ALA A 92 12.61 -12.71 27.06
C ALA A 92 11.47 -12.66 28.05
N ALA A 93 10.32 -12.14 27.64
CA ALA A 93 9.13 -12.17 28.47
C ALA A 93 8.44 -13.53 28.46
N GLY A 94 9.00 -14.51 27.77
CA GLY A 94 8.44 -15.85 27.71
C GLY A 94 7.41 -16.06 26.63
N PHE A 95 7.11 -15.03 25.84
CA PHE A 95 6.09 -15.12 24.80
C PHE A 95 6.69 -15.82 23.58
N TYR A 96 6.59 -17.15 23.57
CA TYR A 96 6.99 -17.95 22.43
C TYR A 96 5.95 -17.83 21.31
N HIS A 97 6.35 -18.24 20.11
CA HIS A 97 5.48 -18.15 18.94
C HIS A 97 4.62 -19.41 18.88
N THR A 98 3.33 -19.26 19.19
CA THR A 98 2.42 -20.40 19.11
C THR A 98 2.09 -20.74 17.66
N GLY A 99 2.06 -19.74 16.78
CA GLY A 99 1.81 -19.96 15.37
C GLY A 99 0.42 -19.59 14.90
N VAL A 100 -0.41 -19.01 15.76
CA VAL A 100 -1.78 -18.65 15.38
C VAL A 100 -1.90 -17.13 15.28
N ARG A 101 -1.71 -16.60 14.07
CA ARG A 101 -1.64 -15.17 13.79
C ARG A 101 -0.83 -14.43 14.86
N LEU A 102 0.43 -14.85 15.00
CA LEU A 102 1.41 -14.17 15.84
C LEU A 102 0.97 -14.14 17.30
N GLY A 103 0.19 -15.13 17.71
CA GLY A 103 -0.35 -15.19 19.06
C GLY A 103 0.63 -15.74 20.08
N VAL A 104 1.59 -14.92 20.50
CA VAL A 104 2.58 -15.37 21.47
C VAL A 104 1.91 -15.71 22.80
N GLN A 105 2.54 -16.61 23.55
CA GLN A 105 1.92 -17.26 24.70
C GLN A 105 2.88 -17.33 25.88
N CYS A 106 2.39 -17.03 27.07
CA CYS A 106 3.16 -17.25 28.30
C CYS A 106 3.30 -18.76 28.50
N PHE A 107 4.52 -19.27 28.32
CA PHE A 107 4.72 -20.72 28.35
C PHE A 107 4.34 -21.34 29.69
N CYS A 108 4.28 -20.54 30.76
CA CYS A 108 4.01 -21.08 32.08
C CYS A 108 2.52 -21.20 32.38
N CYS A 109 1.71 -20.22 31.97
CA CYS A 109 0.30 -20.21 32.28
C CYS A 109 -0.59 -20.08 31.06
N SER A 110 -0.02 -20.08 29.86
CA SER A 110 -0.78 -19.96 28.61
C SER A 110 -1.53 -18.63 28.52
N LEU A 111 -0.89 -17.56 29.02
CA LEU A 111 -1.37 -16.21 28.76
C LEU A 111 -0.98 -15.84 27.34
N ILE A 112 -1.97 -15.65 26.47
CA ILE A 112 -1.74 -15.47 25.05
C ILE A 112 -2.00 -14.01 24.69
N LEU A 113 -0.99 -13.37 24.10
CA LEU A 113 -1.06 -11.97 23.67
C LEU A 113 -1.01 -11.96 22.14
N PHE A 114 -2.15 -11.72 21.50
CA PHE A 114 -2.21 -11.83 20.05
C PHE A 114 -1.44 -10.72 19.36
N GLY A 115 -1.25 -9.58 20.03
CA GLY A 115 -0.61 -8.46 19.39
C GLY A 115 0.29 -7.63 20.28
N ASN A 116 1.47 -7.27 19.78
CA ASN A 116 2.35 -6.37 20.49
C ASN A 116 1.75 -4.98 20.55
N SER A 117 2.25 -4.16 21.47
CA SER A 117 1.68 -2.85 21.73
C SER A 117 2.60 -2.00 22.57
N LEU A 118 2.09 -0.89 23.08
CA LEU A 118 2.79 -0.05 24.06
C LEU A 118 2.65 -0.73 25.43
N ARG A 119 2.91 -0.02 26.54
CA ARG A 119 3.25 -0.62 27.83
C ARG A 119 4.65 -1.22 27.76
N LYS A 120 5.55 -0.49 27.09
CA LYS A 120 6.96 -0.83 26.97
C LYS A 120 7.17 -2.28 26.54
N LEU A 121 8.19 -2.92 27.13
CA LEU A 121 8.48 -4.31 26.84
C LEU A 121 7.30 -5.19 27.24
N PRO A 122 7.17 -6.37 26.63
CA PRO A 122 6.00 -7.23 26.91
C PRO A 122 5.80 -7.57 28.37
N ILE A 123 6.82 -7.39 29.22
CA ILE A 123 6.68 -7.75 30.64
C ILE A 123 5.63 -6.88 31.32
N GLU A 124 5.60 -5.59 30.99
CA GLU A 124 4.65 -4.68 31.64
C GLU A 124 3.21 -5.05 31.28
N ARG A 125 2.95 -5.31 30.00
CA ARG A 125 1.61 -5.72 29.58
C ARG A 125 1.27 -7.10 30.15
N HIS A 126 2.26 -7.99 30.22
CA HIS A 126 2.09 -9.28 30.88
C HIS A 126 1.56 -9.12 32.30
N LYS A 127 2.25 -8.29 33.10
CA LYS A 127 1.84 -8.08 34.49
C LYS A 127 0.49 -7.40 34.57
N LYS A 128 0.23 -6.42 33.69
CA LYS A 128 -1.04 -5.71 33.73
C LYS A 128 -2.21 -6.63 33.41
N LEU A 129 -2.04 -7.52 32.42
CA LEU A 129 -3.14 -8.36 31.99
C LEU A 129 -3.33 -9.56 32.92
N ARG A 130 -2.31 -10.40 33.05
CA ARG A 130 -2.41 -11.59 33.89
C ARG A 130 -1.21 -11.66 34.82
N PRO A 131 -1.33 -11.17 36.05
CA PRO A 131 -0.17 -11.14 36.95
C PRO A 131 0.08 -12.47 37.64
N GLU A 132 -0.51 -13.55 37.13
CA GLU A 132 -0.39 -14.86 37.78
C GLU A 132 0.27 -15.92 36.89
N CYS A 133 0.91 -15.54 35.79
CA CYS A 133 1.84 -16.45 35.12
C CYS A 133 3.03 -16.62 36.06
N GLU A 134 3.17 -17.81 36.64
CA GLU A 134 4.16 -18.04 37.70
C GLU A 134 5.58 -17.71 37.28
N PHE A 135 5.79 -17.41 36.00
CA PHE A 135 6.99 -16.79 35.48
C PHE A 135 7.51 -15.66 36.37
N LEU A 136 6.59 -14.81 36.85
CA LEU A 136 6.95 -13.59 37.57
C LEU A 136 7.13 -13.80 39.05
N GLN A 137 7.40 -15.04 39.49
CA GLN A 137 7.59 -15.33 40.91
C GLN A 137 9.03 -15.66 41.27
N GLY A 138 9.85 -16.07 40.30
CA GLY A 138 11.25 -16.36 40.56
C GLY A 138 11.55 -17.79 40.94
N LYS A 139 10.54 -18.62 41.17
CA LYS A 139 10.77 -20.01 41.50
C LYS A 139 11.25 -20.77 40.27
N ASP A 140 11.74 -21.99 40.49
CA ASP A 140 12.27 -22.81 39.41
C ASP A 140 11.13 -23.22 38.49
N VAL A 141 11.07 -22.60 37.32
CA VAL A 141 10.03 -22.85 36.33
C VAL A 141 10.61 -23.37 35.02
N GLY A 142 11.93 -23.34 34.86
CA GLY A 142 12.54 -23.81 33.63
C GLY A 142 12.55 -22.78 32.51
N ASN A 143 13.28 -21.69 32.72
CA ASN A 143 13.38 -20.59 31.76
C ASN A 143 14.84 -20.17 31.57
N ILE A 144 15.70 -21.15 31.30
CA ILE A 144 17.09 -20.83 30.98
C ILE A 144 17.12 -19.99 29.70
N GLY A 145 18.15 -19.16 29.57
CA GLY A 145 18.16 -18.07 28.61
C GLY A 145 18.17 -18.51 27.15
N LYS A 146 18.10 -17.50 26.29
CA LYS A 146 18.09 -17.74 24.84
C LYS A 146 19.43 -18.28 24.36
N TYR A 147 20.53 -17.78 24.92
CA TYR A 147 21.86 -18.26 24.61
C TYR A 147 22.31 -19.36 25.56
N ASP A 148 21.38 -20.16 26.07
CA ASP A 148 21.71 -21.18 27.05
C ASP A 148 22.59 -22.28 26.45
N ILE A 149 23.54 -22.74 27.25
CA ILE A 149 24.36 -23.90 26.92
C ILE A 149 23.82 -25.09 27.67
N ARG A 150 23.69 -26.23 26.98
CA ARG A 150 23.23 -27.44 27.64
C ARG A 150 24.18 -27.85 28.76
N VAL A 151 25.48 -27.70 28.54
CA VAL A 151 26.46 -28.07 29.55
C VAL A 151 26.43 -27.01 30.65
N LYS A 152 25.87 -27.37 31.79
CA LYS A 152 25.92 -26.51 32.97
C LYS A 152 27.24 -26.72 33.70
N ARG A 153 27.45 -25.95 34.75
CA ARG A 153 28.70 -26.02 35.48
C ARG A 153 28.73 -27.24 36.40
N PRO A 154 29.90 -27.84 36.60
CA PRO A 154 30.03 -28.91 37.61
C PRO A 154 30.16 -28.33 39.02
N GLU A 155 29.10 -28.47 39.80
CA GLU A 155 29.06 -28.12 41.22
C GLU A 155 28.60 -29.30 42.05
N LYS A 156 29.28 -30.44 41.90
CA LYS A 156 28.94 -31.64 42.65
C LYS A 156 28.69 -31.32 44.13
N MET A 157 29.73 -30.86 44.83
CA MET A 157 29.64 -30.49 46.25
C MET A 157 28.80 -31.48 47.05
N LEU A 158 28.91 -32.77 46.74
CA LEU A 158 28.01 -33.78 47.27
C LEU A 158 28.79 -34.82 48.07
N ARG A 159 28.06 -35.55 48.90
CA ARG A 159 28.63 -36.64 49.68
C ARG A 159 28.54 -37.93 48.89
N GLY A 160 29.69 -38.49 48.52
CA GLY A 160 29.73 -39.71 47.75
C GLY A 160 30.78 -39.70 46.66
N GLY A 161 31.06 -38.53 46.10
CA GLY A 161 32.08 -38.44 45.07
C GLY A 161 31.65 -39.08 43.77
N LYS A 162 32.65 -39.30 42.90
CA LYS A 162 32.38 -39.86 41.58
C LYS A 162 31.91 -41.31 41.68
N ALA A 163 32.65 -42.14 42.43
CA ALA A 163 32.42 -43.59 42.44
C ALA A 163 32.20 -44.07 43.87
N ARG A 164 30.94 -44.11 44.29
CA ARG A 164 30.56 -44.74 45.54
C ARG A 164 29.39 -45.70 45.32
N TYR A 165 28.56 -45.39 44.32
CA TYR A 165 27.40 -46.19 43.98
C TYR A 165 27.48 -46.63 42.53
N HIS A 166 27.00 -47.84 42.26
CA HIS A 166 27.15 -48.44 40.94
C HIS A 166 25.88 -49.07 40.41
N GLU A 167 24.72 -48.78 41.00
CA GLU A 167 23.45 -49.36 40.58
C GLU A 167 22.47 -48.27 40.16
N GLU A 168 21.58 -48.61 39.24
CA GLU A 168 20.55 -47.67 38.82
C GLU A 168 19.62 -47.32 39.98
N GLU A 169 19.24 -48.31 40.78
CA GLU A 169 18.41 -48.06 41.95
C GLU A 169 19.15 -47.31 43.04
N ALA A 170 20.49 -47.32 43.02
CA ALA A 170 21.25 -46.59 44.02
C ALA A 170 21.03 -45.09 43.91
N ARG A 171 20.94 -44.57 42.69
CA ARG A 171 20.78 -43.15 42.46
C ARG A 171 19.44 -42.78 41.82
N LEU A 172 18.55 -43.74 41.59
CA LEU A 172 17.23 -43.41 41.07
C LEU A 172 16.36 -42.72 42.11
N GLU A 173 16.71 -42.84 43.40
CA GLU A 173 15.96 -42.13 44.43
C GLU A 173 16.11 -40.62 44.29
N SER A 174 17.20 -40.16 43.68
CA SER A 174 17.45 -38.73 43.56
C SER A 174 16.43 -38.05 42.64
N PHE A 175 15.88 -38.78 41.68
CA PHE A 175 14.95 -38.22 40.71
C PHE A 175 13.52 -38.12 41.24
N GLU A 176 13.31 -38.25 42.54
CA GLU A 176 11.97 -38.13 43.10
C GLU A 176 11.42 -36.72 42.89
N ASP A 177 12.23 -35.70 43.14
CA ASP A 177 11.82 -34.31 42.98
C ASP A 177 12.05 -33.83 41.54
N TRP A 178 11.54 -34.59 40.58
CA TRP A 178 11.69 -34.21 39.18
C TRP A 178 10.71 -33.10 38.82
N PRO A 179 11.19 -31.99 38.27
CA PRO A 179 10.29 -30.87 37.97
C PRO A 179 9.29 -31.22 36.89
N PHE A 180 8.13 -30.55 36.96
CA PHE A 180 7.07 -30.76 35.98
C PHE A 180 7.42 -30.19 34.62
N TYR A 181 8.46 -29.36 34.50
CA TYR A 181 8.87 -28.79 33.23
C TYR A 181 9.91 -29.65 32.53
N ALA A 182 10.19 -30.85 33.03
CA ALA A 182 11.08 -31.79 32.36
C ALA A 182 10.48 -33.19 32.42
N HIS A 183 9.15 -33.29 32.31
CA HIS A 183 8.47 -34.57 32.45
C HIS A 183 8.65 -35.45 31.22
N GLY A 184 8.91 -34.87 30.05
CA GLY A 184 9.09 -35.68 28.85
C GLY A 184 10.28 -36.61 28.94
N THR A 185 11.40 -36.12 29.46
CA THR A 185 12.58 -36.94 29.68
C THR A 185 12.39 -37.72 30.99
N SER A 186 11.91 -38.95 30.87
CA SER A 186 11.60 -39.74 32.05
C SER A 186 12.89 -40.01 32.85
N PRO A 187 12.83 -39.92 34.17
CA PRO A 187 14.02 -40.21 34.99
C PRO A 187 14.62 -41.58 34.74
N ARG A 188 13.82 -42.55 34.29
CA ARG A 188 14.33 -43.91 34.09
C ARG A 188 15.43 -43.95 33.04
N VAL A 189 15.19 -43.32 31.89
CA VAL A 189 16.19 -43.34 30.82
C VAL A 189 17.43 -42.55 31.23
N LEU A 190 17.25 -41.46 31.98
CA LEU A 190 18.39 -40.69 32.46
C LEU A 190 19.25 -41.52 33.42
N SER A 191 18.60 -42.22 34.36
CA SER A 191 19.34 -43.07 35.27
C SER A 191 20.06 -44.20 34.53
N ALA A 192 19.38 -44.78 33.53
CA ALA A 192 20.02 -45.77 32.68
C ALA A 192 21.16 -45.18 31.87
N ALA A 193 21.20 -43.86 31.71
CA ALA A 193 22.29 -43.18 31.04
C ALA A 193 23.32 -42.64 32.01
N GLY A 194 23.28 -43.04 33.28
CA GLY A 194 24.23 -42.60 34.28
C GLY A 194 23.90 -41.30 34.96
N PHE A 195 22.78 -40.68 34.61
CA PHE A 195 22.44 -39.36 35.15
C PHE A 195 21.97 -39.46 36.59
N VAL A 196 22.38 -38.48 37.40
CA VAL A 196 22.05 -38.41 38.82
C VAL A 196 21.47 -37.04 39.11
N PHE A 197 20.25 -37.00 39.65
CA PHE A 197 19.63 -35.75 40.01
C PHE A 197 20.33 -35.12 41.21
N THR A 198 20.41 -33.79 41.20
CA THR A 198 21.11 -33.03 42.24
C THR A 198 20.17 -32.34 43.20
N GLY A 199 19.23 -31.55 42.69
CA GLY A 199 18.33 -30.79 43.53
C GLY A 199 18.00 -29.43 42.96
N LYS A 200 18.81 -28.96 42.01
CA LYS A 200 18.55 -27.71 41.31
C LYS A 200 17.51 -27.95 40.22
N ARG A 201 17.37 -27.00 39.31
CA ARG A 201 16.32 -27.07 38.29
C ARG A 201 16.39 -28.35 37.48
N ASP A 202 17.44 -28.51 36.67
CA ASP A 202 17.74 -29.81 36.09
C ASP A 202 19.25 -30.02 35.95
N THR A 203 20.03 -29.43 36.86
CA THR A 203 21.49 -29.52 36.80
C THR A 203 21.89 -30.93 37.22
N VAL A 204 21.69 -31.88 36.31
CA VAL A 204 21.87 -33.30 36.58
C VAL A 204 23.36 -33.61 36.49
N GLN A 205 24.01 -33.69 37.64
CA GLN A 205 25.42 -34.07 37.71
C GLN A 205 25.52 -35.56 37.46
N CYS A 206 25.97 -35.93 36.26
CA CYS A 206 26.07 -37.34 35.88
C CYS A 206 27.03 -38.09 36.81
N PHE A 207 26.74 -39.37 37.01
CA PHE A 207 27.68 -40.23 37.71
C PHE A 207 28.96 -40.42 36.90
N SER A 208 28.94 -40.10 35.61
CA SER A 208 30.08 -40.31 34.72
C SER A 208 30.99 -39.09 34.80
N CYS A 209 32.07 -39.21 35.58
CA CYS A 209 33.13 -38.20 35.71
C CYS A 209 32.56 -36.79 35.81
N GLY A 210 31.56 -36.63 36.68
CA GLY A 210 30.92 -35.35 36.87
C GLY A 210 29.83 -35.06 35.86
N GLY A 211 30.23 -34.70 34.64
CA GLY A 211 29.32 -34.47 33.53
C GLY A 211 28.01 -33.79 33.89
N SER A 212 28.09 -32.60 34.48
CA SER A 212 26.93 -31.94 35.06
C SER A 212 26.05 -31.26 34.02
N LEU A 213 26.18 -31.64 32.75
CA LEU A 213 25.38 -31.02 31.70
C LEU A 213 23.91 -31.37 31.86
N GLY A 214 23.05 -30.38 31.62
CA GLY A 214 21.65 -30.68 31.42
C GLY A 214 20.72 -29.49 31.20
N ASN A 215 19.94 -29.59 30.13
CA ASN A 215 18.77 -28.75 29.88
C ASN A 215 17.88 -29.62 28.98
N TRP A 216 16.94 -30.32 29.60
CA TRP A 216 16.33 -31.49 28.97
C TRP A 216 14.93 -31.16 28.48
N GLU A 217 14.63 -31.59 27.26
CA GLU A 217 13.34 -31.37 26.63
C GLU A 217 12.81 -32.70 26.10
N GLU A 218 11.48 -32.81 26.05
CA GLU A 218 10.86 -34.04 25.55
C GLU A 218 11.21 -34.26 24.09
N GLY A 219 11.56 -35.49 23.75
CA GLY A 219 11.88 -35.87 22.39
C GLY A 219 13.36 -35.97 22.09
N ASP A 220 14.23 -35.58 23.02
CA ASP A 220 15.67 -35.66 22.80
C ASP A 220 16.24 -36.92 23.42
N ASP A 221 17.41 -37.32 22.93
CA ASP A 221 18.03 -38.56 23.35
C ASP A 221 19.14 -38.28 24.34
N PRO A 222 18.99 -38.64 25.61
CA PRO A 222 20.09 -38.44 26.57
C PRO A 222 21.37 -39.15 26.15
N TRP A 223 21.26 -40.33 25.54
CA TRP A 223 22.45 -41.02 25.05
C TRP A 223 23.16 -40.20 23.99
N LYS A 224 22.40 -39.66 23.03
CA LYS A 224 22.99 -38.85 21.97
C LYS A 224 23.64 -37.60 22.53
N GLU A 225 22.97 -36.92 23.48
CA GLU A 225 23.56 -35.72 24.07
C GLU A 225 24.84 -36.06 24.85
N HIS A 226 24.81 -37.16 25.61
CA HIS A 226 25.99 -37.55 26.39
C HIS A 226 27.17 -37.83 25.47
N ALA A 227 26.92 -38.53 24.35
CA ALA A 227 27.99 -38.76 23.39
C ALA A 227 28.46 -37.46 22.76
N LYS A 228 27.53 -36.59 22.38
CA LYS A 228 27.87 -35.38 21.63
C LYS A 228 28.70 -34.41 22.46
N TRP A 229 28.36 -34.23 23.73
CA TRP A 229 29.12 -33.30 24.55
C TRP A 229 30.25 -33.93 25.34
N PHE A 230 30.25 -35.26 25.50
CA PHE A 230 31.30 -35.94 26.25
C PHE A 230 31.77 -37.16 25.46
N PRO A 231 33.02 -37.19 25.00
CA PRO A 231 33.55 -38.42 24.41
C PRO A 231 34.33 -39.25 25.43
N LYS A 232 34.55 -38.69 26.62
CA LYS A 232 35.33 -39.33 27.67
C LYS A 232 34.46 -40.00 28.73
N CYS A 233 33.15 -40.08 28.51
CA CYS A 233 32.25 -40.65 29.51
C CYS A 233 32.49 -42.15 29.60
N GLU A 234 33.00 -42.61 30.76
CA GLU A 234 33.26 -44.03 30.95
C GLU A 234 31.97 -44.84 30.91
N PHE A 235 30.87 -44.26 31.41
CA PHE A 235 29.60 -44.98 31.40
C PHE A 235 29.14 -45.27 29.97
N LEU A 236 29.22 -44.26 29.10
CA LEU A 236 28.86 -44.48 27.70
C LEU A 236 29.87 -45.39 27.01
N GLN A 237 31.15 -45.27 27.35
CA GLN A 237 32.15 -46.16 26.77
C GLN A 237 31.85 -47.62 27.12
N SER A 238 31.36 -47.86 28.34
CA SER A 238 31.00 -49.22 28.73
C SER A 238 29.70 -49.68 28.09
N LYS A 239 28.69 -48.81 28.03
CA LYS A 239 27.38 -49.23 27.52
C LYS A 239 27.41 -49.43 26.00
N LYS A 240 28.01 -48.51 25.28
CA LYS A 240 28.12 -48.57 23.82
C LYS A 240 29.57 -48.38 23.42
N SER A 241 29.91 -48.89 22.24
CA SER A 241 31.29 -48.90 21.80
C SER A 241 31.71 -47.52 21.28
N SER A 242 33.03 -47.37 21.08
CA SER A 242 33.56 -46.14 20.50
C SER A 242 33.03 -45.91 19.09
N GLU A 243 32.62 -46.96 18.39
CA GLU A 243 31.97 -46.78 17.10
C GLU A 243 30.65 -46.02 17.26
N GLU A 244 29.85 -46.40 18.26
CA GLU A 244 28.62 -45.65 18.54
C GLU A 244 28.93 -44.24 19.02
N ILE A 245 29.99 -44.09 19.82
CA ILE A 245 30.37 -42.76 20.29
C ILE A 245 30.68 -41.84 19.11
N ALA A 246 31.48 -42.34 18.16
CA ALA A 246 31.84 -41.54 17.00
C ALA A 246 30.65 -41.33 16.06
N GLN A 247 29.74 -42.31 15.99
CA GLN A 247 28.55 -42.13 15.17
C GLN A 247 27.65 -41.04 15.75
N TYR A 248 27.52 -40.99 17.07
CA TYR A 248 26.68 -39.98 17.70
C TYR A 248 27.34 -38.61 17.74
N ILE A 249 28.68 -38.55 17.78
CA ILE A 249 29.37 -37.26 17.77
C ILE A 249 29.10 -36.50 16.48
N GLN A 250 28.69 -37.20 15.42
CA GLN A 250 28.39 -36.58 14.13
C GLN A 250 26.89 -36.34 13.94
N SER A 251 26.09 -36.50 14.99
CA SER A 251 24.64 -36.32 14.85
C SER A 251 24.30 -34.87 14.52
N TYR A 252 24.97 -33.91 15.16
CA TYR A 252 24.65 -32.51 14.95
C TYR A 252 25.93 -31.68 15.01
N GLU A 253 25.86 -30.48 14.43
CA GLU A 253 26.99 -29.55 14.39
C GLU A 253 26.86 -28.57 15.55
N GLY A 254 27.72 -28.74 16.55
CA GLY A 254 27.71 -27.89 17.72
C GLY A 254 29.09 -27.50 18.18
N PHE A 255 29.39 -27.73 19.46
CA PHE A 255 30.70 -27.43 20.02
C PHE A 255 31.65 -28.55 19.62
N VAL A 256 32.25 -28.42 18.43
CA VAL A 256 33.07 -29.50 17.86
C VAL A 256 34.45 -29.62 18.49
N HIS A 257 34.85 -28.65 19.31
CA HIS A 257 36.19 -28.70 19.92
C HIS A 257 36.15 -28.31 21.39
N VAL A 258 34.98 -28.36 22.03
CA VAL A 258 34.81 -27.88 23.39
C VAL A 258 34.41 -29.05 24.28
N THR A 259 35.18 -29.28 25.34
CA THR A 259 34.85 -30.28 26.34
C THR A 259 34.06 -29.62 27.46
N GLY A 260 33.91 -30.33 28.58
CA GLY A 260 33.22 -29.78 29.73
C GLY A 260 34.13 -28.98 30.65
N GLU A 261 35.44 -29.22 30.56
CA GLU A 261 36.39 -28.51 31.40
C GLU A 261 36.68 -27.09 30.91
N HIS A 262 36.40 -26.81 29.64
CA HIS A 262 36.57 -25.45 29.12
C HIS A 262 35.62 -24.48 29.80
N PHE A 263 34.37 -24.92 30.02
CA PHE A 263 33.36 -24.04 30.62
C PHE A 263 33.62 -23.79 32.11
N VAL A 264 34.39 -24.65 32.77
CA VAL A 264 34.60 -24.50 34.21
C VAL A 264 35.40 -23.24 34.50
N LYS A 265 36.62 -23.18 34.00
CA LYS A 265 37.50 -22.02 34.17
C LYS A 265 37.50 -21.14 32.92
N SER A 266 36.36 -21.02 32.26
CA SER A 266 36.29 -20.24 31.04
C SER A 266 36.57 -18.76 31.33
N TRP A 267 37.32 -18.13 30.43
CA TRP A 267 37.63 -16.72 30.56
C TRP A 267 36.42 -15.83 30.29
N VAL A 268 35.33 -16.41 29.80
CA VAL A 268 34.04 -15.73 29.71
C VAL A 268 33.06 -16.45 30.63
N ARG A 269 32.46 -15.71 31.55
CA ARG A 269 31.54 -16.28 32.51
C ARG A 269 30.31 -15.39 32.63
N ARG A 270 29.37 -15.83 33.47
CA ARG A 270 28.11 -15.11 33.64
C ARG A 270 28.32 -13.82 34.42
N GLU A 271 27.40 -12.88 34.22
CA GLU A 271 27.39 -11.62 34.94
C GLU A 271 26.09 -11.37 35.68
N LEU A 272 24.95 -11.67 35.08
CA LEU A 272 23.64 -11.50 35.68
C LEU A 272 22.79 -12.75 35.45
N PRO A 273 21.87 -13.05 36.37
CA PRO A 273 21.02 -14.23 36.19
C PRO A 273 20.16 -14.12 34.93
N MET A 274 19.94 -15.26 34.28
CA MET A 274 19.13 -15.32 33.07
C MET A 274 17.82 -16.09 33.26
N VAL A 275 17.37 -16.27 34.50
CA VAL A 275 16.11 -16.96 34.73
C VAL A 275 14.97 -16.20 34.05
N SER A 276 14.95 -14.88 34.22
CA SER A 276 14.09 -13.98 33.45
C SER A 276 15.03 -13.08 32.66
N ALA A 277 15.29 -13.46 31.41
CA ALA A 277 16.35 -12.82 30.64
C ALA A 277 15.92 -11.45 30.10
N TYR A 278 15.45 -10.59 30.99
CA TYR A 278 15.24 -9.18 30.68
C TYR A 278 16.15 -8.27 31.48
N CYS A 279 16.57 -8.68 32.68
CA CYS A 279 17.54 -7.95 33.48
C CYS A 279 18.95 -8.05 32.94
N ASN A 280 19.12 -8.65 31.75
CA ASN A 280 20.40 -8.64 31.05
C ASN A 280 20.26 -8.27 29.58
N ASP A 281 19.04 -8.09 29.08
CA ASP A 281 18.85 -7.67 27.69
C ASP A 281 19.44 -6.29 27.46
N SER A 282 19.44 -5.43 28.47
CA SER A 282 20.02 -4.11 28.37
C SER A 282 21.49 -4.15 28.75
N VAL A 283 22.30 -3.35 28.05
CA VAL A 283 23.73 -3.27 28.36
C VAL A 283 23.95 -2.67 29.74
N PHE A 284 23.04 -1.80 30.18
CA PHE A 284 23.14 -1.17 31.50
C PHE A 284 22.77 -2.10 32.63
N ALA A 285 22.74 -3.42 32.38
CA ALA A 285 22.33 -4.36 33.42
C ALA A 285 23.34 -4.41 34.55
N ASN A 286 24.57 -4.82 34.27
CA ASN A 286 25.60 -4.92 35.29
C ASN A 286 26.30 -3.57 35.48
N GLU A 287 27.04 -3.45 36.58
CA GLU A 287 27.82 -2.25 36.81
C GLU A 287 29.09 -2.22 35.97
N GLU A 288 29.70 -3.39 35.72
CA GLU A 288 30.93 -3.43 34.94
C GLU A 288 30.71 -2.99 33.50
N LEU A 289 29.49 -3.20 32.97
CA LEU A 289 29.16 -2.80 31.61
C LEU A 289 28.70 -1.34 31.53
N ARG A 290 28.99 -0.55 32.54
CA ARG A 290 28.60 0.86 32.59
C ARG A 290 29.74 1.72 33.11
N MET A 291 30.95 1.48 32.61
CA MET A 291 32.11 2.20 33.14
C MET A 291 32.02 3.68 32.82
N ASP A 292 31.69 4.02 31.57
CA ASP A 292 31.55 5.42 31.20
C ASP A 292 30.30 6.04 31.82
N MET A 293 29.22 5.26 31.92
CA MET A 293 27.98 5.74 32.51
C MET A 293 28.05 5.83 34.03
N PHE A 294 29.13 5.36 34.64
CA PHE A 294 29.27 5.30 36.09
C PHE A 294 30.37 6.22 36.61
N LYS A 295 31.57 6.16 36.03
CA LYS A 295 32.73 6.88 36.53
C LYS A 295 32.89 8.25 35.88
N ASP A 296 31.79 8.90 35.49
CA ASP A 296 31.87 10.25 34.95
C ASP A 296 32.51 11.21 35.94
N TRP A 297 32.29 11.01 37.23
CA TRP A 297 32.96 11.80 38.26
C TRP A 297 34.37 11.26 38.46
N PRO A 298 35.41 12.07 38.26
CA PRO A 298 36.78 11.56 38.42
C PRO A 298 37.08 11.15 39.85
N GLN A 299 37.91 10.12 40.00
CA GLN A 299 38.27 9.63 41.32
C GLN A 299 39.12 10.64 42.09
N GLU A 300 39.88 11.48 41.38
CA GLU A 300 40.72 12.47 42.02
C GLU A 300 39.92 13.56 42.71
N SER A 301 38.63 13.69 42.41
CA SER A 301 37.82 14.73 43.02
C SER A 301 37.56 14.42 44.49
N PRO A 302 37.40 15.45 45.32
CA PRO A 302 37.09 15.23 46.74
C PRO A 302 35.60 15.02 46.98
N VAL A 303 34.88 14.69 45.91
CA VAL A 303 33.43 14.59 45.96
C VAL A 303 33.06 13.11 45.99
N GLY A 304 31.77 12.82 46.14
CA GLY A 304 31.27 11.46 46.27
C GLY A 304 31.32 10.71 44.95
N VAL A 305 32.53 10.33 44.54
CA VAL A 305 32.74 9.71 43.22
C VAL A 305 31.83 8.52 43.03
N GLU A 306 31.66 7.69 44.06
CA GLU A 306 30.83 6.48 43.97
C GLU A 306 29.44 6.69 44.54
N ALA A 307 28.88 7.90 44.42
CA ALA A 307 27.55 8.15 44.95
C ALA A 307 26.47 7.48 44.14
N LEU A 308 26.56 7.58 42.81
CA LEU A 308 25.53 7.05 41.91
C LEU A 308 25.95 5.73 41.26
N VAL A 309 27.01 5.10 41.77
CA VAL A 309 27.56 3.89 41.15
C VAL A 309 27.12 2.63 41.86
N ARG A 310 27.35 2.56 43.18
CA ARG A 310 27.06 1.34 43.92
C ARG A 310 25.57 1.03 44.01
N ALA A 311 24.71 2.02 43.75
CA ALA A 311 23.27 1.79 43.77
C ALA A 311 22.79 0.95 42.58
N GLY A 312 23.63 0.76 41.57
CA GLY A 312 23.22 0.02 40.39
C GLY A 312 22.39 0.80 39.40
N PHE A 313 22.47 2.14 39.44
CA PHE A 313 21.68 3.00 38.57
C PHE A 313 22.55 3.50 37.44
N PHE A 314 22.13 3.26 36.19
CA PHE A 314 22.88 3.72 35.04
C PHE A 314 22.57 5.18 34.77
N TYR A 315 23.62 5.98 34.58
CA TYR A 315 23.53 7.42 34.46
C TYR A 315 23.96 7.83 33.05
N THR A 316 23.08 8.56 32.35
CA THR A 316 23.25 8.84 30.92
C THR A 316 23.69 10.26 30.65
N GLY A 317 24.50 10.85 31.55
CA GLY A 317 25.00 12.18 31.33
C GLY A 317 24.07 13.30 31.74
N LYS A 318 22.90 12.99 32.30
CA LYS A 318 21.95 14.00 32.74
C LYS A 318 22.09 14.21 34.25
N LYS A 319 22.00 15.48 34.67
CA LYS A 319 22.44 15.89 36.01
C LYS A 319 21.81 15.04 37.11
N ASP A 320 20.48 15.09 37.22
CA ASP A 320 19.76 14.34 38.23
C ASP A 320 18.92 13.20 37.66
N ILE A 321 18.82 13.09 36.35
CA ILE A 321 18.01 12.05 35.72
C ILE A 321 18.80 10.75 35.72
N VAL A 322 18.63 9.94 36.76
CA VAL A 322 19.32 8.67 36.91
C VAL A 322 18.28 7.56 36.96
N ARG A 323 18.61 6.43 36.33
CA ARG A 323 17.70 5.29 36.26
C ARG A 323 18.45 4.01 36.58
N CYS A 324 17.71 3.03 37.08
CA CYS A 324 18.28 1.81 37.67
C CYS A 324 18.29 0.67 36.68
N PHE A 325 18.66 -0.52 37.17
CA PHE A 325 18.59 -1.75 36.40
C PHE A 325 17.63 -2.78 36.98
N SER A 326 17.09 -2.54 38.17
CA SER A 326 16.09 -3.45 38.73
C SER A 326 14.87 -3.52 37.83
N CYS A 327 14.30 -2.37 37.49
CA CYS A 327 13.30 -2.29 36.42
C CYS A 327 13.46 -1.04 35.59
N GLY A 328 14.65 -0.43 35.57
CA GLY A 328 14.84 0.84 34.90
C GLY A 328 14.02 1.94 35.51
N GLY A 329 14.03 2.01 36.84
CA GLY A 329 13.13 2.90 37.55
C GLY A 329 13.48 4.37 37.36
N CYS A 330 12.51 5.22 37.68
CA CYS A 330 12.64 6.66 37.55
C CYS A 330 13.04 7.33 38.86
N LEU A 331 13.72 6.59 39.75
CA LEU A 331 14.19 7.16 41.00
C LEU A 331 15.13 8.32 40.69
N GLU A 332 14.71 9.54 41.02
CA GLU A 332 15.32 10.75 40.50
C GLU A 332 15.54 11.75 41.64
N LYS A 333 16.11 12.90 41.27
CA LYS A 333 16.27 14.06 42.16
C LYS A 333 17.11 13.72 43.39
N TRP A 334 18.36 13.35 43.14
CA TRP A 334 19.35 13.20 44.20
C TRP A 334 20.45 14.25 44.10
N ALA A 335 21.15 14.28 42.96
CA ALA A 335 22.18 15.27 42.63
C ALA A 335 23.40 15.17 43.53
N GLU A 336 23.32 14.31 44.57
CA GLU A 336 24.45 14.05 45.44
C GLU A 336 24.64 12.58 45.78
N GLY A 337 23.61 11.74 45.66
CA GLY A 337 23.67 10.37 46.08
C GLY A 337 22.81 10.01 47.29
N ASP A 338 21.77 10.79 47.58
CA ASP A 338 20.94 10.56 48.75
C ASP A 338 19.74 9.69 48.39
N ASP A 339 18.85 9.52 49.37
CA ASP A 339 17.67 8.69 49.17
C ASP A 339 16.68 9.38 48.24
N PRO A 340 15.85 8.61 47.52
CA PRO A 340 14.85 9.22 46.63
C PRO A 340 13.61 9.67 47.37
N MET A 341 13.69 9.77 48.69
CA MET A 341 12.52 10.05 49.51
C MET A 341 12.22 11.55 49.55
N GLU A 342 12.13 12.18 48.38
CA GLU A 342 11.85 13.61 48.34
C GLU A 342 10.67 13.98 47.45
N ASP A 343 10.58 13.40 46.25
CA ASP A 343 9.53 13.80 45.30
C ASP A 343 8.82 12.58 44.73
N HIS A 344 9.51 11.44 44.71
CA HIS A 344 8.98 10.20 44.15
C HIS A 344 8.55 9.23 45.25
N ILE A 345 7.92 9.75 46.30
CA ILE A 345 7.52 8.94 47.43
C ILE A 345 6.64 7.78 46.99
N LYS A 346 5.65 8.05 46.14
CA LYS A 346 4.73 7.02 45.68
C LYS A 346 3.90 7.59 44.53
N PHE A 347 3.07 6.72 43.96
CA PHE A 347 2.12 7.03 42.88
C PHE A 347 2.72 7.98 41.85
N PHE A 348 3.93 7.65 41.38
CA PHE A 348 4.41 8.51 40.30
C PHE A 348 4.06 7.89 38.95
N PRO A 349 3.88 8.72 37.92
CA PRO A 349 3.36 8.20 36.64
C PRO A 349 4.29 7.18 36.01
N GLU A 350 3.68 6.28 35.24
CA GLU A 350 4.34 5.14 34.58
C GLU A 350 5.42 4.52 35.47
N CYS A 351 4.97 4.06 36.63
CA CYS A 351 5.87 3.46 37.60
C CYS A 351 6.39 2.12 37.11
N VAL A 352 7.71 1.96 37.10
CA VAL A 352 8.36 0.73 36.69
C VAL A 352 9.16 0.10 37.81
N PHE A 353 9.84 0.93 38.63
CA PHE A 353 10.77 0.42 39.63
C PHE A 353 10.06 -0.49 40.64
N LEU A 354 8.87 -0.08 41.09
CA LEU A 354 8.16 -0.83 42.13
C LEU A 354 7.67 -2.19 41.65
N GLN A 355 7.72 -2.46 40.35
CA GLN A 355 7.25 -3.73 39.82
C GLN A 355 8.20 -4.89 40.13
N THR A 356 9.40 -4.62 40.64
CA THR A 356 10.40 -5.66 40.88
C THR A 356 10.71 -5.82 42.36
N LEU A 357 11.11 -4.75 43.05
CA LEU A 357 11.55 -4.87 44.44
C LEU A 357 10.38 -5.12 45.38
N LYS A 358 9.21 -4.54 45.10
CA LYS A 358 8.06 -4.72 45.97
C LYS A 358 7.62 -6.18 46.01
N SER A 359 7.62 -6.85 44.87
CA SER A 359 7.22 -8.25 44.80
C SER A 359 8.28 -9.16 45.42
N GLN A 404 54.52 -20.44 28.93
CA GLN A 404 53.64 -19.30 29.14
C GLN A 404 52.93 -18.90 27.85
N TRP A 405 52.77 -19.86 26.94
CA TRP A 405 52.09 -19.61 25.68
C TRP A 405 50.59 -19.50 25.82
N PHE A 406 50.03 -19.82 27.00
CA PHE A 406 48.59 -19.69 27.23
C PHE A 406 48.22 -18.46 28.05
N GLN A 407 49.07 -18.06 28.99
CA GLN A 407 48.80 -16.85 29.76
C GLN A 407 48.78 -15.62 28.88
N GLU A 408 49.59 -15.62 27.80
CA GLU A 408 49.50 -14.53 26.83
C GLU A 408 48.12 -14.48 26.20
N ALA A 409 47.57 -15.64 25.85
CA ALA A 409 46.22 -15.69 25.29
C ALA A 409 45.18 -15.23 26.33
N ARG A 410 45.38 -15.59 27.59
CA ARG A 410 44.45 -15.16 28.63
C ARG A 410 44.47 -13.64 28.78
N SER A 411 45.66 -13.04 28.81
CA SER A 411 45.74 -11.58 28.91
C SER A 411 45.16 -10.91 27.67
N LEU A 412 45.40 -11.49 26.50
CA LEU A 412 44.84 -10.95 25.28
C LEU A 412 43.32 -11.00 25.30
N SER A 413 42.74 -12.09 25.81
CA SER A 413 41.29 -12.18 25.93
C SER A 413 40.76 -11.16 26.92
N GLU A 414 41.46 -10.97 28.04
CA GLU A 414 41.03 -9.97 29.01
C GLU A 414 41.01 -8.57 28.40
N GLN A 415 42.06 -8.23 27.66
CA GLN A 415 42.12 -6.90 27.05
C GLN A 415 41.13 -6.77 25.90
N LEU A 416 40.87 -7.85 25.16
CA LEU A 416 39.83 -7.83 24.15
C LEU A 416 38.47 -7.55 24.77
N ARG A 417 38.18 -8.23 25.89
CA ARG A 417 36.90 -8.03 26.57
C ARG A 417 36.77 -6.60 27.10
N ASP A 418 37.86 -6.08 27.70
CA ASP A 418 37.81 -4.72 28.22
C ASP A 418 37.61 -3.70 27.10
N ASN A 419 38.31 -3.87 25.98
CA ASN A 419 38.16 -2.93 24.87
C ASN A 419 36.79 -3.06 24.22
N TYR A 420 36.22 -4.26 24.18
CA TYR A 420 34.90 -4.43 23.59
C TYR A 420 33.79 -3.93 24.49
N THR A 421 34.01 -3.91 25.80
CA THR A 421 33.04 -3.30 26.70
C THR A 421 33.07 -1.78 26.63
N LYS A 422 34.06 -1.19 25.97
CA LYS A 422 34.19 0.26 25.93
C LYS A 422 33.08 0.88 25.09
N ALA A 423 32.73 2.13 25.45
CA ALA A 423 31.59 2.79 24.83
C ALA A 423 31.81 3.02 23.34
N THR A 424 33.02 3.44 22.96
CA THR A 424 33.27 3.82 21.56
C THR A 424 33.04 2.64 20.62
N PHE A 425 33.56 1.46 20.98
CA PHE A 425 33.33 0.27 20.17
C PHE A 425 31.90 -0.23 20.30
N ARG A 426 31.39 -0.29 21.54
CA ARG A 426 30.12 -0.95 21.81
C ARG A 426 28.96 -0.22 21.16
N HIS A 427 28.96 1.11 21.22
CA HIS A 427 27.85 1.88 20.68
C HIS A 427 27.76 1.72 19.17
N MET A 428 26.52 1.70 18.68
CA MET A 428 26.29 1.58 17.24
C MET A 428 26.88 2.77 16.51
N ASN A 429 27.24 2.55 15.25
CA ASN A 429 27.86 3.60 14.46
C ASN A 429 26.82 4.60 13.99
N LEU A 430 26.08 5.15 14.95
CA LEU A 430 25.09 6.18 14.70
C LEU A 430 25.77 7.53 14.58
N PRO A 431 25.15 8.48 13.87
CA PRO A 431 25.71 9.83 13.82
C PRO A 431 25.71 10.48 15.20
N GLU A 432 26.62 11.43 15.38
CA GLU A 432 26.79 12.06 16.69
C GLU A 432 25.50 12.69 17.18
N VAL A 433 24.64 13.16 16.27
CA VAL A 433 23.32 13.61 16.65
C VAL A 433 22.49 12.46 17.19
N CYS A 434 22.50 11.32 16.48
CA CYS A 434 21.79 10.14 16.94
C CYS A 434 22.49 9.53 18.16
N SER A 435 23.81 9.38 18.10
CA SER A 435 24.57 8.72 19.15
C SER A 435 25.06 9.68 20.22
N SER A 436 24.40 10.83 20.39
CA SER A 436 24.77 11.73 21.46
C SER A 436 24.56 11.08 22.82
N LEU A 437 23.37 10.54 23.05
CA LEU A 437 23.11 9.75 24.25
C LEU A 437 23.63 8.33 24.06
N GLY A 438 23.72 7.60 25.16
CA GLY A 438 24.15 6.21 25.09
C GLY A 438 23.18 5.37 24.28
N THR A 439 23.59 4.98 23.09
CA THR A 439 22.75 4.17 22.20
C THR A 439 22.94 2.67 22.45
N ASP A 440 22.82 2.27 23.70
CA ASP A 440 22.93 0.87 24.10
C ASP A 440 21.58 0.22 24.35
N HIS A 441 20.49 0.95 24.12
CA HIS A 441 19.17 0.34 24.15
C HIS A 441 18.82 -0.34 22.83
N LEU A 442 19.65 -0.17 21.80
CA LEU A 442 19.45 -0.81 20.51
C LEU A 442 20.28 -2.07 20.34
N LEU A 443 21.05 -2.48 21.35
CA LEU A 443 21.84 -3.70 21.24
C LEU A 443 20.97 -4.95 21.21
N SER A 444 19.72 -4.86 21.64
CA SER A 444 18.79 -5.97 21.56
C SER A 444 18.26 -6.17 20.14
N CYS A 445 18.85 -5.50 19.16
CA CYS A 445 18.44 -5.61 17.78
C CYS A 445 19.47 -6.44 17.01
N ASP A 446 19.03 -7.55 16.43
CA ASP A 446 19.87 -8.42 15.63
C ASP A 446 19.42 -8.38 14.17
N VAL A 447 20.23 -8.98 13.30
CA VAL A 447 19.93 -9.04 11.88
C VAL A 447 19.75 -10.49 11.47
N SER A 448 19.10 -10.68 10.32
CA SER A 448 18.81 -12.01 9.81
C SER A 448 20.06 -12.67 9.24
N ILE A 449 20.08 -14.01 9.30
CA ILE A 449 21.22 -14.79 8.86
C ILE A 449 20.70 -15.95 8.00
N ILE A 450 21.38 -16.21 6.88
CA ILE A 450 21.04 -17.31 6.00
C ILE A 450 22.32 -18.02 5.57
N SER A 451 22.34 -19.35 5.68
CA SER A 451 23.50 -20.16 5.31
C SER A 451 23.27 -20.78 3.94
N LYS A 452 24.26 -20.68 3.07
CA LYS A 452 24.23 -21.29 1.75
C LYS A 452 24.97 -22.62 1.78
N HIS A 453 24.45 -23.59 1.03
CA HIS A 453 25.05 -24.91 1.00
C HIS A 453 26.40 -24.87 0.29
N ILE A 454 27.09 -26.03 0.27
CA ILE A 454 28.40 -26.10 -0.35
C ILE A 454 28.30 -25.83 -1.85
N SER A 455 27.41 -26.54 -2.53
CA SER A 455 27.18 -26.33 -3.96
C SER A 455 25.69 -26.25 -4.26
N GLN A 456 24.88 -26.90 -3.42
CA GLN A 456 23.45 -26.96 -3.68
C GLN A 456 22.79 -25.61 -3.43
N PRO A 457 21.73 -25.28 -4.18
CA PRO A 457 20.98 -24.04 -3.96
C PRO A 457 19.95 -24.15 -2.84
N VAL A 458 20.38 -24.70 -1.69
CA VAL A 458 19.52 -24.88 -0.53
C VAL A 458 20.05 -23.98 0.58
N GLN A 459 19.18 -23.14 1.13
CA GLN A 459 19.55 -22.16 2.14
C GLN A 459 18.65 -22.29 3.35
N GLU A 460 19.22 -22.03 4.52
CA GLU A 460 18.53 -22.15 5.79
C GLU A 460 18.60 -20.83 6.55
N ALA A 461 17.50 -20.49 7.24
CA ALA A 461 17.43 -19.28 8.05
C ALA A 461 17.74 -19.65 9.49
N LEU A 462 18.87 -19.18 10.00
CA LEU A 462 19.36 -19.52 11.32
C LEU A 462 19.30 -18.30 12.23
N THR A 463 18.79 -18.50 13.44
CA THR A 463 18.74 -17.44 14.42
C THR A 463 20.12 -17.24 15.05
N ILE A 464 20.22 -16.23 15.91
CA ILE A 464 21.51 -15.92 16.54
C ILE A 464 22.03 -17.07 17.39
N PRO A 465 21.23 -17.72 18.24
CA PRO A 465 21.77 -18.89 18.96
C PRO A 465 22.24 -20.01 18.03
N GLU A 466 21.51 -20.25 16.94
CA GLU A 466 21.93 -21.28 15.99
C GLU A 466 23.28 -20.93 15.38
N VAL A 467 23.44 -19.68 14.92
CA VAL A 467 24.69 -19.29 14.27
C VAL A 467 25.83 -19.30 15.27
N PHE A 468 25.56 -18.86 16.51
CA PHE A 468 26.60 -18.85 17.54
C PHE A 468 27.05 -20.26 17.87
N SER A 469 26.12 -21.21 17.89
CA SER A 469 26.49 -22.60 18.12
C SER A 469 27.29 -23.16 16.94
N ASN A 470 26.81 -22.96 15.72
CA ASN A 470 27.44 -23.51 14.52
C ASN A 470 28.52 -22.55 14.04
N LEU A 471 29.71 -22.69 14.62
CA LEU A 471 30.90 -21.93 14.19
C LEU A 471 32.08 -22.89 14.21
N ASN A 472 32.29 -23.60 13.10
CA ASN A 472 33.37 -24.58 13.04
C ASN A 472 34.16 -24.55 11.73
N SER A 473 33.78 -23.71 10.77
CA SER A 473 34.50 -23.66 9.50
C SER A 473 34.32 -22.26 8.90
N VAL A 474 34.65 -22.13 7.62
CA VAL A 474 34.57 -20.84 6.95
C VAL A 474 33.12 -20.56 6.59
N MET A 475 32.59 -19.43 7.07
CA MET A 475 31.27 -18.92 6.70
C MET A 475 31.38 -17.41 6.61
N CYS A 476 31.68 -16.90 5.42
CA CYS A 476 31.76 -15.47 5.23
C CYS A 476 30.38 -14.83 5.34
N VAL A 477 30.33 -13.62 5.87
CA VAL A 477 29.10 -12.85 5.97
C VAL A 477 29.03 -11.90 4.79
N GLU A 478 27.86 -11.79 4.19
CA GLU A 478 27.69 -11.07 2.95
C GLU A 478 26.46 -10.17 3.04
N GLY A 479 26.48 -9.11 2.24
CA GLY A 479 25.40 -8.16 2.23
C GLY A 479 25.75 -6.93 1.41
N GLU A 480 25.18 -5.80 1.80
CA GLU A 480 25.40 -4.54 1.12
C GLU A 480 26.39 -3.68 1.90
N THR A 481 26.64 -2.47 1.39
CA THR A 481 27.66 -1.60 1.97
C THR A 481 27.20 -1.11 3.34
N GLY A 482 27.95 -1.47 4.38
CA GLY A 482 27.54 -1.15 5.73
C GLY A 482 26.21 -1.73 6.11
N SER A 483 25.78 -2.81 5.46
CA SER A 483 24.45 -3.38 5.67
C SER A 483 24.32 -4.10 7.01
N GLY A 484 25.37 -4.15 7.81
CA GLY A 484 25.28 -4.76 9.12
C GLY A 484 26.36 -5.77 9.38
N LYS A 485 27.38 -5.86 8.52
CA LYS A 485 28.51 -6.74 8.79
C LYS A 485 29.31 -6.22 9.99
N THR A 486 29.65 -4.93 9.96
CA THR A 486 30.37 -4.33 11.09
C THR A 486 29.55 -4.38 12.37
N THR A 487 28.26 -4.05 12.28
CA THR A 487 27.39 -4.07 13.46
C THR A 487 27.27 -5.49 14.02
N PHE A 488 27.04 -6.46 13.14
CA PHE A 488 26.90 -7.85 13.57
C PHE A 488 28.19 -8.36 14.20
N LEU A 489 29.33 -8.04 13.60
CA LEU A 489 30.60 -8.56 14.11
C LEU A 489 30.99 -7.88 15.41
N LYS A 490 30.69 -6.58 15.55
CA LYS A 490 30.88 -5.91 16.83
C LYS A 490 29.95 -6.49 17.89
N ARG A 491 28.73 -6.86 17.50
CA ARG A 491 27.80 -7.48 18.44
C ARG A 491 28.33 -8.82 18.91
N ILE A 492 28.91 -9.61 18.01
CA ILE A 492 29.53 -10.86 18.43
C ILE A 492 30.71 -10.60 19.37
N ALA A 493 31.56 -9.63 19.01
CA ALA A 493 32.72 -9.32 19.85
C ALA A 493 32.31 -8.83 21.22
N PHE A 494 31.16 -8.18 21.33
CA PHE A 494 30.71 -7.66 22.62
C PHE A 494 29.93 -8.67 23.42
N LEU A 495 29.14 -9.54 22.77
CA LEU A 495 28.43 -10.59 23.48
C LEU A 495 29.33 -11.76 23.83
N TRP A 496 30.53 -11.83 23.25
CA TRP A 496 31.54 -12.77 23.72
C TRP A 496 32.21 -12.28 25.00
N ALA A 497 32.03 -11.01 25.36
CA ALA A 497 32.64 -10.45 26.55
C ALA A 497 31.64 -10.06 27.64
N SER A 498 30.39 -9.81 27.27
CA SER A 498 29.39 -9.33 28.22
C SER A 498 28.79 -10.45 29.07
N GLY A 499 29.13 -11.70 28.80
CA GLY A 499 28.62 -12.81 29.57
C GLY A 499 27.17 -13.16 29.33
N CYS A 500 26.42 -12.31 28.64
CA CYS A 500 25.00 -12.57 28.35
C CYS A 500 24.82 -13.60 27.24
N CYS A 501 25.89 -14.22 26.77
CA CYS A 501 25.82 -15.27 25.76
C CYS A 501 26.69 -16.44 26.20
N PRO A 502 26.12 -17.38 26.95
CA PRO A 502 26.91 -18.55 27.37
C PRO A 502 27.41 -19.42 26.22
N LEU A 503 26.83 -19.29 25.02
CA LEU A 503 27.30 -20.06 23.88
C LEU A 503 28.74 -19.74 23.51
N LEU A 504 29.26 -18.60 23.95
CA LEU A 504 30.62 -18.19 23.64
C LEU A 504 31.53 -18.27 24.86
N TYR A 505 31.26 -19.22 25.76
CA TYR A 505 32.17 -19.51 26.85
C TYR A 505 33.31 -20.42 26.41
N ARG A 506 33.28 -20.89 25.16
CA ARG A 506 34.35 -21.65 24.54
C ARG A 506 35.41 -20.75 23.94
N PHE A 507 34.98 -19.75 23.18
CA PHE A 507 35.90 -18.86 22.47
C PHE A 507 36.73 -18.05 23.46
N GLN A 508 38.04 -18.00 23.21
CA GLN A 508 38.93 -17.18 24.01
C GLN A 508 39.67 -16.13 23.20
N LEU A 509 39.77 -16.28 21.88
CA LEU A 509 40.51 -15.35 21.04
C LEU A 509 39.66 -14.94 19.84
N VAL A 510 38.42 -14.55 20.11
CA VAL A 510 37.60 -13.94 19.07
C VAL A 510 38.28 -12.68 18.57
N PHE A 511 38.49 -12.61 17.25
CA PHE A 511 39.24 -11.53 16.64
C PHE A 511 38.34 -10.76 15.67
N TYR A 512 38.27 -9.44 15.86
CA TYR A 512 37.58 -8.56 14.92
C TYR A 512 38.61 -7.62 14.30
N LEU A 513 38.67 -7.61 12.97
CA LEU A 513 39.63 -6.78 12.26
C LEU A 513 39.00 -6.26 10.98
N SER A 514 39.46 -5.10 10.53
CA SER A 514 39.09 -4.55 9.24
C SER A 514 40.26 -4.75 8.28
N LEU A 515 40.00 -5.44 7.17
CA LEU A 515 41.06 -5.86 6.27
C LEU A 515 41.39 -4.84 5.20
N SER A 516 40.63 -3.74 5.09
CA SER A 516 40.96 -2.70 4.13
C SER A 516 42.03 -1.74 4.63
N SER A 517 42.41 -1.84 5.90
CA SER A 517 43.45 -1.00 6.47
C SER A 517 44.78 -1.74 6.60
N ILE A 518 44.94 -2.87 5.91
CA ILE A 518 46.09 -3.74 6.06
C ILE A 518 46.81 -3.85 4.73
N THR A 519 48.13 -3.63 4.75
CA THR A 519 48.94 -3.82 3.56
C THR A 519 49.13 -5.30 3.28
N PRO A 520 49.44 -5.67 2.02
CA PRO A 520 49.54 -7.10 1.69
C PRO A 520 50.75 -7.80 2.29
N ASP A 521 51.50 -7.12 3.16
CA ASP A 521 52.68 -7.74 3.78
C ASP A 521 52.79 -7.40 5.26
N GLN A 522 51.67 -7.20 5.94
CA GLN A 522 51.70 -6.89 7.36
C GLN A 522 51.81 -8.19 8.17
N GLY A 523 51.92 -8.04 9.49
CA GLY A 523 52.04 -9.17 10.41
C GLY A 523 50.72 -9.54 11.03
N LEU A 524 50.78 -10.05 12.26
CA LEU A 524 49.57 -10.39 13.02
C LEU A 524 49.44 -9.54 14.27
N ALA A 525 50.42 -9.57 15.17
CA ALA A 525 50.33 -8.76 16.38
C ALA A 525 50.43 -7.28 16.07
N ASN A 526 51.10 -6.91 14.98
CA ASN A 526 51.14 -5.52 14.57
C ASN A 526 49.73 -4.99 14.30
N ILE A 527 48.98 -5.70 13.46
CA ILE A 527 47.60 -5.30 13.18
C ILE A 527 46.76 -5.38 14.45
N ILE A 528 46.97 -6.42 15.26
CA ILE A 528 46.18 -6.58 16.47
C ILE A 528 46.36 -5.38 17.39
N CYS A 529 47.60 -4.95 17.59
CA CYS A 529 47.88 -3.82 18.47
C CYS A 529 47.45 -2.50 17.84
N ALA A 530 47.53 -2.38 16.52
CA ALA A 530 47.18 -1.13 15.86
C ALA A 530 45.69 -0.96 15.63
N GLN A 531 44.88 -2.02 15.79
CA GLN A 531 43.46 -1.92 15.51
C GLN A 531 42.55 -2.33 16.66
N LEU A 532 43.02 -3.14 17.61
CA LEU A 532 42.17 -3.62 18.70
C LEU A 532 42.67 -3.27 20.09
N LEU A 533 43.97 -3.06 20.26
CA LEU A 533 44.53 -2.83 21.59
C LEU A 533 45.06 -1.41 21.80
N GLY A 534 45.36 -0.69 20.72
CA GLY A 534 45.93 0.64 20.88
C GLY A 534 47.33 0.55 21.48
N ALA A 535 47.53 1.28 22.58
CA ALA A 535 48.80 1.27 23.30
C ALA A 535 48.88 0.17 24.35
N GLY A 536 47.81 -0.59 24.55
CA GLY A 536 47.81 -1.63 25.56
C GLY A 536 48.57 -2.90 25.19
N GLY A 537 49.04 -3.00 23.95
CA GLY A 537 49.77 -4.17 23.51
C GLY A 537 51.26 -4.04 23.66
N CYS A 538 51.86 -4.85 24.52
CA CYS A 538 53.30 -4.83 24.72
C CYS A 538 53.90 -6.23 24.85
N ILE A 539 53.10 -7.28 24.68
CA ILE A 539 53.61 -8.64 24.82
C ILE A 539 54.27 -9.09 23.52
N SER A 540 55.10 -10.12 23.63
CA SER A 540 55.81 -10.64 22.48
C SER A 540 54.89 -11.46 21.59
N GLU A 541 55.21 -11.50 20.29
CA GLU A 541 54.49 -12.31 19.32
C GLU A 541 55.11 -13.70 19.16
N VAL A 542 56.15 -14.02 19.93
CA VAL A 542 56.78 -15.33 19.81
C VAL A 542 55.78 -16.43 20.15
N CYS A 543 54.99 -16.24 21.21
CA CYS A 543 53.97 -17.19 21.60
C CYS A 543 52.56 -16.75 21.21
N LEU A 544 52.40 -15.55 20.65
CA LEU A 544 51.09 -15.12 20.18
C LEU A 544 50.62 -15.95 19.00
N SER A 545 51.53 -16.33 18.11
CA SER A 545 51.22 -17.23 17.02
C SER A 545 51.34 -18.69 17.40
N SER A 546 51.71 -18.98 18.65
CA SER A 546 51.64 -20.33 19.19
C SER A 546 50.39 -20.57 20.02
N SER A 547 49.77 -19.51 20.54
CA SER A 547 48.49 -19.65 21.22
C SER A 547 47.39 -20.06 20.27
N ILE A 548 47.53 -19.78 18.97
CA ILE A 548 46.56 -20.27 18.00
C ILE A 548 46.63 -21.78 17.86
N GLN A 549 47.79 -22.38 18.14
CA GLN A 549 47.93 -23.84 18.08
C GLN A 549 47.75 -24.51 19.44
N GLN A 550 47.94 -23.78 20.54
CA GLN A 550 47.59 -24.30 21.85
C GLN A 550 46.11 -24.10 22.18
N LEU A 551 45.41 -23.27 21.41
CA LEU A 551 43.96 -23.12 21.45
C LEU A 551 43.53 -23.20 19.99
N GLN A 552 43.30 -24.43 19.51
CA GLN A 552 43.29 -24.67 18.07
C GLN A 552 42.09 -24.06 17.39
N HIS A 553 40.88 -24.53 17.73
CA HIS A 553 39.69 -24.11 16.99
C HIS A 553 38.89 -23.03 17.70
N GLN A 554 39.03 -22.89 19.02
CA GLN A 554 38.18 -21.96 19.75
C GLN A 554 38.66 -20.53 19.51
N VAL A 555 38.75 -20.13 18.24
CA VAL A 555 39.25 -18.82 17.84
C VAL A 555 38.42 -18.37 16.66
N LEU A 556 37.57 -17.38 16.87
CA LEU A 556 36.72 -16.82 15.83
C LEU A 556 37.39 -15.60 15.22
N PHE A 557 37.23 -15.43 13.91
CA PHE A 557 37.74 -14.26 13.21
C PHE A 557 36.56 -13.45 12.66
N LEU A 558 36.36 -12.27 13.23
CA LEU A 558 35.36 -11.33 12.74
C LEU A 558 36.04 -10.38 11.75
N LEU A 559 36.28 -10.90 10.55
CA LEU A 559 37.03 -10.17 9.54
C LEU A 559 36.11 -9.20 8.81
N ASP A 560 36.44 -7.92 8.89
CA ASP A 560 35.71 -6.86 8.21
C ASP A 560 36.54 -6.31 7.07
N ASP A 561 35.85 -5.77 6.06
CA ASP A 561 36.49 -5.07 4.94
C ASP A 561 37.51 -5.94 4.22
N TYR A 562 37.24 -7.25 4.13
CA TYR A 562 38.07 -8.14 3.33
C TYR A 562 37.88 -7.91 1.83
N SER A 563 36.84 -7.16 1.45
CA SER A 563 36.48 -7.00 0.05
C SER A 563 37.66 -6.61 -0.82
N GLY A 564 38.30 -5.49 -0.52
CA GLY A 564 39.36 -4.98 -1.35
C GLY A 564 40.71 -5.63 -1.14
N LEU A 565 40.72 -6.94 -0.84
CA LEU A 565 41.95 -7.67 -0.61
C LEU A 565 42.06 -8.85 -1.56
N ALA A 566 43.27 -9.07 -2.08
CA ALA A 566 43.55 -10.23 -2.92
C ALA A 566 44.76 -10.98 -2.37
N SER A 567 45.73 -10.24 -1.82
CA SER A 567 46.93 -10.82 -1.23
C SER A 567 46.95 -10.43 0.25
N LEU A 568 46.41 -11.32 1.09
CA LEU A 568 46.30 -11.06 2.52
C LEU A 568 47.66 -11.19 3.21
N PRO A 569 47.82 -10.61 4.39
CA PRO A 569 49.10 -10.72 5.10
C PRO A 569 49.45 -12.18 5.40
N GLN A 570 50.74 -12.48 5.35
CA GLN A 570 51.20 -13.85 5.51
C GLN A 570 50.95 -14.39 6.91
N ALA A 571 51.05 -13.52 7.93
CA ALA A 571 50.79 -13.97 9.29
C ALA A 571 49.35 -14.43 9.45
N LEU A 572 48.41 -13.71 8.83
CA LEU A 572 47.02 -14.11 8.80
C LEU A 572 46.67 -14.93 7.55
N HIS A 573 47.68 -15.55 6.93
CA HIS A 573 47.44 -16.35 5.73
C HIS A 573 47.40 -17.85 6.03
N THR A 574 47.95 -18.28 7.15
CA THR A 574 47.92 -19.69 7.54
C THR A 574 46.66 -20.06 8.30
N LEU A 575 45.75 -19.11 8.53
CA LEU A 575 44.55 -19.34 9.30
C LEU A 575 43.27 -19.17 8.51
N ILE A 576 43.34 -18.70 7.25
CA ILE A 576 42.16 -18.49 6.43
C ILE A 576 42.24 -19.24 5.11
N THR A 577 43.41 -19.73 4.71
CA THR A 577 43.60 -20.34 3.40
C THR A 577 43.46 -21.86 3.42
N LYS A 578 43.97 -22.52 4.46
CA LYS A 578 43.89 -23.97 4.59
C LYS A 578 43.21 -24.32 5.90
N ASN A 579 42.17 -25.15 5.81
CA ASN A 579 41.39 -25.57 6.97
C ASN A 579 41.70 -27.01 7.37
N TYR A 580 42.95 -27.42 7.22
CA TYR A 580 43.35 -28.78 7.57
C TYR A 580 43.95 -28.87 8.97
N LEU A 581 44.57 -27.79 9.45
CA LEU A 581 45.21 -27.79 10.77
C LEU A 581 44.54 -26.84 11.74
N SER A 582 44.36 -25.57 11.36
CA SER A 582 43.74 -24.60 12.26
C SER A 582 42.27 -24.93 12.48
N ARG A 583 41.51 -25.14 11.41
CA ARG A 583 40.07 -25.34 11.46
C ARG A 583 39.37 -24.22 12.23
N THR A 584 39.98 -23.04 12.28
CA THR A 584 39.40 -21.92 13.00
C THR A 584 38.14 -21.43 12.29
N CYS A 585 37.16 -20.99 13.08
CA CYS A 585 35.97 -20.40 12.50
C CYS A 585 36.30 -19.07 11.84
N LEU A 586 35.69 -18.83 10.69
CA LEU A 586 35.89 -17.60 9.93
C LEU A 586 34.55 -16.90 9.75
N LEU A 587 34.54 -15.60 10.04
CA LEU A 587 33.35 -14.76 9.87
C LEU A 587 33.84 -13.53 9.11
N ILE A 588 33.83 -13.62 7.79
CA ILE A 588 34.49 -12.65 6.92
C ILE A 588 33.43 -11.73 6.32
N ALA A 589 33.64 -10.43 6.45
CA ALA A 589 32.69 -9.45 5.92
C ALA A 589 33.04 -9.17 4.45
N VAL A 590 32.17 -9.60 3.55
CA VAL A 590 32.37 -9.43 2.12
C VAL A 590 31.12 -8.76 1.54
N HIS A 591 31.32 -7.75 0.72
CA HIS A 591 30.21 -7.17 -0.01
C HIS A 591 29.67 -8.19 -1.01
N THR A 592 28.42 -7.97 -1.44
CA THR A 592 27.82 -8.87 -2.42
C THR A 592 28.56 -8.84 -3.75
N ASN A 593 29.39 -7.83 -4.00
CA ASN A 593 30.10 -7.67 -5.26
C ASN A 593 31.44 -8.39 -5.29
N ARG A 594 31.85 -9.05 -4.20
CA ARG A 594 33.16 -9.71 -4.18
C ARG A 594 33.09 -11.09 -3.53
N VAL A 595 31.97 -11.79 -3.69
CA VAL A 595 31.82 -13.11 -3.06
C VAL A 595 32.58 -14.20 -3.80
N ARG A 596 32.83 -14.01 -5.11
CA ARG A 596 33.44 -15.06 -5.92
C ARG A 596 34.86 -15.41 -5.48
N ASP A 597 35.53 -14.51 -4.75
CA ASP A 597 36.88 -14.79 -4.27
C ASP A 597 36.88 -15.94 -3.26
N ILE A 598 35.88 -15.99 -2.40
CA ILE A 598 35.85 -16.94 -1.28
C ILE A 598 34.92 -18.09 -1.61
N ARG A 599 33.95 -17.86 -2.49
CA ARG A 599 32.90 -18.85 -2.73
C ARG A 599 33.47 -20.20 -3.18
N LEU A 600 34.65 -20.20 -3.80
CA LEU A 600 35.31 -21.46 -4.12
C LEU A 600 35.83 -22.18 -2.88
N TYR A 601 35.82 -21.52 -1.73
CA TYR A 601 36.42 -22.05 -0.50
C TYR A 601 35.47 -21.88 0.69
N LEU A 602 34.21 -22.28 0.52
CA LEU A 602 33.24 -22.24 1.61
C LEU A 602 32.47 -23.55 1.68
N GLY A 603 32.15 -23.97 2.91
CA GLY A 603 31.22 -25.04 3.13
C GLY A 603 29.82 -24.49 3.32
N THR A 604 29.69 -23.55 4.25
CA THR A 604 28.48 -22.75 4.42
C THR A 604 28.88 -21.28 4.40
N SER A 605 27.93 -20.42 4.05
CA SER A 605 28.19 -19.00 3.94
C SER A 605 27.01 -18.22 4.49
N LEU A 606 27.30 -17.27 5.39
CA LEU A 606 26.26 -16.46 5.99
C LEU A 606 25.96 -15.24 5.13
N GLU A 607 24.73 -14.75 5.25
CA GLU A 607 24.32 -13.52 4.59
C GLU A 607 23.57 -12.65 5.59
N ILE A 608 23.81 -11.34 5.52
CA ILE A 608 23.09 -10.38 6.35
C ILE A 608 21.89 -9.92 5.54
N GLN A 609 20.73 -10.48 5.82
CA GLN A 609 19.52 -10.16 5.07
C GLN A 609 19.01 -8.78 5.47
N GLU A 610 17.81 -8.46 5.00
CA GLU A 610 17.19 -7.18 5.30
C GLU A 610 17.05 -6.96 6.81
N PHE A 611 17.30 -5.73 7.24
CA PHE A 611 16.98 -5.35 8.61
C PHE A 611 15.47 -5.47 8.80
N PRO A 612 14.99 -6.28 9.74
CA PRO A 612 13.54 -6.40 9.93
C PRO A 612 12.94 -5.08 10.38
N PHE A 613 11.69 -4.86 9.97
CA PHE A 613 11.03 -3.59 10.25
C PHE A 613 10.86 -3.36 11.74
N TYR A 614 10.69 -4.44 12.52
CA TYR A 614 10.50 -4.25 13.95
C TYR A 614 11.78 -3.75 14.63
N ASN A 615 12.95 -4.05 14.05
CA ASN A 615 14.19 -3.48 14.58
C ASN A 615 14.20 -1.96 14.42
N THR A 616 13.82 -1.48 13.23
CA THR A 616 13.76 -0.04 13.00
C THR A 616 12.71 0.61 13.91
N VAL A 617 11.55 -0.04 14.06
CA VAL A 617 10.52 0.49 14.93
C VAL A 617 11.02 0.58 16.36
N SER A 618 11.73 -0.46 16.82
CA SER A 618 12.29 -0.45 18.16
C SER A 618 13.28 0.68 18.34
N VAL A 619 14.18 0.87 17.36
CA VAL A 619 15.19 1.91 17.47
C VAL A 619 14.53 3.28 17.53
N LEU A 620 13.54 3.51 16.67
CA LEU A 620 12.83 4.79 16.67
C LEU A 620 12.11 5.01 17.99
N ARG A 621 11.51 3.95 18.55
CA ARG A 621 10.84 4.08 19.84
C ARG A 621 11.82 4.43 20.95
N LYS A 622 12.99 3.79 20.96
CA LYS A 622 13.99 4.12 21.98
C LYS A 622 14.46 5.56 21.83
N PHE A 623 14.64 6.03 20.59
CA PHE A 623 15.15 7.38 20.39
C PHE A 623 14.10 8.43 20.76
N PHE A 624 12.97 8.42 20.07
CA PHE A 624 11.96 9.47 20.23
C PHE A 624 10.92 9.07 21.27
N SER A 625 11.42 8.79 22.48
CA SER A 625 10.57 8.35 23.58
C SER A 625 9.67 9.46 24.09
N HIS A 626 10.01 10.73 23.84
CA HIS A 626 9.16 11.83 24.26
C HIS A 626 8.10 12.16 23.22
N ASP A 627 8.51 12.30 21.96
CA ASP A 627 7.60 12.54 20.85
C ASP A 627 7.15 11.23 20.22
N ILE A 628 6.63 10.32 21.05
CA ILE A 628 6.23 8.99 20.59
C ILE A 628 5.12 9.09 19.54
N ILE A 629 4.30 10.14 19.61
CA ILE A 629 3.21 10.32 18.67
C ILE A 629 3.72 10.35 17.24
N CYS A 630 4.88 10.96 17.03
CA CYS A 630 5.48 10.98 15.69
C CYS A 630 5.82 9.58 15.21
N VAL A 631 6.35 8.74 16.10
CA VAL A 631 6.67 7.37 15.72
C VAL A 631 5.39 6.59 15.41
N GLU A 632 4.31 6.86 16.15
CA GLU A 632 3.04 6.24 15.81
C GLU A 632 2.56 6.68 14.43
N LYS A 633 2.73 7.96 14.10
CA LYS A 633 2.38 8.42 12.75
C LYS A 633 3.23 7.71 11.70
N LEU A 634 4.51 7.50 11.99
CA LEU A 634 5.38 6.79 11.05
C LEU A 634 4.92 5.35 10.85
N ILE A 635 4.55 4.68 11.94
CA ILE A 635 4.06 3.30 11.84
C ILE A 635 2.77 3.26 11.03
N ILE A 636 1.86 4.21 11.26
CA ILE A 636 0.64 4.28 10.48
C ILE A 636 0.96 4.51 9.00
N TYR A 637 1.97 5.32 8.71
CA TYR A 637 2.40 5.54 7.34
C TYR A 637 2.85 4.24 6.70
N PHE A 638 3.68 3.48 7.39
CA PHE A 638 4.21 2.25 6.80
C PHE A 638 3.22 1.10 6.83
N ILE A 639 2.13 1.20 7.59
CA ILE A 639 1.13 0.13 7.58
C ILE A 639 0.42 0.09 6.24
N ASP A 640 -0.06 1.23 5.75
CA ASP A 640 -0.67 1.24 4.43
C ASP A 640 0.36 1.35 3.32
N ASN A 641 1.55 1.87 3.59
CA ASN A 641 2.63 1.84 2.61
C ASN A 641 3.35 0.49 2.72
N LYS A 642 2.61 -0.56 2.35
CA LYS A 642 3.15 -1.92 2.38
C LYS A 642 4.33 -2.07 1.42
N ASP A 643 4.34 -1.30 0.34
CA ASP A 643 5.47 -1.32 -0.59
C ASP A 643 6.73 -0.77 0.05
N LEU A 644 6.62 0.05 1.09
CA LEU A 644 7.75 0.73 1.69
C LEU A 644 8.18 0.11 3.02
N GLN A 645 7.63 -1.05 3.38
CA GLN A 645 8.05 -1.70 4.61
C GLN A 645 9.52 -2.13 4.54
N GLY A 646 9.95 -2.61 3.38
CA GLY A 646 11.31 -3.04 3.17
C GLY A 646 12.25 -1.95 2.73
N VAL A 647 11.83 -0.69 2.78
CA VAL A 647 12.70 0.42 2.36
C VAL A 647 13.90 0.53 3.30
N TYR A 648 13.67 0.31 4.59
CA TYR A 648 14.74 0.38 5.59
C TYR A 648 15.67 -0.82 5.38
N LYS A 649 16.50 -0.71 4.35
CA LYS A 649 17.43 -1.78 4.00
C LYS A 649 18.52 -1.97 5.03
N THR A 650 18.76 -0.99 5.90
CA THR A 650 20.02 -0.98 6.63
C THR A 650 19.88 -0.11 7.87
N PRO A 651 20.55 -0.47 8.97
CA PRO A 651 20.72 0.48 10.08
C PRO A 651 21.33 1.79 9.65
N LEU A 652 22.08 1.84 8.54
CA LEU A 652 22.49 3.12 7.98
C LEU A 652 21.28 3.95 7.58
N PHE A 653 20.29 3.33 6.93
CA PHE A 653 19.05 4.03 6.62
C PHE A 653 18.34 4.48 7.89
N VAL A 654 18.29 3.61 8.90
CA VAL A 654 17.65 3.98 10.16
C VAL A 654 18.35 5.19 10.78
N ALA A 655 19.68 5.18 10.76
CA ALA A 655 20.47 6.29 11.30
C ALA A 655 20.20 7.58 10.54
N ALA A 656 20.10 7.49 9.21
CA ALA A 656 19.79 8.68 8.42
C ALA A 656 18.43 9.25 8.81
N VAL A 657 17.43 8.38 8.97
CA VAL A 657 16.10 8.86 9.37
C VAL A 657 16.16 9.53 10.74
N CYS A 658 16.84 8.91 11.69
CA CYS A 658 16.92 9.49 13.04
C CYS A 658 17.60 10.85 13.00
N THR A 659 18.72 10.95 12.27
CA THR A 659 19.45 12.21 12.21
C THR A 659 18.62 13.30 11.54
N ASP A 660 17.93 12.98 10.45
CA ASP A 660 17.08 13.98 9.81
C ASP A 660 15.95 14.42 10.74
N TRP A 661 15.32 13.46 11.43
CA TRP A 661 14.24 13.79 12.35
C TRP A 661 14.73 14.74 13.44
N ILE A 662 15.88 14.45 14.03
CA ILE A 662 16.36 15.27 15.13
C ILE A 662 16.79 16.66 14.62
N GLN A 663 17.49 16.72 13.49
CA GLN A 663 18.07 17.98 13.06
C GLN A 663 17.06 18.85 12.31
N ASN A 664 16.57 18.37 11.17
CA ASN A 664 15.78 19.21 10.28
C ASN A 664 14.33 19.38 10.72
N ALA A 665 13.95 18.78 11.85
CA ALA A 665 12.58 18.84 12.36
C ALA A 665 11.58 18.34 11.32
N SER A 666 11.96 17.29 10.60
CA SER A 666 11.08 16.63 9.64
C SER A 666 10.31 15.48 10.27
N ALA A 667 10.25 15.43 11.61
CA ALA A 667 9.47 14.40 12.28
C ALA A 667 8.00 14.50 11.91
N GLN A 668 7.46 15.71 11.89
CA GLN A 668 6.06 15.94 11.51
C GLN A 668 5.91 16.14 10.01
N ASP A 669 6.46 15.19 9.24
CA ASP A 669 6.35 15.19 7.78
C ASP A 669 5.47 14.03 7.35
N LYS A 670 4.47 14.33 6.53
CA LYS A 670 3.50 13.30 6.13
C LYS A 670 4.14 12.17 5.35
N PHE A 671 5.29 12.40 4.72
CA PHE A 671 6.00 11.37 3.97
C PHE A 671 7.37 11.15 4.60
N GLN A 672 7.70 9.90 4.87
CA GLN A 672 8.92 9.56 5.57
C GLN A 672 9.92 8.76 4.74
N ASP A 673 9.49 8.13 3.64
CA ASP A 673 10.45 7.50 2.75
C ASP A 673 11.26 8.53 1.98
N VAL A 674 10.62 9.64 1.59
CA VAL A 674 11.35 10.74 0.98
C VAL A 674 12.35 11.31 1.96
N THR A 675 11.93 11.46 3.23
CA THR A 675 12.85 11.93 4.26
C THR A 675 14.00 10.95 4.45
N LEU A 676 13.71 9.65 4.43
CA LEU A 676 14.75 8.63 4.56
C LEU A 676 15.79 8.76 3.46
N PHE A 677 15.34 8.83 2.21
CA PHE A 677 16.28 8.84 1.09
C PHE A 677 17.03 10.17 1.01
N GLN A 678 16.35 11.28 1.31
CA GLN A 678 17.04 12.57 1.36
C GLN A 678 18.09 12.59 2.47
N SER A 679 17.77 11.98 3.61
CA SER A 679 18.74 11.90 4.70
C SER A 679 19.91 11.00 4.33
N TYR A 680 19.65 9.93 3.58
CA TYR A 680 20.75 9.09 3.11
C TYR A 680 21.65 9.86 2.16
N MET A 681 21.05 10.66 1.26
CA MET A 681 21.85 11.52 0.40
C MET A 681 22.66 12.54 1.20
N GLN A 682 22.05 13.13 2.24
CA GLN A 682 22.77 14.08 3.07
C GLN A 682 23.92 13.41 3.80
N TYR A 683 23.70 12.19 4.28
CA TYR A 683 24.77 11.42 4.92
C TYR A 683 25.90 11.13 3.95
N LEU A 684 25.57 10.72 2.74
CA LEU A 684 26.60 10.45 1.73
C LEU A 684 27.36 11.72 1.39
N SER A 685 26.65 12.85 1.25
CA SER A 685 27.31 14.10 0.92
C SER A 685 28.22 14.57 2.05
N LEU A 686 27.78 14.39 3.30
CA LEU A 686 28.59 14.84 4.42
C LEU A 686 29.80 13.96 4.64
N LYS A 687 29.65 12.64 4.50
CA LYS A 687 30.79 11.75 4.69
C LYS A 687 31.76 11.84 3.52
N TYR A 688 31.25 11.85 2.30
CA TYR A 688 32.07 12.01 1.10
C TYR A 688 32.01 13.46 0.61
N LYS A 689 32.54 14.35 1.44
CA LYS A 689 32.74 15.73 1.04
C LYS A 689 34.20 16.04 0.74
N ALA A 690 35.13 15.26 1.28
CA ALA A 690 36.52 15.38 0.87
C ALA A 690 36.69 14.94 -0.58
N THR A 691 36.14 13.80 -0.94
CA THR A 691 36.07 13.36 -2.32
C THR A 691 34.71 13.75 -2.92
N ALA A 692 34.44 15.05 -2.86
CA ALA A 692 33.15 15.56 -3.32
C ALA A 692 32.98 15.36 -4.82
N GLU A 693 34.01 15.66 -5.60
CA GLU A 693 33.94 15.44 -7.05
C GLU A 693 33.83 13.96 -7.42
N PRO A 694 34.63 13.05 -6.86
CA PRO A 694 34.37 11.62 -7.13
C PRO A 694 32.99 11.17 -6.72
N LEU A 695 32.48 11.65 -5.58
CA LEU A 695 31.15 11.27 -5.16
C LEU A 695 30.09 11.77 -6.14
N GLN A 696 30.24 13.01 -6.62
CA GLN A 696 29.30 13.54 -7.59
C GLN A 696 29.35 12.76 -8.90
N ALA A 697 30.56 12.41 -9.34
CA ALA A 697 30.70 11.63 -10.57
C ALA A 697 30.06 10.25 -10.41
N THR A 698 30.29 9.60 -9.26
CA THR A 698 29.70 8.30 -9.01
C THR A 698 28.19 8.39 -8.96
N VAL A 699 27.65 9.42 -8.30
CA VAL A 699 26.21 9.58 -8.21
C VAL A 699 25.61 9.81 -9.60
N SER A 700 26.26 10.66 -10.40
CA SER A 700 25.76 10.91 -11.75
C SER A 700 25.79 9.65 -12.60
N SER A 701 26.89 8.88 -12.53
CA SER A 701 26.98 7.68 -13.35
C SER A 701 25.97 6.62 -12.91
N CYS A 702 25.83 6.41 -11.60
CA CYS A 702 24.90 5.39 -11.12
C CYS A 702 23.45 5.81 -11.33
N GLY A 703 23.15 7.11 -11.24
CA GLY A 703 21.82 7.57 -11.58
C GLY A 703 21.55 7.50 -13.07
N GLN A 704 22.59 7.65 -13.89
CA GLN A 704 22.44 7.40 -15.32
C GLN A 704 22.15 5.93 -15.58
N LEU A 705 22.80 5.04 -14.82
CA LEU A 705 22.49 3.61 -14.90
C LEU A 705 21.04 3.36 -14.53
N ALA A 706 20.58 4.01 -13.46
CA ALA A 706 19.17 3.90 -13.06
C ALA A 706 18.25 4.46 -14.13
N LEU A 707 18.65 5.56 -14.78
CA LEU A 707 17.84 6.11 -15.86
C LEU A 707 17.74 5.13 -17.02
N THR A 708 18.83 4.44 -17.34
CA THR A 708 18.79 3.40 -18.37
C THR A 708 17.89 2.25 -17.95
N GLY A 709 17.96 1.85 -16.68
CA GLY A 709 17.24 0.69 -16.20
C GLY A 709 15.75 0.89 -15.95
N LEU A 710 15.42 1.77 -15.00
CA LEU A 710 14.03 1.92 -14.58
C LEU A 710 13.15 2.46 -15.71
N PHE A 711 13.68 3.41 -16.50
CA PHE A 711 12.90 3.92 -17.62
C PHE A 711 12.71 2.87 -18.71
N SER A 712 13.53 1.82 -18.71
CA SER A 712 13.26 0.62 -19.48
C SER A 712 12.63 -0.47 -18.63
N SER A 713 12.23 -0.14 -17.39
CA SER A 713 11.63 -1.09 -16.46
C SER A 713 12.54 -2.28 -16.21
N CYS A 714 13.81 -1.99 -15.97
CA CYS A 714 14.82 -3.01 -15.76
C CYS A 714 15.59 -2.76 -14.48
N PHE A 715 15.85 -3.82 -13.73
CA PHE A 715 16.67 -3.75 -12.53
C PHE A 715 17.86 -4.70 -12.58
N GLU A 716 18.02 -5.45 -13.66
CA GLU A 716 19.12 -6.40 -13.83
C GLU A 716 20.17 -5.76 -14.71
N PHE A 717 21.41 -5.68 -14.21
CA PHE A 717 22.47 -4.95 -14.90
C PHE A 717 23.73 -5.78 -14.95
N ASN A 718 24.48 -5.65 -16.04
CA ASN A 718 25.70 -6.41 -16.26
C ASN A 718 26.87 -5.45 -16.46
N SER A 719 28.04 -6.03 -16.79
CA SER A 719 29.24 -5.22 -17.01
C SER A 719 29.05 -4.26 -18.18
N ASP A 720 28.44 -4.73 -19.27
CA ASP A 720 28.22 -3.87 -20.42
C ASP A 720 27.30 -2.71 -20.08
N ASP A 721 26.21 -2.97 -19.36
CA ASP A 721 25.29 -1.90 -18.98
C ASP A 721 25.96 -0.90 -18.05
N LEU A 722 26.74 -1.39 -17.08
CA LEU A 722 27.40 -0.49 -16.14
C LEU A 722 28.46 0.36 -16.85
N ALA A 723 29.22 -0.25 -17.77
CA ALA A 723 30.20 0.52 -18.53
C ALA A 723 29.54 1.55 -19.44
N GLU A 724 28.42 1.18 -20.06
CA GLU A 724 27.68 2.14 -20.88
C GLU A 724 27.18 3.30 -20.04
N ALA A 725 26.69 3.01 -18.83
CA ALA A 725 26.24 4.07 -17.93
C ALA A 725 27.40 4.99 -17.56
N GLY A 726 28.56 4.42 -17.24
CA GLY A 726 29.73 5.23 -16.98
C GLY A 726 30.39 4.95 -15.66
N VAL A 727 29.91 3.94 -14.95
CA VAL A 727 30.52 3.55 -13.68
C VAL A 727 31.69 2.62 -13.96
N ASP A 728 32.75 2.77 -13.18
CA ASP A 728 33.89 1.87 -13.25
C ASP A 728 33.74 0.79 -12.18
N GLU A 729 34.10 -0.44 -12.55
CA GLU A 729 33.93 -1.59 -11.67
C GLU A 729 34.99 -1.67 -10.59
N ASP A 730 35.82 -0.63 -10.42
CA ASP A 730 36.90 -0.65 -9.45
C ASP A 730 36.98 0.68 -8.69
N GLU A 731 35.83 1.20 -8.28
CA GLU A 731 35.78 2.43 -7.50
C GLU A 731 35.42 2.09 -6.05
N LYS A 732 36.09 2.77 -5.12
CA LYS A 732 35.92 2.46 -3.70
C LYS A 732 34.50 2.77 -3.21
N LEU A 733 33.95 3.91 -3.60
CA LEU A 733 32.70 4.39 -3.03
C LEU A 733 31.48 4.09 -3.89
N THR A 734 31.63 3.31 -4.96
CA THR A 734 30.48 2.91 -5.76
C THR A 734 29.71 1.74 -5.18
N THR A 735 30.24 1.10 -4.12
CA THR A 735 29.54 -0.03 -3.52
C THR A 735 28.20 0.39 -2.94
N LEU A 736 28.13 1.60 -2.37
CA LEU A 736 26.87 2.10 -1.82
C LEU A 736 25.80 2.24 -2.89
N LEU A 737 26.20 2.26 -4.17
CA LEU A 737 25.28 2.45 -5.27
C LEU A 737 25.33 1.29 -6.26
N MET A 738 26.03 0.20 -5.94
CA MET A 738 26.11 -0.95 -6.82
C MET A 738 26.61 -2.15 -6.01
N SER A 739 26.01 -3.31 -6.27
CA SER A 739 26.52 -4.58 -5.75
C SER A 739 26.49 -5.58 -6.90
N LYS A 740 27.62 -6.24 -7.14
CA LYS A 740 27.77 -7.15 -8.27
C LYS A 740 27.36 -8.55 -7.83
N PHE A 741 26.10 -8.88 -8.06
CA PHE A 741 25.58 -10.19 -7.72
C PHE A 741 26.01 -11.20 -8.78
N THR A 742 26.38 -12.40 -8.32
CA THR A 742 26.67 -13.49 -9.25
C THR A 742 25.37 -14.24 -9.49
N ALA A 743 24.78 -14.05 -10.66
CA ALA A 743 23.39 -14.43 -10.89
C ALA A 743 23.13 -15.92 -10.74
N GLN A 744 23.65 -16.74 -11.66
CA GLN A 744 23.44 -18.19 -11.55
C GLN A 744 24.51 -18.84 -10.69
N ARG A 745 25.73 -18.94 -11.22
CA ARG A 745 26.90 -19.28 -10.40
C ARG A 745 28.17 -18.54 -10.77
N LEU A 746 28.34 -18.10 -12.02
CA LEU A 746 29.55 -17.41 -12.45
C LEU A 746 29.30 -16.19 -13.32
N ARG A 747 28.05 -15.83 -13.59
CA ARG A 747 27.77 -14.71 -14.47
C ARG A 747 27.48 -13.47 -13.64
N PRO A 748 28.32 -12.45 -13.69
CA PRO A 748 28.07 -11.24 -12.88
C PRO A 748 26.78 -10.54 -13.27
N VAL A 749 26.08 -10.02 -12.26
CA VAL A 749 24.92 -9.16 -12.45
C VAL A 749 24.96 -8.11 -11.35
N TYR A 750 24.27 -7.00 -11.58
CA TYR A 750 24.41 -5.82 -10.72
C TYR A 750 23.07 -5.44 -10.12
N ARG A 751 23.02 -5.37 -8.78
CA ARG A 751 21.90 -4.83 -8.04
C ARG A 751 22.43 -3.83 -7.02
N PHE A 752 21.62 -2.83 -6.71
CA PHE A 752 22.08 -1.71 -5.91
C PHE A 752 21.90 -2.01 -4.42
N LEU A 753 22.16 -1.00 -3.59
CA LEU A 753 22.00 -1.15 -2.14
C LEU A 753 20.56 -1.46 -1.78
N GLY A 754 19.61 -0.84 -2.48
CA GLY A 754 18.22 -1.16 -2.37
C GLY A 754 17.52 -0.97 -3.70
N PRO A 755 16.41 -1.67 -3.91
CA PRO A 755 15.67 -1.52 -5.18
C PRO A 755 14.98 -0.18 -5.32
N LEU A 756 14.75 0.54 -4.22
CA LEU A 756 14.17 1.87 -4.26
C LEU A 756 15.19 2.97 -4.09
N PHE A 757 16.32 2.68 -3.45
CA PHE A 757 17.44 3.62 -3.49
C PHE A 757 17.89 3.85 -4.92
N GLN A 758 17.72 2.86 -5.79
CA GLN A 758 18.01 3.06 -7.21
C GLN A 758 17.04 4.08 -7.84
N GLU A 759 15.76 4.02 -7.46
CA GLU A 759 14.81 4.99 -7.96
C GLU A 759 15.14 6.40 -7.45
N PHE A 760 15.52 6.49 -6.18
CA PHE A 760 15.94 7.79 -5.66
C PHE A 760 17.20 8.28 -6.35
N LEU A 761 18.11 7.36 -6.68
CA LEU A 761 19.28 7.69 -7.48
C LEU A 761 18.89 8.25 -8.83
N ALA A 762 17.88 7.64 -9.46
CA ALA A 762 17.38 8.16 -10.73
C ALA A 762 16.85 9.58 -10.56
N ALA A 763 16.15 9.82 -9.45
CA ALA A 763 15.64 11.16 -9.17
C ALA A 763 16.79 12.17 -9.03
N VAL A 764 17.83 11.79 -8.30
CA VAL A 764 18.98 12.68 -8.10
C VAL A 764 19.69 12.95 -9.42
N ARG A 765 19.84 11.92 -10.25
CA ARG A 765 20.46 12.10 -11.55
C ARG A 765 19.62 13.03 -12.43
N LEU A 766 18.30 12.87 -12.39
CA LEU A 766 17.43 13.73 -13.20
C LEU A 766 17.53 15.17 -12.76
N THR A 767 17.54 15.42 -11.44
CA THR A 767 17.62 16.82 -11.00
C THR A 767 19.00 17.41 -11.26
N GLU A 768 20.05 16.61 -11.17
CA GLU A 768 21.39 17.14 -11.46
C GLU A 768 21.69 17.20 -12.95
N LEU A 769 20.85 16.61 -13.79
CA LEU A 769 20.93 16.81 -15.22
C LEU A 769 20.11 18.01 -15.68
N LEU A 770 18.91 18.17 -15.13
CA LEU A 770 18.05 19.29 -15.51
C LEU A 770 18.50 20.60 -14.86
N SER A 771 19.21 20.53 -13.73
CA SER A 771 19.74 21.71 -13.06
C SER A 771 21.20 21.95 -13.36
N SER A 772 21.71 21.42 -14.47
CA SER A 772 23.10 21.58 -14.87
C SER A 772 23.20 22.58 -16.02
N ASP A 773 24.35 23.25 -16.10
CA ASP A 773 24.57 24.28 -17.11
C ASP A 773 24.96 23.71 -18.46
N ARG A 774 25.34 22.44 -18.53
CA ARG A 774 25.79 21.87 -19.79
C ARG A 774 24.59 21.54 -20.68
N GLN A 775 24.68 21.98 -21.94
CA GLN A 775 23.58 21.75 -22.88
C GLN A 775 23.39 20.26 -23.16
N GLU A 776 24.49 19.50 -23.23
CA GLU A 776 24.37 18.06 -23.38
C GLU A 776 23.67 17.43 -22.19
N ASP A 777 23.98 17.89 -20.98
CA ASP A 777 23.29 17.41 -19.80
C ASP A 777 21.80 17.70 -19.88
N GLN A 778 21.45 18.92 -20.31
CA GLN A 778 20.04 19.27 -20.45
C GLN A 778 19.35 18.40 -21.49
N ASP A 779 20.03 18.14 -22.62
CA ASP A 779 19.44 17.29 -23.65
C ASP A 779 19.22 15.87 -23.15
N LEU A 780 20.18 15.32 -22.40
CA LEU A 780 20.01 13.97 -21.87
C LEU A 780 18.87 13.94 -20.86
N GLY A 781 18.79 14.95 -19.98
CA GLY A 781 17.72 15.01 -19.02
C GLY A 781 16.36 15.11 -19.69
N LEU A 782 16.26 15.90 -20.75
CA LEU A 782 14.99 16.03 -21.47
C LEU A 782 14.65 14.77 -22.23
N TYR A 783 15.66 14.09 -22.77
CA TYR A 783 15.45 12.82 -23.47
C TYR A 783 14.89 11.77 -22.52
N TYR A 784 15.39 11.74 -21.29
CA TYR A 784 14.84 10.79 -20.34
C TYR A 784 13.54 11.27 -19.69
N LEU A 785 13.29 12.58 -19.67
CA LEU A 785 11.96 13.08 -19.32
C LEU A 785 10.92 12.61 -20.31
N ARG A 786 11.22 12.70 -21.60
CA ARG A 786 10.23 12.46 -22.63
C ARG A 786 9.64 11.05 -22.57
N GLN A 787 10.36 10.11 -21.97
CA GLN A 787 9.81 8.77 -21.80
C GLN A 787 8.70 8.74 -20.76
N ILE A 788 8.60 9.76 -19.92
CA ILE A 788 7.40 9.95 -19.09
C ILE A 788 6.44 10.75 -19.94
N ASP A 789 5.73 10.04 -20.82
CA ASP A 789 4.81 10.66 -21.77
C ASP A 789 3.35 10.40 -21.41
N SER A 790 3.09 9.83 -20.23
CA SER A 790 1.73 9.60 -19.78
C SER A 790 1.54 10.23 -18.40
N PRO A 791 0.38 10.84 -18.16
CA PRO A 791 0.08 11.29 -16.79
C PRO A 791 0.01 10.14 -15.80
N LEU A 792 -0.33 8.94 -16.26
CA LEU A 792 -0.37 7.78 -15.36
C LEU A 792 1.00 7.48 -14.79
N LYS A 793 2.05 7.65 -15.59
CA LYS A 793 3.41 7.44 -15.08
C LYS A 793 3.74 8.44 -13.98
N ALA A 794 3.32 9.70 -14.16
CA ALA A 794 3.61 10.73 -13.17
C ALA A 794 2.74 10.62 -11.94
N ILE A 795 1.58 9.97 -12.04
CA ILE A 795 0.62 9.94 -10.94
C ILE A 795 0.72 8.63 -10.16
N ASN A 796 1.13 7.55 -10.82
CA ASN A 796 1.05 6.22 -10.23
C ASN A 796 2.42 5.60 -9.96
N SER A 797 3.26 5.45 -10.99
CA SER A 797 4.51 4.71 -10.85
C SER A 797 5.68 5.63 -10.55
N PHE A 798 5.96 6.56 -11.44
CA PHE A 798 6.95 7.58 -11.20
C PHE A 798 6.43 8.73 -10.36
N ASN A 799 5.33 8.53 -9.64
CA ASN A 799 4.84 9.56 -8.72
C ASN A 799 5.81 9.73 -7.56
N ILE A 800 6.19 8.62 -6.93
CA ILE A 800 7.18 8.69 -5.85
C ILE A 800 8.52 9.16 -6.41
N PHE A 801 8.85 8.76 -7.63
CA PHE A 801 10.08 9.20 -8.27
C PHE A 801 10.09 10.72 -8.48
N LEU A 802 8.98 11.28 -8.94
CA LEU A 802 8.90 12.72 -9.14
C LEU A 802 8.82 13.48 -7.83
N TYR A 803 8.20 12.89 -6.81
CA TYR A 803 8.26 13.49 -5.48
C TYR A 803 9.67 13.50 -4.94
N TYR A 804 10.44 12.45 -5.23
CA TYR A 804 11.85 12.43 -4.88
C TYR A 804 12.60 13.54 -5.59
N VAL A 805 12.29 13.74 -6.88
CA VAL A 805 12.90 14.85 -7.63
C VAL A 805 12.56 16.18 -6.98
N SER A 806 11.29 16.38 -6.65
CA SER A 806 10.82 17.64 -6.09
C SER A 806 11.35 17.88 -4.69
N SER A 807 11.74 16.82 -3.98
CA SER A 807 12.29 16.98 -2.63
C SER A 807 13.48 17.95 -2.64
N HIS A 808 14.28 17.92 -3.69
CA HIS A 808 15.33 18.91 -3.88
C HIS A 808 14.72 20.21 -4.39
N SER A 809 14.98 21.30 -3.68
CA SER A 809 14.44 22.60 -4.07
C SER A 809 15.21 23.13 -5.28
N SER A 810 14.98 22.53 -6.44
CA SER A 810 15.71 22.88 -7.65
C SER A 810 15.04 24.10 -8.28
N SER A 811 15.72 25.25 -8.20
CA SER A 811 15.16 26.46 -8.79
C SER A 811 15.11 26.39 -10.32
N LYS A 812 16.20 25.91 -10.93
CA LYS A 812 16.24 25.82 -12.39
C LYS A 812 15.40 24.68 -12.93
N ALA A 813 15.47 23.51 -12.29
CA ALA A 813 14.79 22.32 -12.81
C ALA A 813 13.30 22.34 -12.59
N ALA A 814 12.81 23.14 -11.63
CA ALA A 814 11.37 23.16 -11.35
C ALA A 814 10.56 23.67 -12.53
N PRO A 815 10.89 24.80 -13.19
CA PRO A 815 10.11 25.18 -14.37
C PRO A 815 10.14 24.15 -15.48
N THR A 816 11.30 23.50 -15.69
CA THR A 816 11.39 22.47 -16.74
C THR A 816 10.48 21.30 -16.43
N VAL A 817 10.55 20.79 -15.19
CA VAL A 817 9.74 19.63 -14.81
C VAL A 817 8.26 20.00 -14.81
N VAL A 818 7.93 21.20 -14.35
CA VAL A 818 6.53 21.63 -14.32
C VAL A 818 5.99 21.76 -15.74
N SER A 819 6.77 22.35 -16.64
CA SER A 819 6.31 22.46 -18.03
C SER A 819 6.13 21.09 -18.66
N HIS A 820 7.06 20.17 -18.39
CA HIS A 820 6.93 18.82 -18.93
C HIS A 820 5.70 18.12 -18.37
N LEU A 821 5.45 18.26 -17.06
CA LEU A 821 4.32 17.57 -16.44
C LEU A 821 2.99 18.14 -16.90
N LEU A 822 2.88 19.46 -16.97
CA LEU A 822 1.64 20.10 -17.38
C LEU A 822 1.45 20.07 -18.89
N GLN A 823 2.49 19.76 -19.65
CA GLN A 823 2.33 19.48 -21.07
C GLN A 823 1.92 18.05 -21.35
N LEU A 824 1.97 17.17 -20.36
CA LEU A 824 1.51 15.80 -20.52
C LEU A 824 0.02 15.72 -20.79
N VAL A 825 -0.74 16.73 -20.38
CA VAL A 825 -2.18 16.80 -20.63
C VAL A 825 -2.43 17.94 -21.59
N ASP A 826 -3.04 17.63 -22.73
CA ASP A 826 -3.37 18.62 -23.75
C ASP A 826 -4.73 18.25 -24.33
N GLU A 827 -5.07 18.84 -25.47
CA GLU A 827 -6.35 18.55 -26.11
C GLU A 827 -6.45 17.08 -26.50
N LYS A 828 -5.36 16.52 -27.03
CA LYS A 828 -5.32 15.11 -27.42
C LYS A 828 -3.97 14.55 -26.98
N GLU A 829 -3.98 13.76 -25.91
CA GLU A 829 -2.77 13.16 -25.36
C GLU A 829 -2.68 11.69 -25.74
N SER A 830 -1.46 11.15 -25.70
CA SER A 830 -1.21 9.74 -25.98
C SER A 830 -1.51 8.94 -24.72
N LEU A 831 -2.81 8.68 -24.51
CA LEU A 831 -3.24 7.93 -23.33
C LEU A 831 -2.75 6.49 -23.35
N GLU A 832 -2.39 5.96 -24.52
CA GLU A 832 -1.90 4.59 -24.61
C GLU A 832 -0.60 4.39 -23.85
N ASN A 833 0.11 5.47 -23.54
CA ASN A 833 1.34 5.37 -22.75
C ASN A 833 1.06 5.05 -21.29
N MET A 834 -0.21 5.07 -20.87
CA MET A 834 -0.56 4.59 -19.54
C MET A 834 -0.29 3.11 -19.37
N SER A 835 -0.08 2.37 -20.46
CA SER A 835 0.34 0.97 -20.41
C SER A 835 1.80 0.92 -20.03
N GLU A 836 2.06 0.87 -18.72
CA GLU A 836 3.42 0.80 -18.20
C GLU A 836 3.79 -0.65 -17.92
N ASN A 837 5.06 -0.98 -18.14
CA ASN A 837 5.51 -2.35 -17.95
C ASN A 837 5.35 -2.76 -16.49
N GLU A 838 5.00 -4.03 -16.27
CA GLU A 838 4.63 -4.50 -14.93
C GLU A 838 5.82 -4.72 -14.01
N ASP A 839 7.04 -4.86 -14.56
CA ASP A 839 8.18 -5.13 -13.71
C ASP A 839 8.48 -3.96 -12.78
N TYR A 840 8.36 -2.73 -13.29
CA TYR A 840 8.58 -1.57 -12.44
C TYR A 840 7.42 -1.37 -11.47
N MET A 841 6.19 -1.64 -11.93
CA MET A 841 5.05 -1.60 -11.03
C MET A 841 5.14 -2.65 -9.93
N LYS A 842 5.93 -3.69 -10.13
CA LYS A 842 6.19 -4.67 -9.08
C LYS A 842 7.00 -4.11 -7.93
N LEU A 843 7.62 -2.93 -8.11
CA LEU A 843 8.37 -2.32 -7.02
C LEU A 843 7.43 -1.77 -5.96
N HIS A 844 6.29 -1.21 -6.39
CA HIS A 844 5.22 -0.80 -5.47
C HIS A 844 3.93 -1.48 -5.90
N PRO A 845 3.47 -2.52 -5.21
CA PRO A 845 2.14 -3.07 -5.52
C PRO A 845 1.02 -2.06 -5.30
N GLN A 846 1.26 -1.03 -4.48
CA GLN A 846 0.31 0.07 -4.41
C GLN A 846 0.17 0.75 -5.75
N THR A 847 1.19 0.68 -6.61
CA THR A 847 1.02 1.17 -7.97
C THR A 847 0.03 0.33 -8.74
N PHE A 848 0.07 -1.00 -8.58
CA PHE A 848 -0.95 -1.83 -9.21
C PHE A 848 -2.33 -1.46 -8.70
N LEU A 849 -2.47 -1.30 -7.39
CA LEU A 849 -3.76 -0.98 -6.80
C LEU A 849 -4.30 0.35 -7.32
N TRP A 850 -3.48 1.40 -7.24
CA TRP A 850 -3.92 2.72 -7.69
C TRP A 850 -4.09 2.78 -9.20
N PHE A 851 -3.32 1.99 -9.95
CA PHE A 851 -3.52 1.92 -11.39
C PHE A 851 -4.86 1.31 -11.73
N GLN A 852 -5.25 0.24 -11.03
CA GLN A 852 -6.58 -0.32 -11.25
C GLN A 852 -7.66 0.67 -10.84
N PHE A 853 -7.44 1.42 -9.76
CA PHE A 853 -8.45 2.40 -9.36
C PHE A 853 -8.61 3.50 -10.40
N VAL A 854 -7.48 4.06 -10.87
CA VAL A 854 -7.54 5.10 -11.88
C VAL A 854 -8.14 4.56 -13.17
N ARG A 855 -7.83 3.31 -13.51
CA ARG A 855 -8.40 2.70 -14.70
C ARG A 855 -9.92 2.55 -14.58
N GLY A 856 -10.40 2.11 -13.42
CA GLY A 856 -11.85 2.03 -13.22
C GLY A 856 -12.51 3.38 -13.30
N LEU A 857 -11.93 4.37 -12.61
CA LEU A 857 -12.43 5.74 -12.71
C LEU A 857 -12.39 6.23 -14.15
N TRP A 858 -11.49 5.69 -14.95
CA TRP A 858 -11.44 6.03 -16.37
C TRP A 858 -12.61 5.42 -17.13
N LEU A 859 -12.92 4.14 -16.88
CA LEU A 859 -13.98 3.52 -17.69
C LEU A 859 -15.35 4.05 -17.29
N VAL A 860 -15.56 4.40 -16.02
CA VAL A 860 -16.87 4.93 -15.65
C VAL A 860 -17.06 6.32 -16.24
N SER A 861 -16.06 7.17 -16.10
CA SER A 861 -16.20 8.60 -16.35
C SER A 861 -14.82 9.18 -16.64
N PRO A 862 -14.45 9.26 -17.91
CA PRO A 862 -13.14 9.85 -18.24
C PRO A 862 -12.96 11.26 -17.74
N GLU A 863 -14.04 12.05 -17.66
CA GLU A 863 -13.89 13.42 -17.18
C GLU A 863 -13.49 13.46 -15.71
N SER A 864 -14.11 12.62 -14.87
CA SER A 864 -13.72 12.59 -13.46
C SER A 864 -12.37 11.94 -13.26
N SER A 865 -12.04 10.93 -14.08
CA SER A 865 -10.69 10.36 -14.01
C SER A 865 -9.64 11.41 -14.36
N SER A 866 -9.91 12.21 -15.39
CA SER A 866 -9.02 13.29 -15.77
C SER A 866 -8.96 14.36 -14.69
N SER A 867 -10.08 14.62 -14.01
CA SER A 867 -10.05 15.57 -12.91
C SER A 867 -9.16 15.08 -11.77
N PHE A 868 -9.26 13.78 -11.45
CA PHE A 868 -8.41 13.19 -10.43
C PHE A 868 -6.94 13.28 -10.82
N VAL A 869 -6.62 12.87 -12.04
CA VAL A 869 -5.24 12.85 -12.50
C VAL A 869 -4.68 14.27 -12.59
N SER A 870 -5.50 15.22 -13.05
CA SER A 870 -5.07 16.60 -13.14
C SER A 870 -4.92 17.24 -11.77
N GLU A 871 -5.76 16.88 -10.81
CA GLU A 871 -5.59 17.38 -9.45
C GLU A 871 -4.29 16.88 -8.85
N HIS A 872 -3.96 15.60 -9.07
CA HIS A 872 -2.69 15.10 -8.55
C HIS A 872 -1.50 15.67 -9.31
N LEU A 873 -1.65 15.90 -10.61
CA LEU A 873 -0.59 16.54 -11.38
C LEU A 873 -0.37 17.98 -10.93
N LEU A 874 -1.45 18.70 -10.63
CA LEU A 874 -1.33 20.05 -10.12
C LEU A 874 -0.74 20.06 -8.73
N ARG A 875 -1.06 19.05 -7.92
CA ARG A 875 -0.41 18.93 -6.62
C ARG A 875 1.09 18.71 -6.78
N LEU A 876 1.49 17.87 -7.74
CA LEU A 876 2.90 17.68 -8.02
C LEU A 876 3.55 18.99 -8.47
N ALA A 877 2.90 19.70 -9.39
CA ALA A 877 3.45 20.94 -9.92
C ALA A 877 3.56 22.00 -8.83
N LEU A 878 2.55 22.11 -7.98
CA LEU A 878 2.59 23.07 -6.88
C LEU A 878 3.60 22.68 -5.83
N ILE A 879 3.80 21.38 -5.60
CA ILE A 879 4.84 20.94 -4.69
C ILE A 879 6.20 21.36 -5.22
N PHE A 880 6.44 21.14 -6.51
CA PHE A 880 7.66 21.65 -7.14
C PHE A 880 7.79 23.15 -6.94
N ALA A 881 6.74 23.89 -7.28
CA ALA A 881 6.80 25.35 -7.27
C ALA A 881 7.06 25.89 -5.88
N TYR A 882 6.39 25.35 -4.87
CA TYR A 882 6.51 25.89 -3.52
C TYR A 882 7.77 25.38 -2.82
N GLU A 883 8.17 24.13 -3.06
CA GLU A 883 9.42 23.64 -2.48
C GLU A 883 10.61 24.40 -3.04
N SER A 884 10.61 24.67 -4.34
CA SER A 884 11.68 25.43 -4.96
C SER A 884 11.45 26.93 -4.90
N ASN A 885 10.33 27.38 -4.31
CA ASN A 885 9.99 28.79 -4.18
C ASN A 885 10.02 29.49 -5.54
N THR A 886 9.52 28.81 -6.55
CA THR A 886 9.55 29.27 -7.94
C THR A 886 8.15 29.54 -8.46
N VAL A 887 7.26 29.95 -7.56
CA VAL A 887 5.87 30.21 -7.93
C VAL A 887 5.79 31.35 -8.93
N ALA A 888 6.67 32.35 -8.81
CA ALA A 888 6.59 33.52 -9.66
C ALA A 888 6.79 33.17 -11.13
N GLU A 889 7.79 32.31 -11.42
CA GLU A 889 8.01 31.93 -12.81
C GLU A 889 7.23 30.68 -13.21
N CYS A 890 6.68 29.93 -12.26
CA CYS A 890 5.77 28.84 -12.59
C CYS A 890 4.34 29.31 -12.79
N SER A 891 4.04 30.56 -12.44
CA SER A 891 2.70 31.09 -12.67
C SER A 891 2.21 30.97 -14.11
N PRO A 892 3.02 31.24 -15.15
CA PRO A 892 2.49 31.05 -16.50
C PRO A 892 2.08 29.61 -16.80
N PHE A 893 2.95 28.65 -16.50
CA PHE A 893 2.62 27.25 -16.74
C PHE A 893 1.42 26.81 -15.91
N ILE A 894 1.39 27.22 -14.64
CA ILE A 894 0.32 26.79 -13.75
C ILE A 894 -1.01 27.39 -14.18
N LEU A 895 -1.02 28.66 -14.57
CA LEU A 895 -2.25 29.29 -15.06
C LEU A 895 -2.72 28.66 -16.37
N GLN A 896 -1.80 28.41 -17.30
CA GLN A 896 -2.18 27.77 -18.56
C GLN A 896 -2.74 26.38 -18.31
N PHE A 897 -2.15 25.63 -17.37
CA PHE A 897 -2.68 24.33 -17.01
C PHE A 897 -4.06 24.43 -16.39
N LEU A 898 -4.23 25.38 -15.46
CA LEU A 898 -5.48 25.45 -14.72
C LEU A 898 -6.61 25.99 -15.57
N ARG A 899 -6.29 26.67 -16.67
CA ARG A 899 -7.31 27.19 -17.57
C ARG A 899 -8.23 26.07 -18.04
N GLY A 900 -9.50 26.15 -17.69
CA GLY A 900 -10.48 25.16 -18.10
C GLY A 900 -10.53 23.91 -17.25
N LYS A 901 -9.86 23.90 -16.10
CA LYS A 901 -9.87 22.72 -15.25
C LYS A 901 -11.22 22.56 -14.55
N THR A 902 -11.46 21.34 -14.08
CA THR A 902 -12.71 20.95 -13.43
C THR A 902 -12.43 20.21 -12.13
N LEU A 903 -11.57 20.79 -11.30
CA LEU A 903 -11.13 20.14 -10.08
C LEU A 903 -12.25 20.15 -9.03
N ALA A 904 -11.94 19.60 -7.86
CA ALA A 904 -12.90 19.50 -6.77
C ALA A 904 -12.86 20.77 -5.91
N LEU A 905 -13.48 20.72 -4.73
CA LEU A 905 -13.48 21.86 -3.83
C LEU A 905 -12.27 21.91 -2.91
N ARG A 906 -11.68 20.75 -2.60
CA ARG A 906 -10.49 20.75 -1.75
C ARG A 906 -9.33 21.52 -2.36
N VAL A 907 -9.32 21.67 -3.68
CA VAL A 907 -8.25 22.41 -4.34
C VAL A 907 -8.27 23.88 -4.01
N LEU A 908 -9.37 24.39 -3.43
CA LEU A 908 -9.40 25.75 -2.95
C LEU A 908 -8.61 25.93 -1.66
N ASN A 909 -8.16 24.84 -1.04
CA ASN A 909 -7.40 24.91 0.20
C ASN A 909 -5.90 24.83 -0.02
N LEU A 910 -5.43 24.74 -1.25
CA LEU A 910 -4.03 24.94 -1.53
C LEU A 910 -3.71 26.43 -1.54
N GLN A 911 -2.45 26.75 -1.26
CA GLN A 911 -2.05 28.14 -1.11
C GLN A 911 -2.18 28.94 -2.40
N TYR A 912 -2.33 28.28 -3.55
CA TYR A 912 -2.36 29.01 -4.82
C TYR A 912 -3.58 29.91 -4.96
N PHE A 913 -4.59 29.75 -4.12
CA PHE A 913 -5.76 30.62 -4.14
C PHE A 913 -5.85 31.53 -2.93
N ARG A 914 -4.97 31.36 -1.94
CA ARG A 914 -4.80 32.39 -0.90
C ARG A 914 -3.65 33.33 -1.26
N ASP A 915 -2.52 32.78 -1.70
CA ASP A 915 -1.42 33.60 -2.18
C ASP A 915 -1.80 34.31 -3.49
N HIS A 916 -2.53 33.62 -4.37
CA HIS A 916 -2.96 34.17 -5.65
C HIS A 916 -4.46 34.00 -5.77
N PRO A 917 -5.25 34.86 -5.13
CA PRO A 917 -6.71 34.67 -5.13
C PRO A 917 -7.35 34.73 -6.50
N GLU A 918 -6.76 35.49 -7.44
CA GLU A 918 -7.39 35.69 -8.74
C GLU A 918 -7.53 34.38 -9.51
N SER A 919 -6.68 33.40 -9.24
CA SER A 919 -6.64 32.16 -10.03
C SER A 919 -7.99 31.43 -10.06
N LEU A 920 -8.92 31.79 -9.18
CA LEU A 920 -10.21 31.12 -9.15
C LEU A 920 -11.03 31.38 -10.41
N LEU A 921 -10.73 32.45 -11.15
CA LEU A 921 -11.54 32.81 -12.31
C LEU A 921 -11.28 31.92 -13.51
N LEU A 922 -10.21 31.14 -13.51
CA LEU A 922 -9.85 30.32 -14.66
C LEU A 922 -10.51 28.94 -14.64
N LEU A 923 -10.76 28.39 -13.45
CA LEU A 923 -11.35 27.06 -13.36
C LEU A 923 -12.79 27.07 -13.83
N ARG A 924 -13.16 26.05 -14.61
CA ARG A 924 -14.55 25.92 -15.02
C ARG A 924 -15.45 25.64 -13.83
N SER A 925 -15.00 24.78 -12.90
CA SER A 925 -15.81 24.46 -11.74
C SER A 925 -14.92 24.00 -10.60
N LEU A 926 -15.47 24.06 -9.38
CA LEU A 926 -14.86 23.48 -8.18
C LEU A 926 -16.02 22.82 -7.43
N LYS A 927 -16.27 21.56 -7.74
CA LYS A 927 -17.44 20.86 -7.24
C LYS A 927 -17.14 20.21 -5.90
N VAL A 928 -18.19 20.05 -5.08
CA VAL A 928 -18.09 19.42 -3.78
C VAL A 928 -19.17 18.35 -3.69
N SER A 929 -18.93 17.35 -2.85
CA SER A 929 -19.88 16.27 -2.63
C SER A 929 -19.60 15.65 -1.27
N ILE A 930 -20.66 15.45 -0.49
CA ILE A 930 -20.56 14.90 0.86
C ILE A 930 -21.28 13.55 0.88
N ASN A 931 -20.59 12.53 1.38
CA ASN A 931 -21.09 11.15 1.35
C ASN A 931 -22.04 10.94 2.53
N GLY A 932 -23.27 11.45 2.37
CA GLY A 932 -24.31 11.18 3.33
C GLY A 932 -24.87 9.78 3.19
N ASN A 933 -25.56 9.34 4.24
CA ASN A 933 -26.09 7.99 4.29
C ASN A 933 -27.59 8.02 4.60
N LYS A 934 -28.33 7.19 3.88
CA LYS A 934 -29.76 7.04 4.11
C LYS A 934 -30.21 5.71 3.51
N MET A 935 -31.37 5.23 3.97
CA MET A 935 -31.88 3.95 3.49
C MET A 935 -32.23 4.03 2.01
N SER A 936 -32.70 5.18 1.54
CA SER A 936 -33.08 5.40 0.15
C SER A 936 -34.16 4.40 -0.27
N SER A 937 -35.33 4.56 0.36
CA SER A 937 -36.46 3.68 0.09
C SER A 937 -37.06 3.97 -1.27
N TYR A 938 -36.59 3.27 -2.30
CA TYR A 938 -37.02 3.49 -3.66
C TYR A 938 -37.48 2.19 -4.30
N VAL A 939 -38.16 2.31 -5.44
CA VAL A 939 -38.60 1.18 -6.25
C VAL A 939 -38.32 1.53 -7.70
N ASP A 940 -37.27 0.96 -8.26
CA ASP A 940 -37.01 1.09 -9.69
C ASP A 940 -37.72 0.00 -10.46
N TYR A 941 -37.80 0.18 -11.77
CA TYR A 941 -38.45 -0.80 -12.65
C TYR A 941 -37.44 -1.46 -13.59
N SER A 942 -36.24 -1.74 -13.08
CA SER A 942 -35.30 -2.59 -13.79
C SER A 942 -35.63 -4.07 -13.62
N PHE A 943 -36.46 -4.42 -12.63
CA PHE A 943 -36.84 -5.81 -12.43
C PHE A 943 -37.79 -6.29 -13.51
N LYS A 944 -38.79 -5.48 -13.86
CA LYS A 944 -39.76 -5.87 -14.87
C LYS A 944 -39.10 -5.95 -16.25
N THR A 945 -39.50 -6.96 -17.02
CA THR A 945 -39.14 -7.13 -18.42
C THR A 945 -37.65 -7.45 -18.60
N TYR A 946 -36.90 -7.49 -17.50
CA TYR A 946 -35.49 -7.86 -17.55
C TYR A 946 -35.08 -8.88 -16.49
N PHE A 947 -35.81 -8.99 -15.39
CA PHE A 947 -35.53 -10.02 -14.37
C PHE A 947 -36.69 -10.99 -14.20
N GLU A 948 -37.66 -10.98 -15.13
CA GLU A 948 -38.84 -11.82 -15.02
C GLU A 948 -39.00 -12.77 -16.20
N ASN A 949 -38.89 -12.28 -17.43
CA ASN A 949 -39.18 -13.07 -18.61
C ASN A 949 -37.90 -13.54 -19.30
N LEU A 950 -38.07 -14.45 -20.26
CA LEU A 950 -36.99 -14.98 -21.09
C LEU A 950 -35.92 -15.65 -20.23
N GLN A 951 -36.30 -16.78 -19.62
CA GLN A 951 -35.36 -17.39 -18.69
C GLN A 951 -34.93 -18.82 -19.05
N PRO A 952 -34.53 -19.13 -20.30
CA PRO A 952 -33.82 -20.38 -20.52
C PRO A 952 -32.31 -20.19 -20.36
N PRO A 953 -31.70 -20.74 -19.31
CA PRO A 953 -30.24 -20.73 -19.17
C PRO A 953 -29.57 -22.00 -19.70
N ALA A 954 -29.88 -22.36 -20.95
CA ALA A 954 -29.29 -23.56 -21.53
C ALA A 954 -27.79 -23.35 -21.74
N ILE A 955 -26.98 -24.29 -21.25
CA ILE A 955 -25.54 -24.17 -21.23
C ILE A 955 -24.92 -25.54 -21.47
N ASP A 956 -23.58 -25.56 -21.58
CA ASP A 956 -22.83 -26.77 -21.87
C ASP A 956 -22.02 -27.25 -20.69
N GLU A 957 -21.80 -26.40 -19.68
CA GLU A 957 -21.05 -26.60 -18.44
C GLU A 957 -19.55 -26.51 -18.70
N GLU A 958 -19.10 -26.38 -19.94
CA GLU A 958 -17.71 -26.01 -20.20
C GLU A 958 -17.52 -24.50 -20.29
N TYR A 959 -18.63 -23.73 -20.32
CA TYR A 959 -18.58 -22.28 -20.42
C TYR A 959 -19.26 -21.63 -19.21
N THR A 960 -19.31 -22.35 -18.08
CA THR A 960 -20.12 -21.91 -16.95
C THR A 960 -19.61 -20.64 -16.30
N SER A 961 -18.36 -20.24 -16.57
CA SER A 961 -17.84 -19.01 -15.99
C SER A 961 -18.42 -17.75 -16.62
N ALA A 962 -19.15 -17.88 -17.74
CA ALA A 962 -19.69 -16.70 -18.41
C ALA A 962 -20.85 -16.10 -17.64
N PHE A 963 -21.72 -16.93 -17.09
CA PHE A 963 -22.94 -16.46 -16.43
C PHE A 963 -22.75 -16.49 -14.92
N GLU A 964 -22.91 -15.33 -14.29
CA GLU A 964 -22.82 -15.20 -12.84
C GLU A 964 -24.22 -14.96 -12.29
N HIS A 965 -24.62 -15.80 -11.34
CA HIS A 965 -25.96 -15.69 -10.76
C HIS A 965 -26.07 -14.38 -9.98
N ILE A 966 -27.31 -13.84 -9.93
CA ILE A 966 -27.55 -12.62 -9.19
C ILE A 966 -27.19 -12.81 -7.72
N SER A 967 -27.31 -14.03 -7.21
CA SER A 967 -26.88 -14.31 -5.84
C SER A 967 -25.38 -14.09 -5.68
N GLU A 968 -24.59 -14.53 -6.65
CA GLU A 968 -23.13 -14.37 -6.56
C GLU A 968 -22.74 -12.90 -6.58
N TRP A 969 -23.32 -12.12 -7.51
CA TRP A 969 -22.98 -10.71 -7.57
C TRP A 969 -23.52 -9.96 -6.37
N ARG A 970 -24.68 -10.35 -5.84
CA ARG A 970 -25.19 -9.74 -4.63
C ARG A 970 -24.28 -10.04 -3.45
N ARG A 971 -23.73 -11.26 -3.40
CA ARG A 971 -22.76 -11.58 -2.36
C ARG A 971 -21.50 -10.73 -2.48
N ASN A 972 -21.00 -10.56 -3.71
CA ASN A 972 -19.83 -9.71 -3.92
C ASN A 972 -20.11 -8.27 -3.53
N PHE A 973 -21.27 -7.75 -3.92
CA PHE A 973 -21.66 -6.40 -3.56
C PHE A 973 -21.87 -6.26 -2.07
N ALA A 974 -22.38 -7.29 -1.40
CA ALA A 974 -22.52 -7.25 0.05
C ALA A 974 -21.17 -7.25 0.74
N GLN A 975 -20.20 -7.99 0.20
CA GLN A 975 -18.85 -7.92 0.75
C GLN A 975 -18.25 -6.53 0.56
N ASP A 976 -18.47 -5.93 -0.61
CA ASP A 976 -17.99 -4.58 -0.85
C ASP A 976 -18.65 -3.58 0.10
N GLU A 977 -19.96 -3.70 0.31
CA GLU A 977 -20.65 -2.84 1.26
C GLU A 977 -20.18 -3.11 2.68
N GLU A 978 -19.79 -4.34 2.99
CA GLU A 978 -19.30 -4.66 4.33
C GLU A 978 -17.96 -4.00 4.58
N ILE A 979 -17.04 -4.04 3.61
CA ILE A 979 -15.76 -3.39 3.82
C ILE A 979 -15.94 -1.87 3.83
N ILE A 980 -16.84 -1.35 3.00
CA ILE A 980 -17.14 0.09 3.02
C ILE A 980 -17.70 0.49 4.38
N LYS A 981 -18.61 -0.31 4.93
CA LYS A 981 -19.20 0.01 6.23
C LYS A 981 -18.20 -0.15 7.36
N ASN A 982 -17.28 -1.12 7.26
CA ASN A 982 -16.21 -1.23 8.24
C ASN A 982 -15.33 0.02 8.20
N TYR A 983 -15.07 0.54 7.00
CA TYR A 983 -14.25 1.74 6.88
C TYR A 983 -14.97 2.97 7.41
N GLU A 984 -16.25 3.14 7.07
CA GLU A 984 -16.93 4.41 7.27
C GLU A 984 -17.77 4.49 8.54
N ASN A 985 -18.23 3.36 9.07
CA ASN A 985 -18.96 3.38 10.33
C ASN A 985 -18.08 3.90 11.45
N ILE A 986 -16.82 3.46 11.48
CA ILE A 986 -15.85 4.01 12.43
C ILE A 986 -15.45 5.43 12.05
N ARG A 987 -15.63 5.82 10.78
CA ARG A 987 -15.28 7.15 10.33
C ARG A 987 -16.22 8.19 10.93
N PRO A 988 -15.72 9.40 11.18
CA PRO A 988 -16.61 10.51 11.54
C PRO A 988 -17.45 10.98 10.35
N ARG A 989 -18.22 12.04 10.53
CA ARG A 989 -19.13 12.51 9.49
C ARG A 989 -18.40 12.96 8.22
N ALA A 990 -17.10 13.29 8.34
CA ALA A 990 -16.26 13.66 7.19
C ALA A 990 -16.81 14.89 6.47
N LEU A 991 -16.82 16.01 7.19
CA LEU A 991 -17.20 17.30 6.63
C LEU A 991 -16.06 17.85 5.77
N PRO A 992 -16.36 18.78 4.85
CA PRO A 992 -15.30 19.34 4.01
C PRO A 992 -14.29 20.12 4.83
N ASP A 993 -13.05 20.11 4.36
CA ASP A 993 -11.95 20.80 5.04
C ASP A 993 -11.83 22.20 4.46
N ILE A 994 -12.34 23.19 5.19
CA ILE A 994 -12.25 24.59 4.79
C ILE A 994 -11.60 25.38 5.92
N SER A 995 -10.78 24.68 6.72
CA SER A 995 -10.31 25.27 7.97
C SER A 995 -9.25 26.34 7.76
N GLU A 996 -8.34 26.13 6.81
CA GLU A 996 -7.12 26.92 6.72
C GLU A 996 -7.34 28.19 5.90
N GLY A 997 -7.34 29.32 6.59
CA GLY A 997 -7.09 30.60 5.94
C GLY A 997 -8.09 31.14 4.95
N TYR A 998 -7.71 31.08 3.67
CA TYR A 998 -8.21 31.91 2.58
C TYR A 998 -9.66 32.36 2.71
N TRP A 999 -10.56 31.44 3.06
CA TRP A 999 -11.99 31.76 3.06
C TRP A 999 -12.31 32.96 3.94
N LYS A 1000 -11.61 33.11 5.07
CA LYS A 1000 -11.85 34.24 5.97
C LYS A 1000 -11.00 35.44 5.55
N LEU A 1001 -11.42 36.06 4.45
CA LEU A 1001 -10.74 37.23 3.91
C LEU A 1001 -11.75 38.30 3.57
N SER A 1002 -11.35 39.56 3.78
CA SER A 1002 -12.25 40.70 3.65
C SER A 1002 -12.50 41.18 2.22
N PRO A 1003 -11.43 41.54 1.42
CA PRO A 1003 -11.62 42.44 0.27
C PRO A 1003 -12.08 41.78 -1.03
N LYS A 1004 -13.18 41.00 -0.94
CA LYS A 1004 -13.91 40.47 -2.10
C LYS A 1004 -12.97 39.90 -3.16
N PRO A 1005 -12.36 38.74 -2.91
CA PRO A 1005 -11.32 38.24 -3.83
C PRO A 1005 -11.83 37.93 -5.23
N CYS A 1006 -12.84 37.06 -5.34
CA CYS A 1006 -13.22 36.49 -6.62
C CYS A 1006 -14.50 35.68 -6.43
N LYS A 1007 -15.07 35.27 -7.56
CA LYS A 1007 -16.30 34.48 -7.57
C LYS A 1007 -16.14 33.38 -8.62
N ILE A 1008 -16.14 32.13 -8.16
CA ILE A 1008 -15.87 30.99 -9.03
C ILE A 1008 -17.02 30.80 -10.00
N PRO A 1009 -16.78 30.29 -11.21
CA PRO A 1009 -17.87 30.11 -12.17
C PRO A 1009 -18.92 29.10 -11.73
N LYS A 1010 -18.52 27.87 -11.43
CA LYS A 1010 -19.48 26.80 -11.16
C LYS A 1010 -19.11 26.06 -9.88
N LEU A 1011 -20.11 25.84 -9.04
CA LEU A 1011 -19.98 25.12 -7.77
C LEU A 1011 -21.00 23.99 -7.69
N GLU A 1012 -21.04 23.18 -8.75
CA GLU A 1012 -21.96 22.05 -8.81
C GLU A 1012 -21.91 21.21 -7.54
N VAL A 1013 -23.02 21.21 -6.81
CA VAL A 1013 -23.12 20.45 -5.56
C VAL A 1013 -23.91 19.18 -5.84
N GLN A 1014 -23.53 18.10 -5.16
CA GLN A 1014 -24.22 16.82 -5.30
C GLN A 1014 -23.95 16.01 -4.02
N VAL A 1015 -24.92 16.00 -3.13
CA VAL A 1015 -24.79 15.26 -1.89
C VAL A 1015 -25.28 13.84 -2.13
N ASN A 1016 -24.77 12.90 -1.33
CA ASN A 1016 -25.03 11.48 -1.52
C ASN A 1016 -26.25 11.08 -0.69
N ASN A 1017 -27.38 10.92 -1.37
CA ASN A 1017 -28.66 10.45 -0.80
C ASN A 1017 -28.90 11.01 0.61
N THR A 1018 -28.87 12.34 0.69
CA THR A 1018 -29.07 13.04 1.95
C THR A 1018 -30.30 13.94 1.83
N ASP A 1019 -31.10 13.98 2.91
CA ASP A 1019 -32.30 14.79 2.96
C ASP A 1019 -32.30 15.83 4.07
N ALA A 1020 -31.33 15.80 4.98
CA ALA A 1020 -31.25 16.75 6.08
C ALA A 1020 -29.85 17.32 6.15
N ALA A 1021 -29.75 18.64 6.18
CA ALA A 1021 -28.46 19.32 6.31
C ALA A 1021 -28.16 19.53 7.78
N ASP A 1022 -27.10 18.88 8.27
CA ASP A 1022 -26.70 19.00 9.65
C ASP A 1022 -26.41 20.46 10.00
N GLN A 1023 -26.40 20.74 11.31
CA GLN A 1023 -26.07 22.09 11.77
C GLN A 1023 -24.69 22.53 11.28
N ALA A 1024 -23.76 21.58 11.17
CA ALA A 1024 -22.41 21.88 10.67
C ALA A 1024 -22.29 21.73 9.15
N LEU A 1025 -23.30 21.20 8.48
CA LEU A 1025 -23.27 21.05 7.03
C LEU A 1025 -23.96 22.21 6.30
N LEU A 1026 -25.12 22.63 6.80
CA LEU A 1026 -25.84 23.74 6.17
C LEU A 1026 -25.06 25.04 6.25
N GLN A 1027 -24.33 25.26 7.35
CA GLN A 1027 -23.51 26.47 7.46
C GLN A 1027 -22.44 26.49 6.37
N VAL A 1028 -21.74 25.36 6.18
CA VAL A 1028 -20.73 25.28 5.13
C VAL A 1028 -21.37 25.44 3.76
N LEU A 1029 -22.55 24.85 3.57
CA LEU A 1029 -23.24 24.98 2.29
C LEU A 1029 -23.53 26.45 1.97
N MET A 1030 -24.11 27.18 2.93
CA MET A 1030 -24.48 28.56 2.65
C MET A 1030 -23.26 29.47 2.61
N GLU A 1031 -22.17 29.10 3.28
CA GLU A 1031 -20.95 29.89 3.22
C GLU A 1031 -20.25 29.71 1.88
N VAL A 1032 -20.25 28.50 1.34
CA VAL A 1032 -19.51 28.24 0.11
C VAL A 1032 -20.35 28.55 -1.12
N PHE A 1033 -21.68 28.47 -1.03
CA PHE A 1033 -22.52 28.76 -2.19
C PHE A 1033 -22.39 30.23 -2.60
N SER A 1034 -22.16 31.12 -1.64
CA SER A 1034 -22.03 32.54 -1.96
C SER A 1034 -20.83 32.81 -2.87
N ALA A 1035 -19.80 31.95 -2.80
CA ALA A 1035 -18.61 32.14 -3.61
C ALA A 1035 -18.83 31.83 -5.08
N SER A 1036 -19.98 31.28 -5.44
CA SER A 1036 -20.24 30.83 -6.81
C SER A 1036 -21.17 31.80 -7.52
N GLN A 1037 -20.78 32.22 -8.72
CA GLN A 1037 -21.65 33.03 -9.56
C GLN A 1037 -22.71 32.20 -10.27
N SER A 1038 -22.50 30.89 -10.39
CA SER A 1038 -23.46 30.00 -11.04
C SER A 1038 -23.48 28.69 -10.25
N ILE A 1039 -24.41 28.58 -9.30
CA ILE A 1039 -24.54 27.40 -8.46
C ILE A 1039 -25.46 26.42 -9.17
N GLU A 1040 -24.89 25.38 -9.76
CA GLU A 1040 -25.68 24.29 -10.30
C GLU A 1040 -26.10 23.37 -9.16
N PHE A 1041 -27.16 22.60 -9.39
CA PHE A 1041 -27.73 21.73 -8.38
C PHE A 1041 -27.91 20.33 -8.96
N ARG A 1042 -27.19 19.37 -8.38
CA ARG A 1042 -27.31 17.96 -8.74
C ARG A 1042 -27.88 17.24 -7.53
N LEU A 1043 -29.18 16.97 -7.55
CA LEU A 1043 -29.88 16.37 -6.42
C LEU A 1043 -30.42 15.01 -6.85
N PHE A 1044 -29.68 13.96 -6.52
CA PHE A 1044 -30.08 12.59 -6.83
C PHE A 1044 -30.56 11.93 -5.54
N ASN A 1045 -31.79 11.43 -5.56
CA ASN A 1045 -32.42 10.79 -4.39
C ASN A 1045 -32.33 11.70 -3.18
N SER A 1046 -32.73 12.96 -3.36
CA SER A 1046 -32.69 13.98 -2.33
C SER A 1046 -34.06 14.62 -2.17
N SER A 1047 -35.09 13.78 -2.07
CA SER A 1047 -36.47 14.24 -1.90
C SER A 1047 -36.65 14.68 -0.44
N GLY A 1048 -36.21 15.90 -0.17
CA GLY A 1048 -36.30 16.45 1.17
C GLY A 1048 -35.13 17.32 1.55
N PHE A 1049 -34.03 17.21 0.81
CA PHE A 1049 -32.87 18.08 1.04
C PHE A 1049 -33.08 19.48 0.52
N LEU A 1050 -34.14 19.72 -0.24
CA LEU A 1050 -34.39 21.04 -0.81
C LEU A 1050 -34.64 22.08 0.26
N GLU A 1051 -35.58 21.79 1.17
CA GLU A 1051 -35.80 22.69 2.30
C GLU A 1051 -34.66 22.63 3.30
N SER A 1052 -33.84 21.58 3.26
CA SER A 1052 -32.63 21.54 4.06
C SER A 1052 -31.52 22.39 3.46
N ILE A 1053 -31.68 22.84 2.22
CA ILE A 1053 -30.80 23.86 1.64
C ILE A 1053 -31.57 25.13 1.31
N CYS A 1054 -32.83 25.24 1.71
CA CYS A 1054 -33.57 26.48 1.50
C CYS A 1054 -32.94 27.68 2.20
N PRO A 1055 -32.53 27.63 3.47
CA PRO A 1055 -31.82 28.78 4.04
C PRO A 1055 -30.54 29.11 3.29
N ALA A 1056 -29.83 28.09 2.82
CA ALA A 1056 -28.60 28.33 2.07
C ALA A 1056 -28.87 29.04 0.74
N LEU A 1057 -29.91 28.60 0.03
CA LEU A 1057 -30.21 29.16 -1.28
C LEU A 1057 -30.93 30.50 -1.20
N GLU A 1058 -31.56 30.82 -0.06
CA GLU A 1058 -32.32 32.06 0.03
C GLU A 1058 -31.42 33.28 -0.14
N LEU A 1059 -30.24 33.27 0.46
CA LEU A 1059 -29.35 34.42 0.38
C LEU A 1059 -28.80 34.63 -1.02
N SER A 1060 -28.68 33.56 -1.81
CA SER A 1060 -28.08 33.63 -3.14
C SER A 1060 -28.99 32.94 -4.15
N LYS A 1061 -30.27 33.30 -4.13
CA LYS A 1061 -31.25 32.66 -5.01
C LYS A 1061 -30.96 32.92 -6.48
N ALA A 1062 -30.60 34.15 -6.81
CA ALA A 1062 -30.43 34.52 -8.22
C ALA A 1062 -29.26 33.77 -8.86
N SER A 1063 -28.16 33.59 -8.12
CA SER A 1063 -26.94 33.03 -8.69
C SER A 1063 -27.10 31.60 -9.21
N VAL A 1064 -28.27 30.97 -9.01
CA VAL A 1064 -28.50 29.64 -9.54
C VAL A 1064 -28.55 29.69 -11.07
N THR A 1065 -28.18 28.59 -11.70
CA THR A 1065 -28.29 28.45 -13.15
C THR A 1065 -28.90 27.13 -13.60
N LYS A 1066 -28.89 26.09 -12.77
CA LYS A 1066 -29.47 24.81 -13.14
C LYS A 1066 -29.75 24.02 -11.87
N CYS A 1067 -30.92 23.38 -11.83
CA CYS A 1067 -31.33 22.54 -10.70
C CYS A 1067 -31.82 21.23 -11.27
N SER A 1068 -31.06 20.16 -11.07
CA SER A 1068 -31.37 18.85 -11.63
C SER A 1068 -31.97 17.96 -10.56
N MET A 1069 -33.11 17.35 -10.88
CA MET A 1069 -33.87 16.52 -9.96
C MET A 1069 -34.06 15.14 -10.58
N SER A 1070 -33.37 14.14 -10.04
CA SER A 1070 -33.35 12.80 -10.62
C SER A 1070 -34.05 11.83 -9.68
N ARG A 1071 -35.22 11.35 -10.09
CA ARG A 1071 -35.88 10.19 -9.46
C ARG A 1071 -36.12 10.44 -7.97
N LEU A 1072 -36.98 11.43 -7.74
CA LEU A 1072 -37.40 11.81 -6.40
C LEU A 1072 -38.81 12.40 -6.48
N GLU A 1073 -39.39 12.70 -5.32
CA GLU A 1073 -40.70 13.32 -5.23
C GLU A 1073 -40.61 14.58 -4.38
N LEU A 1074 -41.09 15.69 -4.92
CA LEU A 1074 -40.93 16.98 -4.27
C LEU A 1074 -42.08 17.27 -3.31
N SER A 1075 -41.95 18.36 -2.57
CA SER A 1075 -42.93 18.76 -1.57
C SER A 1075 -43.39 20.20 -1.82
N ARG A 1076 -44.62 20.48 -1.38
CA ARG A 1076 -45.18 21.82 -1.54
C ARG A 1076 -44.37 22.86 -0.77
N ALA A 1077 -43.90 22.51 0.44
CA ALA A 1077 -43.15 23.43 1.26
C ALA A 1077 -41.79 23.79 0.69
N GLU A 1078 -41.33 23.08 -0.35
CA GLU A 1078 -40.05 23.36 -0.96
C GLU A 1078 -40.14 23.77 -2.42
N GLN A 1079 -41.25 23.47 -3.12
CA GLN A 1079 -41.38 23.84 -4.53
C GLN A 1079 -41.43 25.35 -4.74
N GLU A 1080 -41.80 26.12 -3.71
CA GLU A 1080 -41.85 27.57 -3.83
C GLU A 1080 -40.47 28.16 -4.10
N LEU A 1081 -39.43 27.57 -3.50
CA LEU A 1081 -38.06 28.03 -3.77
C LEU A 1081 -37.72 27.90 -5.25
N LEU A 1082 -37.99 26.73 -5.84
CA LEU A 1082 -37.70 26.54 -7.26
C LEU A 1082 -38.53 27.50 -8.10
N LEU A 1083 -39.79 27.70 -7.72
CA LEU A 1083 -40.62 28.63 -8.47
C LEU A 1083 -40.16 30.07 -8.33
N THR A 1084 -39.39 30.38 -7.28
CA THR A 1084 -38.95 31.74 -6.99
C THR A 1084 -37.47 31.98 -7.30
N LEU A 1085 -36.88 31.20 -8.21
CA LEU A 1085 -35.48 31.40 -8.55
C LEU A 1085 -35.38 32.49 -9.62
N PRO A 1086 -35.03 33.72 -9.24
CA PRO A 1086 -35.17 34.86 -10.16
C PRO A 1086 -34.24 34.80 -11.36
N ALA A 1087 -32.93 34.72 -11.14
CA ALA A 1087 -31.97 34.64 -12.23
C ALA A 1087 -31.64 33.20 -12.61
N LEU A 1088 -32.57 32.28 -12.37
CA LEU A 1088 -32.39 30.90 -12.79
C LEU A 1088 -32.21 30.82 -14.29
N GLN A 1089 -31.23 30.04 -14.72
CA GLN A 1089 -31.18 29.64 -16.12
C GLN A 1089 -31.95 28.34 -16.32
N SER A 1090 -31.60 27.29 -15.58
CA SER A 1090 -32.17 25.97 -15.79
C SER A 1090 -32.79 25.41 -14.52
N LEU A 1091 -33.78 24.54 -14.72
CA LEU A 1091 -34.25 23.62 -13.70
C LEU A 1091 -34.55 22.30 -14.39
N GLU A 1092 -34.17 21.20 -13.75
CA GLU A 1092 -34.29 19.88 -14.34
C GLU A 1092 -34.92 18.93 -13.33
N VAL A 1093 -36.01 18.28 -13.74
CA VAL A 1093 -36.64 17.22 -12.96
C VAL A 1093 -36.79 16.02 -13.87
N SER A 1094 -36.12 14.92 -13.55
CA SER A 1094 -36.06 13.77 -14.44
C SER A 1094 -36.09 12.49 -13.63
N GLU A 1095 -36.23 11.38 -14.36
CA GLU A 1095 -36.26 10.02 -13.82
C GLU A 1095 -37.39 9.78 -12.83
N THR A 1096 -38.36 10.68 -12.76
CA THR A 1096 -39.53 10.47 -11.91
C THR A 1096 -40.45 9.46 -12.58
N ASN A 1097 -40.81 8.41 -11.86
CA ASN A 1097 -41.58 7.30 -12.43
C ASN A 1097 -43.07 7.43 -12.23
N GLN A 1098 -43.54 8.44 -11.48
CA GLN A 1098 -44.96 8.58 -11.17
C GLN A 1098 -45.44 9.98 -11.49
N LEU A 1099 -46.62 10.06 -12.09
CA LEU A 1099 -47.21 11.34 -12.44
C LEU A 1099 -47.46 12.18 -11.19
N PRO A 1100 -47.20 13.49 -11.24
CA PRO A 1100 -47.43 14.37 -10.07
C PRO A 1100 -48.84 14.95 -10.07
N GLU A 1101 -49.84 14.08 -9.91
CA GLU A 1101 -51.23 14.53 -9.96
C GLU A 1101 -51.56 15.48 -8.81
N GLN A 1102 -51.10 15.16 -7.60
CA GLN A 1102 -51.38 16.02 -6.45
C GLN A 1102 -50.19 16.24 -5.52
N LEU A 1103 -49.12 15.44 -5.62
CA LEU A 1103 -48.00 15.62 -4.71
C LEU A 1103 -47.21 16.88 -5.03
N PHE A 1104 -46.94 17.13 -6.31
CA PHE A 1104 -46.24 18.34 -6.72
C PHE A 1104 -47.20 19.52 -6.67
N HIS A 1105 -46.80 20.58 -5.96
CA HIS A 1105 -47.71 21.70 -5.73
C HIS A 1105 -47.86 22.58 -6.96
N ASN A 1106 -46.76 23.22 -7.38
CA ASN A 1106 -46.84 24.19 -8.47
C ASN A 1106 -45.43 24.37 -9.05
N LEU A 1107 -45.21 23.85 -10.27
CA LEU A 1107 -44.01 24.21 -11.04
C LEU A 1107 -44.45 24.58 -12.46
N HIS A 1108 -44.92 25.82 -12.61
CA HIS A 1108 -45.10 26.42 -13.94
C HIS A 1108 -44.70 27.89 -14.01
N LYS A 1109 -44.69 28.62 -12.90
CA LYS A 1109 -44.54 30.08 -12.90
C LYS A 1109 -43.25 30.48 -12.17
N PHE A 1110 -42.16 30.58 -12.93
CA PHE A 1110 -40.89 31.04 -12.40
C PHE A 1110 -40.91 32.57 -12.33
N LEU A 1111 -39.75 33.19 -12.16
CA LEU A 1111 -39.63 34.64 -12.16
C LEU A 1111 -38.86 35.16 -13.37
N GLY A 1112 -37.62 34.71 -13.54
CA GLY A 1112 -36.82 35.07 -14.70
C GLY A 1112 -36.40 33.85 -15.48
N LEU A 1113 -37.33 32.92 -15.69
CA LEU A 1113 -37.01 31.60 -16.22
C LEU A 1113 -36.26 31.69 -17.54
N LYS A 1114 -35.23 30.86 -17.67
CA LYS A 1114 -34.60 30.63 -18.96
C LYS A 1114 -34.73 29.18 -19.43
N GLU A 1115 -35.04 28.24 -18.54
CA GLU A 1115 -35.43 26.89 -18.93
C GLU A 1115 -35.81 26.02 -17.73
N LEU A 1116 -36.68 25.04 -17.95
CA LEU A 1116 -37.17 24.15 -16.90
C LEU A 1116 -37.43 22.77 -17.49
N CYS A 1117 -37.27 21.74 -16.65
CA CYS A 1117 -37.53 20.36 -17.06
C CYS A 1117 -38.34 19.64 -16.01
N VAL A 1118 -39.36 18.90 -16.45
CA VAL A 1118 -40.25 18.13 -15.57
C VAL A 1118 -40.32 16.69 -16.05
N ARG A 1119 -39.21 16.16 -16.59
CA ARG A 1119 -39.17 14.83 -17.15
C ARG A 1119 -39.79 13.81 -16.19
N LEU A 1120 -40.48 12.82 -16.77
CA LEU A 1120 -41.19 11.86 -15.95
C LEU A 1120 -41.38 10.56 -16.74
N ASP A 1121 -41.46 9.46 -16.01
CA ASP A 1121 -41.56 8.12 -16.59
C ASP A 1121 -42.85 7.44 -16.12
N GLY A 1122 -42.99 6.18 -16.51
CA GLY A 1122 -44.19 5.41 -16.19
C GLY A 1122 -45.26 5.56 -17.28
N LYS A 1123 -46.32 6.32 -16.98
CA LYS A 1123 -47.36 6.67 -17.93
C LYS A 1123 -47.58 8.17 -17.91
N PRO A 1124 -46.60 8.95 -18.37
CA PRO A 1124 -46.69 10.41 -18.24
C PRO A 1124 -47.44 11.06 -19.41
N ASN A 1125 -48.00 12.22 -19.11
CA ASN A 1125 -48.61 13.10 -20.11
C ASN A 1125 -48.18 14.54 -19.85
N VAL A 1126 -46.87 14.73 -19.66
CA VAL A 1126 -46.32 16.00 -19.22
C VAL A 1126 -46.70 17.15 -20.14
N LEU A 1127 -47.00 16.87 -21.40
CA LEU A 1127 -47.52 17.91 -22.28
C LEU A 1127 -48.92 18.38 -21.88
N SER A 1128 -49.52 17.75 -20.87
CA SER A 1128 -50.83 18.16 -20.36
C SER A 1128 -50.89 18.30 -18.85
N VAL A 1129 -49.97 17.70 -18.10
CA VAL A 1129 -49.92 17.86 -16.64
C VAL A 1129 -49.47 19.27 -16.33
N LEU A 1130 -49.56 19.66 -15.04
CA LEU A 1130 -49.24 21.03 -14.63
C LEU A 1130 -50.09 21.99 -15.43
N PRO A 1131 -51.37 22.15 -15.06
CA PRO A 1131 -52.38 22.72 -15.97
C PRO A 1131 -52.03 24.04 -16.65
N ARG A 1132 -52.87 24.40 -17.63
CA ARG A 1132 -52.58 25.37 -18.69
C ARG A 1132 -51.82 26.61 -18.24
N GLU A 1133 -52.05 27.06 -17.00
CA GLU A 1133 -51.36 28.25 -16.52
C GLU A 1133 -49.84 28.04 -16.50
N PHE A 1134 -49.14 28.71 -17.42
CA PHE A 1134 -47.69 28.65 -17.51
C PHE A 1134 -47.18 30.08 -17.71
N PRO A 1135 -47.31 30.92 -16.67
CA PRO A 1135 -47.03 32.35 -16.86
C PRO A 1135 -45.60 32.65 -17.28
N ASN A 1136 -44.62 31.86 -16.84
CA ASN A 1136 -43.21 32.14 -17.10
C ASN A 1136 -42.63 31.03 -17.97
N LEU A 1137 -42.75 31.20 -19.28
CA LEU A 1137 -42.12 30.37 -20.30
C LEU A 1137 -41.49 31.26 -21.37
N LEU A 1138 -40.76 32.28 -20.92
CA LEU A 1138 -40.41 33.42 -21.77
C LEU A 1138 -39.13 33.23 -22.56
N HIS A 1139 -38.10 32.60 -21.99
CA HIS A 1139 -36.79 32.56 -22.62
C HIS A 1139 -36.22 31.14 -22.59
N MET A 1140 -37.04 30.17 -22.99
CA MET A 1140 -36.67 28.76 -22.99
C MET A 1140 -35.29 28.53 -23.61
N GLU A 1141 -34.44 27.78 -22.89
CA GLU A 1141 -33.12 27.44 -23.42
C GLU A 1141 -32.81 25.94 -23.41
N LYS A 1142 -33.18 25.22 -22.36
CA LYS A 1142 -32.72 23.83 -22.21
C LYS A 1142 -33.72 23.06 -21.36
N LEU A 1143 -34.56 22.27 -22.01
CA LEU A 1143 -35.55 21.47 -21.30
C LEU A 1143 -35.42 20.01 -21.70
N SER A 1144 -35.70 19.13 -20.73
CA SER A 1144 -35.55 17.67 -20.93
C SER A 1144 -36.74 16.98 -20.28
N ILE A 1145 -37.69 16.51 -21.09
CA ILE A 1145 -38.83 15.76 -20.59
C ILE A 1145 -39.17 14.59 -21.50
N GLN A 1146 -38.71 13.39 -21.15
CA GLN A 1146 -39.20 12.18 -21.81
C GLN A 1146 -40.65 11.95 -21.43
N THR A 1147 -41.47 11.55 -22.40
CA THR A 1147 -42.91 11.47 -22.17
C THR A 1147 -43.48 10.32 -23.01
N SER A 1148 -43.90 9.25 -22.34
CA SER A 1148 -44.75 8.25 -22.98
C SER A 1148 -46.15 8.84 -23.03
N THR A 1149 -46.36 9.70 -24.03
CA THR A 1149 -47.46 10.66 -24.01
C THR A 1149 -48.82 9.99 -23.84
N GLU A 1150 -49.66 10.60 -23.00
CA GLU A 1150 -51.05 10.20 -22.85
C GLU A 1150 -52.04 11.28 -23.22
N SER A 1151 -51.63 12.55 -23.23
CA SER A 1151 -52.48 13.66 -23.66
C SER A 1151 -51.60 14.85 -23.97
N ASP A 1152 -51.91 15.54 -25.07
CA ASP A 1152 -51.09 16.64 -25.56
C ASP A 1152 -51.87 17.91 -25.88
N LEU A 1153 -53.19 17.83 -26.10
CA LEU A 1153 -53.95 18.97 -26.59
C LEU A 1153 -53.91 20.16 -25.65
N SER A 1154 -53.52 19.97 -24.39
CA SER A 1154 -53.40 21.10 -23.46
C SER A 1154 -52.35 22.10 -23.90
N LYS A 1155 -51.38 21.69 -24.72
CA LYS A 1155 -50.30 22.57 -25.14
C LYS A 1155 -50.32 22.76 -26.65
N LEU A 1156 -51.48 23.03 -27.22
CA LEU A 1156 -51.59 23.23 -28.66
C LEU A 1156 -51.04 24.59 -29.07
N VAL A 1157 -51.63 25.66 -28.56
CA VAL A 1157 -51.20 27.02 -28.89
C VAL A 1157 -50.29 27.58 -27.80
N LYS A 1158 -49.67 26.71 -27.00
CA LYS A 1158 -48.89 27.11 -25.85
C LYS A 1158 -47.44 27.36 -26.27
N PHE A 1159 -46.53 27.42 -25.29
CA PHE A 1159 -45.17 27.91 -25.49
C PHE A 1159 -44.39 27.17 -26.56
N ILE A 1160 -44.76 25.93 -26.90
CA ILE A 1160 -43.92 25.08 -27.73
C ILE A 1160 -43.58 25.70 -29.08
N GLN A 1161 -44.22 26.80 -29.46
CA GLN A 1161 -43.81 27.60 -30.61
C GLN A 1161 -43.01 28.83 -30.23
N ASN A 1162 -43.13 29.30 -28.98
CA ASN A 1162 -42.44 30.49 -28.51
C ASN A 1162 -41.15 30.06 -27.80
N PHE A 1163 -40.13 29.78 -28.61
CA PHE A 1163 -38.82 29.35 -28.10
C PHE A 1163 -37.74 30.28 -28.62
N PRO A 1164 -37.28 31.26 -27.83
CA PRO A 1164 -36.26 32.19 -28.32
C PRO A 1164 -34.92 31.53 -28.65
N ASN A 1165 -34.31 30.89 -27.67
CA ASN A 1165 -32.97 30.30 -27.84
C ASN A 1165 -32.90 28.93 -27.20
N LEU A 1166 -33.93 28.10 -27.41
CA LEU A 1166 -33.95 26.77 -26.84
C LEU A 1166 -32.81 25.91 -27.41
N HIS A 1167 -32.12 25.17 -26.54
CA HIS A 1167 -31.07 24.26 -26.99
C HIS A 1167 -31.54 22.80 -27.01
N VAL A 1168 -31.92 22.24 -25.86
CA VAL A 1168 -32.17 20.80 -25.78
C VAL A 1168 -33.67 20.58 -25.72
N PHE A 1169 -34.10 19.42 -26.23
CA PHE A 1169 -35.51 19.03 -26.16
C PHE A 1169 -35.52 17.50 -26.06
N HIS A 1170 -35.52 16.98 -24.84
CA HIS A 1170 -35.44 15.54 -24.61
C HIS A 1170 -36.84 14.95 -24.50
N LEU A 1171 -37.66 15.21 -25.51
CA LEU A 1171 -39.06 14.76 -25.49
C LEU A 1171 -39.16 13.35 -26.07
N LYS A 1172 -40.40 12.88 -26.25
CA LYS A 1172 -40.67 11.48 -26.50
C LYS A 1172 -42.15 11.31 -26.79
N CYS A 1173 -42.48 10.27 -27.56
CA CYS A 1173 -43.86 9.86 -27.79
C CYS A 1173 -43.84 8.36 -28.05
N ASP A 1174 -44.61 7.59 -27.27
CA ASP A 1174 -44.43 6.14 -27.27
C ASP A 1174 -45.61 5.36 -27.83
N PHE A 1175 -46.80 5.44 -27.23
CA PHE A 1175 -47.78 4.42 -27.57
C PHE A 1175 -48.84 4.83 -28.58
N LEU A 1176 -49.78 5.71 -28.18
CA LEU A 1176 -50.92 6.00 -29.04
C LEU A 1176 -51.37 7.46 -29.05
N SER A 1177 -51.05 8.26 -28.04
CA SER A 1177 -51.79 9.50 -27.77
C SER A 1177 -51.44 10.55 -28.81
N ASN A 1178 -52.26 10.62 -29.85
CA ASN A 1178 -52.20 11.66 -30.89
C ASN A 1178 -50.77 12.00 -31.28
N CYS A 1179 -50.04 10.98 -31.75
CA CYS A 1179 -48.66 11.18 -32.14
C CYS A 1179 -48.54 12.20 -33.27
N GLU A 1180 -49.40 12.07 -34.28
CA GLU A 1180 -49.34 12.95 -35.44
C GLU A 1180 -49.62 14.39 -35.03
N SER A 1181 -50.66 14.61 -34.22
CA SER A 1181 -50.98 15.97 -33.80
C SER A 1181 -49.90 16.55 -32.90
N LEU A 1182 -49.44 15.76 -31.91
CA LEU A 1182 -48.45 16.27 -30.98
C LEU A 1182 -47.19 16.67 -31.73
N MET A 1183 -46.74 15.84 -32.67
CA MET A 1183 -45.48 16.17 -33.31
C MET A 1183 -45.64 17.09 -34.50
N ALA A 1184 -46.87 17.30 -34.99
CA ALA A 1184 -47.11 18.41 -35.90
C ALA A 1184 -47.02 19.75 -35.17
N VAL A 1185 -47.51 19.81 -33.92
CA VAL A 1185 -47.42 21.05 -33.18
C VAL A 1185 -46.10 21.20 -32.43
N LEU A 1186 -45.34 20.12 -32.28
CA LEU A 1186 -44.08 20.13 -31.57
C LEU A 1186 -42.87 20.15 -32.49
N ALA A 1187 -43.01 19.62 -33.71
CA ALA A 1187 -41.91 19.67 -34.68
C ALA A 1187 -41.60 21.08 -35.12
N SER A 1188 -42.49 22.03 -34.87
CA SER A 1188 -42.22 23.44 -35.13
C SER A 1188 -41.02 23.90 -34.33
N CYS A 1189 -39.93 24.26 -35.03
CA CYS A 1189 -38.72 24.76 -34.39
C CYS A 1189 -38.27 26.03 -35.09
N LYS A 1190 -37.86 27.02 -34.29
CA LYS A 1190 -37.28 28.26 -34.79
C LYS A 1190 -35.76 28.26 -34.67
N LYS A 1191 -35.24 27.95 -33.48
CA LYS A 1191 -33.81 27.77 -33.29
C LYS A 1191 -33.51 26.60 -32.37
N LEU A 1192 -34.51 25.80 -32.02
CA LEU A 1192 -34.34 24.67 -31.11
C LEU A 1192 -33.30 23.70 -31.65
N ARG A 1193 -32.16 23.59 -30.97
CA ARG A 1193 -31.07 22.77 -31.49
C ARG A 1193 -31.28 21.29 -31.19
N GLU A 1194 -31.27 20.91 -29.93
CA GLU A 1194 -31.25 19.50 -29.56
C GLU A 1194 -32.67 19.03 -29.28
N ILE A 1195 -33.14 18.06 -30.07
CA ILE A 1195 -34.53 17.61 -30.01
C ILE A 1195 -34.55 16.11 -29.72
N GLU A 1196 -33.61 15.66 -28.89
CA GLU A 1196 -33.45 14.24 -28.57
C GLU A 1196 -34.78 13.54 -28.34
N PHE A 1197 -34.86 12.28 -28.79
CA PHE A 1197 -36.08 11.51 -28.71
C PHE A 1197 -35.73 10.08 -28.29
N SER A 1198 -36.77 9.33 -27.88
CA SER A 1198 -36.57 7.98 -27.37
C SER A 1198 -37.57 6.96 -27.93
N GLY A 1199 -38.29 7.30 -28.98
CA GLY A 1199 -39.27 6.37 -29.52
C GLY A 1199 -39.88 6.89 -30.79
N ARG A 1200 -41.06 6.37 -31.13
CA ARG A 1200 -41.74 6.76 -32.36
C ARG A 1200 -42.21 8.20 -32.23
N CYS A 1201 -41.31 9.13 -32.56
CA CYS A 1201 -41.52 10.54 -32.30
C CYS A 1201 -42.37 11.20 -33.38
N PHE A 1202 -41.94 11.10 -34.63
CA PHE A 1202 -42.67 11.71 -35.74
C PHE A 1202 -43.86 10.84 -36.14
N GLU A 1203 -44.51 11.22 -37.24
CA GLU A 1203 -45.61 10.45 -37.81
C GLU A 1203 -45.60 10.66 -39.31
N ALA A 1204 -46.67 10.23 -39.98
CA ALA A 1204 -46.67 10.14 -41.43
C ALA A 1204 -46.52 11.51 -42.09
N MET A 1205 -47.53 12.38 -41.93
CA MET A 1205 -47.56 13.65 -42.63
C MET A 1205 -47.32 14.84 -41.70
N THR A 1206 -46.80 14.62 -40.51
CA THR A 1206 -46.65 15.67 -39.52
C THR A 1206 -45.19 15.94 -39.16
N PHE A 1207 -44.28 15.69 -40.11
CA PHE A 1207 -42.86 15.99 -39.94
C PHE A 1207 -42.31 16.63 -41.19
N VAL A 1208 -43.08 17.54 -41.79
CA VAL A 1208 -42.75 18.17 -43.06
C VAL A 1208 -42.63 19.68 -42.96
N ASN A 1209 -42.89 20.25 -41.78
CA ASN A 1209 -42.98 21.70 -41.67
C ASN A 1209 -41.63 22.38 -41.88
N ILE A 1210 -40.67 22.14 -40.99
CA ILE A 1210 -39.38 22.81 -41.10
C ILE A 1210 -38.20 21.87 -40.99
N LEU A 1211 -38.34 20.66 -40.46
CA LEU A 1211 -37.19 19.75 -40.37
C LEU A 1211 -36.59 19.40 -41.72
N PRO A 1212 -37.36 19.11 -42.78
CA PRO A 1212 -36.73 18.94 -44.10
C PRO A 1212 -36.03 20.19 -44.61
N ASN A 1213 -36.45 21.38 -44.18
CA ASN A 1213 -36.00 22.63 -44.78
C ASN A 1213 -35.48 23.59 -43.71
N PHE A 1214 -34.61 23.11 -42.83
CA PHE A 1214 -33.97 23.97 -41.85
C PHE A 1214 -32.62 23.39 -41.46
N VAL A 1215 -31.91 24.10 -40.59
CA VAL A 1215 -30.55 23.75 -40.19
C VAL A 1215 -30.43 23.67 -38.67
N SER A 1216 -31.28 24.41 -37.96
CA SER A 1216 -31.10 24.67 -36.54
C SER A 1216 -31.42 23.41 -35.72
N LEU A 1217 -30.44 22.52 -35.64
CA LEU A 1217 -30.52 21.33 -34.80
C LEU A 1217 -29.12 21.03 -34.27
N LYS A 1218 -29.04 20.49 -33.04
CA LYS A 1218 -27.76 20.02 -32.51
C LYS A 1218 -27.78 18.56 -32.07
N ILE A 1219 -28.67 18.17 -31.15
CA ILE A 1219 -28.62 16.84 -30.53
C ILE A 1219 -30.00 16.18 -30.59
N LEU A 1220 -30.75 16.41 -31.66
CA LEU A 1220 -31.93 15.57 -31.89
C LEU A 1220 -31.44 14.14 -32.13
N ASN A 1221 -31.69 13.26 -31.15
CA ASN A 1221 -31.17 11.90 -31.17
C ASN A 1221 -32.31 10.91 -31.36
N LEU A 1222 -32.03 9.84 -32.08
CA LEU A 1222 -33.05 8.87 -32.47
C LEU A 1222 -32.55 7.44 -32.25
N LYS A 1223 -32.00 7.17 -31.06
CA LYS A 1223 -31.45 5.84 -30.78
C LYS A 1223 -32.55 4.80 -30.55
N ASP A 1224 -33.60 5.15 -29.82
CA ASP A 1224 -34.57 4.18 -29.32
C ASP A 1224 -35.83 4.10 -30.17
N GLN A 1225 -35.69 4.21 -31.49
CA GLN A 1225 -36.84 4.13 -32.39
C GLN A 1225 -37.03 2.71 -32.89
N GLN A 1226 -38.25 2.18 -32.72
CA GLN A 1226 -38.58 0.85 -33.26
C GLN A 1226 -40.09 0.74 -33.39
N PHE A 1227 -40.60 0.76 -34.62
CA PHE A 1227 -41.99 0.42 -34.89
C PHE A 1227 -42.06 -0.49 -36.10
N PRO A 1228 -43.09 -1.34 -36.19
CA PRO A 1228 -43.15 -2.33 -37.28
C PRO A 1228 -43.97 -1.92 -38.49
N ASP A 1229 -44.71 -0.81 -38.39
CA ASP A 1229 -45.57 -0.40 -39.50
C ASP A 1229 -44.73 0.02 -40.71
N LYS A 1230 -45.19 -0.38 -41.89
CA LYS A 1230 -44.43 -0.22 -43.12
C LYS A 1230 -44.87 0.99 -43.94
N GLU A 1231 -46.16 1.04 -44.30
CA GLU A 1231 -46.63 2.09 -45.21
C GLU A 1231 -46.55 3.47 -44.56
N THR A 1232 -46.83 3.56 -43.26
CA THR A 1232 -46.77 4.84 -42.58
C THR A 1232 -45.36 5.40 -42.59
N SER A 1233 -44.36 4.55 -42.36
CA SER A 1233 -42.98 4.99 -42.46
C SER A 1233 -42.57 5.28 -43.91
N GLU A 1234 -43.14 4.54 -44.86
CA GLU A 1234 -42.85 4.77 -46.27
C GLU A 1234 -43.32 6.15 -46.70
N LYS A 1235 -44.50 6.56 -46.25
CA LYS A 1235 -45.08 7.84 -46.64
C LYS A 1235 -44.61 9.00 -45.77
N PHE A 1236 -43.74 8.75 -44.79
CA PHE A 1236 -43.26 9.80 -43.91
C PHE A 1236 -41.90 10.36 -44.32
N ALA A 1237 -40.94 9.49 -44.60
CA ALA A 1237 -39.54 9.90 -44.66
C ALA A 1237 -39.14 10.50 -46.00
N GLN A 1238 -40.10 10.96 -46.81
CA GLN A 1238 -39.73 11.87 -47.89
C GLN A 1238 -39.30 13.22 -47.35
N ALA A 1239 -39.88 13.64 -46.23
CA ALA A 1239 -39.49 14.86 -45.53
C ALA A 1239 -38.26 14.56 -44.66
N LEU A 1240 -37.97 15.49 -43.74
CA LEU A 1240 -36.86 15.50 -42.79
C LEU A 1240 -35.54 15.88 -43.48
N GLY A 1241 -35.50 15.95 -44.82
CA GLY A 1241 -34.46 16.61 -45.59
C GLY A 1241 -33.04 16.53 -45.07
N SER A 1242 -32.38 17.68 -44.98
CA SER A 1242 -31.00 17.77 -44.54
C SER A 1242 -30.84 18.95 -43.60
N LEU A 1243 -29.82 18.85 -42.74
CA LEU A 1243 -29.45 19.90 -41.80
C LEU A 1243 -27.93 20.03 -41.81
N ARG A 1244 -27.42 21.07 -41.15
CA ARG A 1244 -25.97 21.27 -41.17
C ARG A 1244 -25.36 21.43 -39.78
N ASN A 1245 -26.04 22.10 -38.86
CA ASN A 1245 -25.50 22.36 -37.53
C ASN A 1245 -25.72 21.19 -36.58
N LEU A 1246 -26.41 20.15 -37.03
CA LEU A 1246 -26.72 19.00 -36.19
C LEU A 1246 -25.44 18.30 -35.74
N GLU A 1247 -25.48 17.70 -34.56
CA GLU A 1247 -24.28 17.05 -34.04
C GLU A 1247 -24.49 15.59 -33.64
N GLU A 1248 -25.65 15.25 -33.09
CA GLU A 1248 -25.91 13.91 -32.57
C GLU A 1248 -27.18 13.33 -33.16
N LEU A 1249 -27.42 13.59 -34.45
CA LEU A 1249 -28.56 12.98 -35.12
C LEU A 1249 -28.32 11.47 -35.26
N LEU A 1250 -29.30 10.69 -34.82
CA LEU A 1250 -29.26 9.25 -35.00
C LEU A 1250 -30.41 8.86 -35.91
N VAL A 1251 -30.34 7.65 -36.47
CA VAL A 1251 -31.24 7.20 -37.51
C VAL A 1251 -32.47 6.57 -36.87
N PRO A 1252 -33.68 6.97 -37.24
CA PRO A 1252 -34.89 6.34 -36.69
C PRO A 1252 -35.20 5.01 -37.34
N THR A 1253 -36.36 4.46 -37.00
CA THR A 1253 -36.76 3.12 -37.39
C THR A 1253 -37.65 3.14 -38.64
N GLY A 1254 -38.23 1.98 -38.95
CA GLY A 1254 -39.10 1.80 -40.10
C GLY A 1254 -38.77 0.55 -40.87
N ASP A 1255 -39.76 -0.34 -41.02
CA ASP A 1255 -39.52 -1.60 -41.73
C ASP A 1255 -39.50 -1.39 -43.24
N GLY A 1256 -40.49 -0.66 -43.77
CA GLY A 1256 -40.52 -0.36 -45.18
C GLY A 1256 -40.03 1.05 -45.48
N ILE A 1257 -39.35 1.65 -44.50
CA ILE A 1257 -38.88 3.03 -44.65
C ILE A 1257 -37.63 3.15 -45.50
N HIS A 1258 -36.94 2.05 -45.78
CA HIS A 1258 -35.60 2.13 -46.39
C HIS A 1258 -35.63 2.75 -47.78
N GLN A 1259 -36.72 2.54 -48.53
CA GLN A 1259 -36.77 2.99 -49.92
C GLN A 1259 -36.55 4.49 -50.03
N VAL A 1260 -37.03 5.25 -49.06
CA VAL A 1260 -36.76 6.68 -49.00
C VAL A 1260 -35.75 7.05 -47.91
N ALA A 1261 -35.45 6.12 -46.99
CA ALA A 1261 -34.39 6.35 -46.03
C ALA A 1261 -33.03 6.38 -46.69
N LYS A 1262 -32.87 5.72 -47.85
CA LYS A 1262 -31.65 5.88 -48.61
C LYS A 1262 -31.45 7.33 -49.06
N LEU A 1263 -32.52 7.98 -49.54
CA LEU A 1263 -32.44 9.40 -49.85
C LEU A 1263 -32.26 10.23 -48.58
N ILE A 1264 -32.83 9.77 -47.46
CA ILE A 1264 -32.68 10.48 -46.20
C ILE A 1264 -31.22 10.51 -45.78
N VAL A 1265 -30.53 9.37 -45.86
CA VAL A 1265 -29.11 9.35 -45.52
C VAL A 1265 -28.29 10.08 -46.58
N ARG A 1266 -28.76 10.08 -47.83
CA ARG A 1266 -28.09 10.88 -48.86
C ARG A 1266 -28.10 12.36 -48.48
N GLN A 1267 -29.24 12.85 -47.98
CA GLN A 1267 -29.30 14.22 -47.49
C GLN A 1267 -28.51 14.38 -46.19
N CYS A 1268 -28.46 13.32 -45.36
CA CYS A 1268 -27.66 13.36 -44.15
C CYS A 1268 -26.18 13.49 -44.44
N LEU A 1269 -25.75 13.10 -45.65
CA LEU A 1269 -24.38 13.38 -46.08
C LEU A 1269 -24.10 14.87 -46.13
N GLN A 1270 -25.14 15.70 -46.22
CA GLN A 1270 -25.00 17.16 -46.22
C GLN A 1270 -25.00 17.74 -44.81
N LEU A 1271 -24.55 16.97 -43.83
CA LEU A 1271 -24.53 17.37 -42.43
C LEU A 1271 -23.10 17.23 -41.91
N PRO A 1272 -22.20 18.12 -42.34
CA PRO A 1272 -20.78 17.94 -42.00
C PRO A 1272 -20.43 18.47 -40.63
N CYS A 1273 -21.25 18.17 -39.62
CA CYS A 1273 -20.93 18.53 -38.25
C CYS A 1273 -21.35 17.47 -37.25
N LEU A 1274 -21.63 16.25 -37.70
CA LEU A 1274 -22.16 15.21 -36.83
C LEU A 1274 -21.04 14.44 -36.14
N ARG A 1275 -21.36 13.88 -34.98
CA ARG A 1275 -20.42 13.06 -34.23
C ARG A 1275 -20.98 11.73 -33.76
N VAL A 1276 -22.30 11.58 -33.65
CA VAL A 1276 -22.95 10.35 -33.20
C VAL A 1276 -24.01 9.95 -34.21
N LEU A 1277 -24.14 8.64 -34.44
CA LEU A 1277 -25.06 8.13 -35.44
C LEU A 1277 -25.43 6.69 -35.08
N THR A 1278 -26.54 6.22 -35.66
CA THR A 1278 -27.06 4.88 -35.39
C THR A 1278 -27.20 4.00 -36.61
N PHE A 1279 -27.72 4.52 -37.72
CA PHE A 1279 -28.00 3.73 -38.92
C PHE A 1279 -28.92 2.55 -38.59
N HIS A 1280 -30.14 2.90 -38.17
CA HIS A 1280 -31.08 1.93 -37.63
C HIS A 1280 -31.84 1.19 -38.72
N ASP A 1281 -31.90 -0.13 -38.59
CA ASP A 1281 -32.96 -0.95 -39.17
C ASP A 1281 -33.04 -0.79 -40.70
N ILE A 1282 -31.96 -1.21 -41.35
CA ILE A 1282 -31.95 -1.33 -42.80
C ILE A 1282 -32.27 -2.79 -43.15
N LEU A 1283 -33.17 -2.98 -44.10
CA LEU A 1283 -33.75 -4.29 -44.34
C LEU A 1283 -33.63 -4.77 -45.78
N ASP A 1284 -33.76 -3.86 -46.76
CA ASP A 1284 -33.67 -4.27 -48.16
C ASP A 1284 -32.31 -4.84 -48.50
N ASP A 1285 -31.27 -4.47 -47.75
CA ASP A 1285 -29.91 -5.00 -47.91
C ASP A 1285 -29.32 -4.61 -49.27
N ASP A 1286 -30.07 -3.83 -50.04
CA ASP A 1286 -29.55 -3.22 -51.26
C ASP A 1286 -29.23 -1.75 -51.07
N SER A 1287 -29.79 -1.11 -50.05
CA SER A 1287 -29.42 0.24 -49.65
C SER A 1287 -28.37 0.24 -48.55
N VAL A 1288 -27.91 -0.95 -48.12
CA VAL A 1288 -26.86 -1.01 -47.12
C VAL A 1288 -25.54 -0.51 -47.70
N ILE A 1289 -25.37 -0.63 -49.03
CA ILE A 1289 -24.19 -0.04 -49.68
C ILE A 1289 -24.29 1.48 -49.67
N GLU A 1290 -25.52 2.02 -49.69
CA GLU A 1290 -25.68 3.47 -49.66
C GLU A 1290 -25.06 4.07 -48.41
N ILE A 1291 -25.34 3.48 -47.24
CA ILE A 1291 -24.63 3.91 -46.05
C ILE A 1291 -23.34 3.11 -45.95
N ALA A 1292 -22.39 3.43 -46.81
CA ALA A 1292 -20.98 3.10 -46.65
C ALA A 1292 -20.24 4.42 -46.77
N ARG A 1293 -20.57 5.17 -47.82
CA ARG A 1293 -20.10 6.53 -48.01
C ARG A 1293 -21.18 7.57 -47.75
N ALA A 1294 -22.43 7.17 -47.64
CA ALA A 1294 -23.46 8.08 -47.15
C ALA A 1294 -23.18 8.39 -45.69
N ALA A 1295 -23.23 9.67 -45.33
CA ALA A 1295 -22.92 10.12 -43.98
C ALA A 1295 -21.53 9.69 -43.57
N THR A 1296 -21.40 8.46 -43.06
CA THR A 1296 -20.12 7.97 -42.56
C THR A 1296 -19.14 7.74 -43.71
N SER A 1297 -17.84 7.82 -43.38
CA SER A 1297 -16.75 7.59 -44.32
C SER A 1297 -16.74 8.61 -45.43
N GLY A 1298 -17.72 8.55 -46.33
CA GLY A 1298 -17.83 9.53 -47.39
C GLY A 1298 -18.33 10.86 -46.86
N GLY A 1299 -17.50 11.52 -46.05
CA GLY A 1299 -17.90 12.72 -45.36
C GLY A 1299 -17.80 12.52 -43.86
N PHE A 1300 -18.46 13.39 -43.09
CA PHE A 1300 -18.50 13.30 -41.63
C PHE A 1300 -17.09 13.32 -41.05
N GLN A 1301 -16.44 14.46 -41.25
CA GLN A 1301 -15.02 14.59 -40.93
C GLN A 1301 -14.71 14.38 -39.45
N LYS A 1302 -15.71 14.51 -38.57
CA LYS A 1302 -15.47 14.38 -37.13
C LYS A 1302 -16.53 13.48 -36.48
N LEU A 1303 -16.77 12.32 -37.08
CA LEU A 1303 -17.64 11.31 -36.49
C LEU A 1303 -16.87 10.53 -35.43
N GLU A 1304 -17.48 10.35 -34.26
CA GLU A 1304 -16.86 9.64 -33.16
C GLU A 1304 -17.59 8.36 -32.78
N ASN A 1305 -18.90 8.44 -32.56
CA ASN A 1305 -19.67 7.30 -32.10
C ASN A 1305 -20.51 6.74 -33.24
N LEU A 1306 -20.66 5.42 -33.25
CA LEU A 1306 -21.48 4.74 -34.26
C LEU A 1306 -22.03 3.47 -33.63
N ASP A 1307 -23.25 3.53 -33.11
CA ASP A 1307 -23.89 2.42 -32.44
C ASP A 1307 -24.96 1.83 -33.33
N ILE A 1308 -24.88 0.52 -33.57
CA ILE A 1308 -25.78 -0.15 -34.52
C ILE A 1308 -26.60 -1.16 -33.70
N SER A 1309 -26.95 -0.78 -32.47
CA SER A 1309 -27.59 -1.70 -31.54
C SER A 1309 -28.81 -2.38 -32.16
N MET A 1310 -28.91 -3.68 -31.92
CA MET A 1310 -30.06 -4.53 -32.27
C MET A 1310 -30.57 -4.28 -33.69
N ASN A 1311 -29.70 -4.56 -34.65
CA ASN A 1311 -30.11 -4.58 -36.05
C ASN A 1311 -30.65 -5.96 -36.41
N HIS A 1312 -31.41 -6.02 -37.51
CA HIS A 1312 -32.04 -7.26 -37.94
C HIS A 1312 -31.41 -7.86 -39.19
N LYS A 1313 -30.68 -7.08 -39.99
CA LYS A 1313 -30.20 -7.57 -41.28
C LYS A 1313 -28.73 -7.23 -41.49
N ILE A 1314 -27.92 -7.32 -40.44
CA ILE A 1314 -26.45 -7.29 -40.59
C ILE A 1314 -26.03 -8.75 -40.72
N THR A 1315 -26.19 -9.29 -41.93
CA THR A 1315 -25.75 -10.65 -42.19
C THR A 1315 -24.97 -10.77 -43.50
N GLU A 1316 -25.33 -9.97 -44.50
CA GLU A 1316 -24.71 -10.11 -45.82
C GLU A 1316 -23.39 -9.36 -45.88
N GLU A 1317 -23.44 -8.03 -45.79
CA GLU A 1317 -22.22 -7.25 -45.63
C GLU A 1317 -22.17 -6.52 -44.29
N GLY A 1318 -23.14 -5.65 -44.00
CA GLY A 1318 -23.31 -5.09 -42.67
C GLY A 1318 -22.01 -4.65 -42.03
N TYR A 1319 -21.62 -5.42 -41.02
CA TYR A 1319 -20.32 -5.39 -40.36
C TYR A 1319 -19.16 -5.20 -41.33
N ARG A 1320 -19.26 -5.78 -42.53
CA ARG A 1320 -18.13 -5.77 -43.46
C ARG A 1320 -17.77 -4.35 -43.89
N ASN A 1321 -18.77 -3.59 -44.32
CA ASN A 1321 -18.50 -2.22 -44.77
C ASN A 1321 -17.93 -1.35 -43.66
N PHE A 1322 -18.23 -1.70 -42.41
CA PHE A 1322 -17.68 -0.98 -41.26
C PHE A 1322 -16.38 -1.59 -40.75
N PHE A 1323 -15.95 -2.72 -41.31
CA PHE A 1323 -14.71 -3.35 -40.89
C PHE A 1323 -13.76 -3.67 -42.04
N GLN A 1324 -14.22 -3.68 -43.29
CA GLN A 1324 -13.35 -3.90 -44.44
C GLN A 1324 -13.23 -2.69 -45.35
N ALA A 1325 -14.11 -1.71 -45.22
CA ALA A 1325 -14.06 -0.51 -46.06
C ALA A 1325 -13.90 0.74 -45.21
N LEU A 1326 -12.98 0.70 -44.23
CA LEU A 1326 -12.75 1.84 -43.37
C LEU A 1326 -11.94 2.92 -44.09
N ASP A 1327 -10.72 2.57 -44.50
CA ASP A 1327 -9.85 3.45 -45.30
C ASP A 1327 -9.65 4.81 -44.63
N ASN A 1328 -9.02 4.76 -43.45
CA ASN A 1328 -8.57 5.94 -42.72
C ASN A 1328 -9.74 6.85 -42.34
N LEU A 1329 -10.63 6.32 -41.51
CA LEU A 1329 -11.60 7.14 -40.78
C LEU A 1329 -11.17 7.16 -39.32
N PRO A 1330 -10.26 8.07 -38.96
CA PRO A 1330 -9.49 7.90 -37.72
C PRO A 1330 -10.12 8.51 -36.48
N ASN A 1331 -11.40 8.85 -36.52
CA ASN A 1331 -12.05 9.52 -35.39
C ASN A 1331 -13.16 8.69 -34.77
N LEU A 1332 -13.38 7.45 -35.22
CA LEU A 1332 -14.44 6.61 -34.69
C LEU A 1332 -13.97 5.99 -33.38
N GLN A 1333 -14.14 6.74 -32.29
CA GLN A 1333 -13.65 6.28 -30.99
C GLN A 1333 -14.61 5.33 -30.29
N GLU A 1334 -15.87 5.27 -30.72
CA GLU A 1334 -16.89 4.44 -30.05
C GLU A 1334 -17.68 3.71 -31.13
N LEU A 1335 -17.23 2.52 -31.50
CA LEU A 1335 -17.94 1.67 -32.45
C LEU A 1335 -18.59 0.54 -31.64
N ASN A 1336 -19.79 0.83 -31.12
CA ASN A 1336 -20.56 -0.16 -30.37
C ASN A 1336 -21.49 -0.87 -31.34
N ILE A 1337 -21.16 -2.10 -31.71
CA ILE A 1337 -21.95 -2.89 -32.65
C ILE A 1337 -22.42 -4.12 -31.89
N CYS A 1338 -23.63 -4.04 -31.34
CA CYS A 1338 -24.23 -5.21 -30.71
C CYS A 1338 -24.67 -6.20 -31.78
N ARG A 1339 -24.57 -7.48 -31.44
CA ARG A 1339 -24.81 -8.52 -32.44
C ARG A 1339 -26.30 -8.65 -32.72
N ASN A 1340 -26.63 -9.58 -33.61
CA ASN A 1340 -27.96 -9.74 -34.18
C ASN A 1340 -28.38 -11.20 -34.13
N ILE A 1341 -28.31 -11.79 -32.94
CA ILE A 1341 -28.67 -13.19 -32.69
C ILE A 1341 -29.92 -13.63 -33.47
N PRO A 1342 -30.97 -12.83 -33.61
CA PRO A 1342 -32.04 -13.18 -34.55
C PRO A 1342 -31.88 -12.60 -35.95
N GLY A 1343 -30.72 -12.05 -36.29
CA GLY A 1343 -30.54 -11.43 -37.60
C GLY A 1343 -29.26 -11.75 -38.33
N ARG A 1344 -28.36 -12.52 -37.71
CA ARG A 1344 -27.12 -12.93 -38.34
C ARG A 1344 -26.82 -14.38 -37.97
N ILE A 1345 -25.61 -14.85 -38.28
CA ILE A 1345 -25.28 -16.25 -38.07
C ILE A 1345 -24.25 -16.43 -36.96
N GLN A 1346 -23.01 -15.98 -37.18
CA GLN A 1346 -21.91 -16.16 -36.25
C GLN A 1346 -20.57 -15.75 -36.84
N VAL A 1347 -20.08 -16.51 -37.82
CA VAL A 1347 -18.72 -16.38 -38.35
C VAL A 1347 -18.42 -14.98 -38.86
N GLN A 1348 -19.45 -14.13 -39.00
CA GLN A 1348 -19.23 -12.72 -39.30
C GLN A 1348 -18.34 -12.07 -38.25
N ALA A 1349 -18.58 -12.38 -36.97
CA ALA A 1349 -17.75 -11.82 -35.91
C ALA A 1349 -16.31 -12.29 -36.02
N THR A 1350 -16.10 -13.57 -36.33
CA THR A 1350 -14.74 -14.09 -36.47
C THR A 1350 -14.03 -13.42 -37.63
N THR A 1351 -14.72 -13.24 -38.76
CA THR A 1351 -14.12 -12.55 -39.89
C THR A 1351 -13.79 -11.10 -39.55
N VAL A 1352 -14.67 -10.45 -38.79
CA VAL A 1352 -14.41 -9.07 -38.35
C VAL A 1352 -13.15 -9.03 -37.49
N LYS A 1353 -13.05 -9.95 -36.52
CA LYS A 1353 -11.88 -9.98 -35.65
C LYS A 1353 -10.61 -10.23 -36.45
N ALA A 1354 -10.69 -11.08 -37.48
CA ALA A 1354 -9.51 -11.39 -38.28
C ALA A 1354 -9.11 -10.22 -39.16
N LEU A 1355 -10.08 -9.47 -39.69
CA LEU A 1355 -9.77 -8.45 -40.68
C LEU A 1355 -9.56 -7.07 -40.06
N GLY A 1356 -10.60 -6.54 -39.40
CA GLY A 1356 -10.52 -5.17 -38.91
C GLY A 1356 -9.49 -4.99 -37.81
N GLN A 1357 -9.46 -5.92 -36.85
CA GLN A 1357 -8.51 -5.81 -35.74
C GLN A 1357 -7.07 -5.91 -36.25
N CYS A 1358 -6.81 -6.82 -37.19
CA CYS A 1358 -5.46 -6.98 -37.73
C CYS A 1358 -5.06 -5.75 -38.54
N VAL A 1359 -5.95 -5.27 -39.40
CA VAL A 1359 -5.61 -4.14 -40.26
C VAL A 1359 -5.56 -2.84 -39.47
N SER A 1360 -6.14 -2.80 -38.28
CA SER A 1360 -6.25 -1.58 -37.48
C SER A 1360 -6.89 -0.47 -38.31
N ARG A 1361 -6.06 0.40 -38.88
CA ARG A 1361 -6.45 1.51 -39.74
C ARG A 1361 -7.26 2.57 -39.00
N LEU A 1362 -7.57 2.36 -37.73
CA LEU A 1362 -8.29 3.33 -36.91
C LEU A 1362 -7.51 3.49 -35.61
N PRO A 1363 -7.01 4.67 -35.29
CA PRO A 1363 -6.31 4.86 -34.02
C PRO A 1363 -7.27 4.97 -32.84
N SER A 1364 -8.54 4.66 -33.05
CA SER A 1364 -9.53 4.73 -31.99
C SER A 1364 -10.59 3.65 -32.20
N LEU A 1365 -11.09 3.10 -31.09
CA LEU A 1365 -12.12 2.08 -31.12
C LEU A 1365 -12.73 1.97 -29.72
N ILE A 1366 -13.76 1.13 -29.60
CA ILE A 1366 -14.39 0.84 -28.32
C ILE A 1366 -14.62 -0.66 -28.20
N ARG A 1367 -14.92 -1.10 -26.99
CA ARG A 1367 -14.88 -2.51 -26.62
C ARG A 1367 -16.10 -3.24 -27.18
N LEU A 1368 -16.30 -4.49 -26.75
CA LEU A 1368 -17.12 -5.46 -27.46
C LEU A 1368 -18.51 -5.60 -26.85
N HIS A 1369 -19.26 -6.60 -27.33
CA HIS A 1369 -20.70 -6.75 -27.13
C HIS A 1369 -20.99 -8.11 -26.50
N MET A 1370 -22.27 -8.38 -26.24
CA MET A 1370 -22.64 -9.47 -25.33
C MET A 1370 -24.10 -9.87 -25.59
N LEU A 1371 -24.70 -10.58 -24.64
CA LEU A 1371 -26.08 -11.05 -24.47
C LEU A 1371 -26.39 -12.41 -25.11
N SER A 1372 -25.49 -12.99 -25.92
CA SER A 1372 -25.71 -14.40 -26.24
C SER A 1372 -24.45 -15.21 -26.47
N TRP A 1373 -23.25 -14.64 -26.37
CA TRP A 1373 -22.08 -15.20 -27.03
C TRP A 1373 -21.03 -15.60 -26.01
N LEU A 1374 -20.71 -16.90 -25.97
CA LEU A 1374 -19.76 -17.46 -25.02
C LEU A 1374 -19.12 -18.69 -25.63
N LEU A 1375 -17.89 -18.98 -25.20
CA LEU A 1375 -17.13 -20.11 -25.72
C LEU A 1375 -16.34 -20.75 -24.58
N ASP A 1376 -15.54 -21.75 -24.91
CA ASP A 1376 -14.87 -22.54 -23.88
C ASP A 1376 -13.67 -21.78 -23.30
N GLU A 1377 -13.16 -22.30 -22.18
CA GLU A 1377 -12.16 -21.61 -21.39
C GLU A 1377 -10.76 -21.64 -22.00
N GLU A 1378 -10.51 -22.54 -22.96
CA GLU A 1378 -9.18 -22.63 -23.53
C GLU A 1378 -8.83 -21.40 -24.36
N ASP A 1379 -9.78 -20.86 -25.11
CA ASP A 1379 -9.54 -19.71 -25.96
C ASP A 1379 -9.83 -18.38 -25.29
N MET A 1380 -10.37 -18.40 -24.07
CA MET A 1380 -10.36 -17.17 -23.28
C MET A 1380 -8.94 -16.75 -22.93
N LYS A 1381 -8.05 -17.73 -22.72
CA LYS A 1381 -6.62 -17.43 -22.63
C LYS A 1381 -6.10 -16.85 -23.94
N VAL A 1382 -6.62 -17.34 -25.06
CA VAL A 1382 -6.21 -16.82 -26.37
C VAL A 1382 -6.61 -15.35 -26.49
N ILE A 1383 -7.85 -15.02 -26.11
CA ILE A 1383 -8.30 -13.64 -26.23
C ILE A 1383 -7.60 -12.76 -25.19
N ASN A 1384 -7.23 -13.33 -24.04
CA ASN A 1384 -6.41 -12.58 -23.09
C ASN A 1384 -5.03 -12.25 -23.68
N ASP A 1385 -4.41 -13.22 -24.35
CA ASP A 1385 -3.12 -12.97 -25.00
C ASP A 1385 -3.26 -11.94 -26.12
N VAL A 1386 -4.35 -12.02 -26.88
CA VAL A 1386 -4.60 -11.02 -27.93
C VAL A 1386 -4.77 -9.64 -27.31
N LYS A 1387 -5.49 -9.56 -26.18
CA LYS A 1387 -5.62 -8.29 -25.47
C LYS A 1387 -4.26 -7.77 -25.02
N GLU A 1388 -3.40 -8.65 -24.54
CA GLU A 1388 -2.06 -8.26 -24.13
C GLU A 1388 -1.12 -8.01 -25.30
N ARG A 1389 -1.59 -8.19 -26.54
CA ARG A 1389 -0.73 -8.01 -27.70
C ARG A 1389 -0.63 -6.56 -28.12
N HIS A 1390 -1.76 -5.96 -28.52
CA HIS A 1390 -1.73 -4.59 -29.02
C HIS A 1390 -1.77 -3.59 -27.87
N PRO A 1391 -1.25 -2.37 -28.09
CA PRO A 1391 -0.90 -1.49 -26.97
C PRO A 1391 -2.05 -1.10 -26.05
N GLN A 1392 -3.30 -1.43 -26.39
CA GLN A 1392 -4.41 -1.18 -25.47
C GLN A 1392 -4.50 -2.22 -24.35
N SER A 1393 -3.43 -2.98 -24.13
CA SER A 1393 -3.48 -4.11 -23.20
C SER A 1393 -3.83 -3.65 -21.78
N LYS A 1394 -3.10 -2.67 -21.26
CA LYS A 1394 -3.28 -2.27 -19.87
C LYS A 1394 -4.49 -1.38 -19.66
N ARG A 1395 -5.37 -1.26 -20.66
CA ARG A 1395 -6.56 -0.43 -20.52
C ARG A 1395 -7.80 -1.19 -20.99
N LEU A 1396 -7.61 -2.16 -21.87
CA LEU A 1396 -8.74 -2.87 -22.47
C LEU A 1396 -9.38 -3.81 -21.46
N ILE A 1397 -10.70 -3.72 -21.34
CA ILE A 1397 -11.51 -4.71 -20.63
C ILE A 1397 -12.50 -5.30 -21.62
N ILE A 1398 -12.54 -6.62 -21.69
CA ILE A 1398 -13.46 -7.32 -22.58
C ILE A 1398 -14.68 -7.70 -21.75
N PHE A 1399 -15.81 -7.08 -22.06
CA PHE A 1399 -17.05 -7.34 -21.33
C PHE A 1399 -17.68 -8.62 -21.87
N TRP A 1400 -17.60 -9.70 -21.08
CA TRP A 1400 -18.17 -10.97 -21.51
C TRP A 1400 -18.93 -11.70 -20.40
N LYS A 1401 -19.11 -11.09 -19.23
CA LYS A 1401 -19.81 -11.73 -18.12
C LYS A 1401 -21.20 -11.12 -17.98
N LEU A 1402 -22.22 -11.99 -17.97
CA LEU A 1402 -23.60 -11.58 -17.84
C LEU A 1402 -24.07 -11.92 -16.43
N ILE A 1403 -24.35 -10.89 -15.63
CA ILE A 1403 -24.87 -11.09 -14.28
C ILE A 1403 -26.34 -11.48 -14.40
N VAL A 1404 -26.65 -12.75 -14.17
CA VAL A 1404 -27.96 -13.31 -14.51
C VAL A 1404 -28.72 -13.58 -13.22
N PRO A 1405 -30.05 -13.41 -13.20
CA PRO A 1405 -30.84 -13.83 -12.04
C PRO A 1405 -31.19 -15.31 -12.02
N PHE A 1406 -30.77 -16.08 -13.01
CA PHE A 1406 -31.10 -17.49 -13.12
C PHE A 1406 -29.88 -18.35 -12.84
N SER A 1407 -30.09 -19.43 -12.10
CA SER A 1407 -29.03 -20.41 -11.90
C SER A 1407 -28.78 -21.16 -13.20
N PRO A 1408 -27.52 -21.30 -13.64
CA PRO A 1408 -27.25 -21.98 -14.91
C PRO A 1408 -27.74 -23.42 -14.90
N VAL A 1409 -28.26 -23.86 -16.04
CA VAL A 1409 -28.78 -25.21 -16.21
C VAL A 1409 -28.02 -25.88 -17.35
N ILE A 1410 -27.46 -27.05 -17.07
CA ILE A 1410 -26.64 -27.77 -18.04
C ILE A 1410 -27.55 -28.65 -18.90
N LEU A 1411 -27.32 -28.62 -20.21
CA LEU A 1411 -28.10 -29.41 -21.16
C LEU A 1411 -27.52 -30.82 -21.29
N GLU A 1412 -27.41 -31.49 -20.15
CA GLU A 1412 -26.89 -32.85 -20.12
C GLU A 1412 -28.00 -33.87 -20.34
N MET B 8 3.74 30.19 3.88
CA MET B 8 4.32 29.42 4.97
C MET B 8 4.93 28.12 4.43
N ALA B 9 4.17 27.40 3.62
CA ALA B 9 4.62 26.14 3.03
C ALA B 9 5.48 26.45 1.81
N GLN B 10 6.74 26.77 2.09
CA GLN B 10 7.69 27.11 1.05
C GLN B 10 8.93 26.25 1.07
N VAL B 11 9.07 25.34 2.03
CA VAL B 11 10.22 24.44 2.10
C VAL B 11 9.74 23.02 2.37
N ILE B 12 8.44 22.85 2.60
CA ILE B 12 7.85 21.55 2.91
C ILE B 12 6.70 21.29 1.94
N ASN B 13 6.57 20.04 1.52
CA ASN B 13 5.46 19.61 0.68
C ASN B 13 4.28 19.21 1.57
N THR B 14 3.71 20.23 2.23
CA THR B 14 2.59 19.99 3.14
C THR B 14 1.33 19.57 2.38
N ASN B 15 1.20 20.00 1.13
CA ASN B 15 0.02 19.67 0.34
C ASN B 15 -0.01 18.22 -0.13
N SER B 16 1.07 17.47 0.10
CA SER B 16 1.13 16.08 -0.32
C SER B 16 0.04 15.26 0.38
N LEU B 17 -0.67 14.45 -0.40
CA LEU B 17 -1.73 13.63 0.15
C LEU B 17 -1.14 12.48 0.95
N SER B 18 -1.60 12.33 2.20
CA SER B 18 -0.97 11.45 3.17
C SER B 18 -1.32 9.98 2.98
N LEU B 19 -2.02 9.63 1.89
CA LEU B 19 -2.44 8.27 1.56
C LEU B 19 -3.55 7.81 2.50
N LEU B 20 -3.84 8.62 3.50
CA LEU B 20 -5.09 8.53 4.26
C LEU B 20 -6.14 9.45 3.65
N THR B 21 -5.79 10.71 3.46
CA THR B 21 -6.64 11.63 2.72
C THR B 21 -6.78 11.19 1.27
N GLN B 22 -5.75 10.56 0.71
CA GLN B 22 -5.86 10.04 -0.65
C GLN B 22 -6.98 9.01 -0.74
N ASN B 23 -7.06 8.10 0.25
CA ASN B 23 -8.17 7.16 0.27
C ASN B 23 -9.48 7.84 0.61
N ASN B 24 -9.44 8.92 1.39
CA ASN B 24 -10.66 9.66 1.70
C ASN B 24 -11.30 10.23 0.44
N LEU B 25 -10.50 10.91 -0.38
CA LEU B 25 -11.00 11.35 -1.70
C LEU B 25 -11.18 10.20 -2.67
N ASN B 26 -10.54 9.04 -2.46
CA ASN B 26 -10.90 7.87 -3.24
C ASN B 26 -12.36 7.49 -3.02
N LYS B 27 -12.78 7.49 -1.75
CA LYS B 27 -14.17 7.13 -1.45
C LYS B 27 -15.14 8.26 -1.75
N SER B 28 -14.74 9.52 -1.51
CA SER B 28 -15.66 10.64 -1.59
C SER B 28 -15.73 11.25 -2.99
N GLN B 29 -14.57 11.46 -3.63
CA GLN B 29 -14.52 12.04 -4.97
C GLN B 29 -14.59 10.97 -6.06
N SER B 30 -15.25 9.85 -5.79
CA SER B 30 -15.49 8.85 -6.81
C SER B 30 -16.33 9.46 -7.94
N ALA B 31 -16.46 8.70 -9.02
CA ALA B 31 -17.05 9.22 -10.25
C ALA B 31 -18.49 9.65 -10.03
N LEU B 32 -19.37 8.71 -9.70
CA LEU B 32 -20.79 9.01 -9.66
C LEU B 32 -21.41 8.65 -8.32
N GLY B 33 -20.81 7.72 -7.60
CA GLY B 33 -21.30 7.32 -6.29
C GLY B 33 -22.16 6.07 -6.36
N THR B 34 -23.41 6.19 -5.90
CA THR B 34 -24.30 5.05 -5.74
C THR B 34 -25.51 5.14 -6.67
N ALA B 35 -25.29 5.60 -7.90
CA ALA B 35 -26.39 5.65 -8.86
C ALA B 35 -26.73 4.28 -9.42
N ILE B 36 -25.82 3.32 -9.33
CA ILE B 36 -26.07 1.97 -9.84
C ILE B 36 -25.79 0.88 -8.81
N GLU B 37 -24.96 1.12 -7.79
CA GLU B 37 -24.68 0.10 -6.79
C GLU B 37 -25.95 -0.36 -6.08
N ARG B 38 -26.92 0.53 -5.94
CA ARG B 38 -28.14 0.18 -5.21
C ARG B 38 -29.08 -0.72 -5.98
N LEU B 39 -28.89 -0.90 -7.30
CA LEU B 39 -29.74 -1.84 -8.03
C LEU B 39 -29.56 -3.27 -7.52
N SER B 40 -28.40 -3.59 -6.95
CA SER B 40 -28.20 -4.92 -6.38
C SER B 40 -29.23 -5.21 -5.30
N SER B 41 -29.48 -4.25 -4.41
CA SER B 41 -30.51 -4.43 -3.39
C SER B 41 -31.89 -4.25 -3.97
N GLY B 42 -32.05 -3.33 -4.93
CA GLY B 42 -33.38 -3.02 -5.43
C GLY B 42 -34.00 -4.14 -6.23
N LEU B 43 -33.21 -4.81 -7.08
CA LEU B 43 -33.78 -5.78 -8.02
C LEU B 43 -34.37 -6.98 -7.31
N ARG B 44 -33.67 -7.53 -6.33
CA ARG B 44 -34.10 -8.73 -5.63
C ARG B 44 -34.49 -8.38 -4.20
N ILE B 45 -35.68 -8.80 -3.79
CA ILE B 45 -36.20 -8.53 -2.46
C ILE B 45 -36.76 -9.83 -1.88
N ASN B 46 -36.86 -9.87 -0.56
CA ASN B 46 -37.36 -11.04 0.14
C ASN B 46 -38.73 -10.77 0.75
N SER B 456 -50.25 -5.87 -15.97
CA SER B 456 -49.59 -6.56 -17.07
C SER B 456 -48.41 -5.75 -17.59
N ALA B 457 -47.66 -6.34 -18.52
CA ALA B 457 -46.48 -5.71 -19.12
C ALA B 457 -46.71 -5.56 -20.62
N ARG B 458 -45.66 -5.09 -21.30
CA ARG B 458 -45.71 -4.88 -22.75
C ARG B 458 -44.51 -5.55 -23.41
N SER B 459 -44.18 -6.77 -22.98
CA SER B 459 -43.05 -7.51 -23.53
C SER B 459 -43.44 -8.09 -24.88
N ARG B 460 -43.04 -7.42 -25.95
CA ARG B 460 -43.32 -7.86 -27.30
C ARG B 460 -42.09 -8.53 -27.90
N ILE B 461 -42.15 -8.83 -29.21
CA ILE B 461 -41.02 -9.46 -29.88
C ILE B 461 -39.80 -8.55 -29.85
N GLU B 462 -40.01 -7.26 -30.13
CA GLU B 462 -38.93 -6.28 -30.08
C GLU B 462 -38.92 -5.50 -28.77
N ASP B 463 -40.03 -5.45 -28.04
CA ASP B 463 -40.09 -4.77 -26.75
C ASP B 463 -39.73 -5.69 -25.59
N SER B 464 -38.62 -6.39 -25.70
CA SER B 464 -38.07 -7.22 -24.64
C SER B 464 -36.60 -6.92 -24.36
N ASP B 465 -35.83 -6.61 -25.39
CA ASP B 465 -34.43 -6.22 -25.25
C ASP B 465 -34.33 -4.73 -25.55
N TYR B 466 -34.17 -3.91 -24.52
CA TYR B 466 -34.05 -2.47 -24.68
C TYR B 466 -32.61 -1.98 -24.54
N ALA B 467 -31.67 -2.74 -25.10
CA ALA B 467 -30.23 -2.47 -24.97
C ALA B 467 -29.79 -2.61 -23.53
N THR B 468 -30.16 -3.72 -22.91
CA THR B 468 -29.93 -3.97 -21.49
C THR B 468 -28.44 -4.13 -21.19
N GLU B 469 -27.63 -4.28 -22.23
CA GLU B 469 -26.20 -4.53 -22.04
C GLU B 469 -25.54 -3.38 -21.30
N VAL B 470 -25.79 -2.14 -21.72
CA VAL B 470 -25.11 -0.99 -21.14
C VAL B 470 -25.37 -0.91 -19.64
N SER B 471 -26.59 -1.25 -19.22
CA SER B 471 -26.87 -1.37 -17.80
C SER B 471 -25.94 -2.39 -17.15
N ASN B 472 -25.74 -3.53 -17.80
CA ASN B 472 -24.76 -4.50 -17.32
C ASN B 472 -23.33 -4.06 -17.59
N MET B 473 -23.07 -3.36 -18.69
CA MET B 473 -21.75 -2.79 -18.91
C MET B 473 -21.41 -1.77 -17.83
N SER B 474 -22.35 -0.88 -17.52
CA SER B 474 -22.15 0.07 -16.43
C SER B 474 -22.00 -0.66 -15.10
N ARG B 475 -22.79 -1.72 -14.91
CA ARG B 475 -22.69 -2.52 -13.69
C ARG B 475 -21.30 -3.12 -13.54
N ALA B 476 -20.73 -3.64 -14.63
CA ALA B 476 -19.40 -4.22 -14.57
C ALA B 476 -18.33 -3.15 -14.39
N GLN B 477 -18.52 -1.99 -15.02
CA GLN B 477 -17.58 -0.89 -14.84
C GLN B 477 -17.53 -0.44 -13.39
N ILE B 478 -18.70 -0.25 -12.78
CA ILE B 478 -18.74 0.14 -11.38
C ILE B 478 -18.40 -1.03 -10.45
N LEU B 479 -18.52 -2.27 -10.91
CA LEU B 479 -18.01 -3.39 -10.14
C LEU B 479 -16.49 -3.39 -10.11
N GLN B 480 -15.85 -3.05 -11.22
CA GLN B 480 -14.41 -2.84 -11.21
C GLN B 480 -14.05 -1.67 -10.31
N GLN B 481 -14.84 -0.61 -10.36
CA GLN B 481 -14.67 0.52 -9.45
C GLN B 481 -14.70 0.06 -8.00
N ALA B 482 -15.74 -0.70 -7.64
CA ALA B 482 -15.90 -1.17 -6.27
C ALA B 482 -14.77 -2.10 -5.87
N GLY B 483 -14.35 -2.99 -6.77
CA GLY B 483 -13.24 -3.87 -6.47
C GLY B 483 -11.97 -3.10 -6.18
N THR B 484 -11.67 -2.11 -7.03
CA THR B 484 -10.47 -1.30 -6.82
C THR B 484 -10.57 -0.46 -5.56
N SER B 485 -11.73 0.15 -5.32
CA SER B 485 -11.91 0.99 -4.15
C SER B 485 -11.84 0.17 -2.87
N VAL B 486 -12.45 -1.01 -2.85
CA VAL B 486 -12.37 -1.86 -1.66
C VAL B 486 -11.03 -2.56 -1.55
N LEU B 487 -10.25 -2.64 -2.62
CA LEU B 487 -8.86 -3.06 -2.45
C LEU B 487 -8.05 -1.95 -1.78
N ALA B 488 -8.22 -0.72 -2.22
CA ALA B 488 -7.57 0.41 -1.56
C ALA B 488 -8.04 0.54 -0.11
N GLN B 489 -9.30 0.20 0.16
CA GLN B 489 -9.86 0.29 1.50
C GLN B 489 -9.63 -0.95 2.35
N ALA B 490 -9.29 -2.08 1.74
CA ALA B 490 -8.83 -3.26 2.46
C ALA B 490 -7.32 -3.25 2.61
N ASN B 491 -6.66 -2.25 2.05
CA ASN B 491 -5.31 -1.87 2.46
C ASN B 491 -5.33 -0.79 3.54
N GLN B 492 -6.52 -0.32 3.94
CA GLN B 492 -6.67 0.79 4.88
C GLN B 492 -7.48 0.45 6.12
N VAL B 493 -8.51 -0.38 6.00
CA VAL B 493 -9.16 -0.94 7.19
C VAL B 493 -8.18 -1.74 8.03
N PRO B 494 -7.30 -2.56 7.46
CA PRO B 494 -6.27 -3.20 8.29
C PRO B 494 -5.35 -2.21 8.98
N GLN B 495 -5.32 -0.94 8.59
CA GLN B 495 -4.60 0.05 9.38
C GLN B 495 -5.08 0.07 10.82
N ASN B 496 -6.40 0.13 11.01
CA ASN B 496 -6.94 0.19 12.37
C ASN B 496 -6.60 -1.07 13.15
N VAL B 497 -6.71 -2.23 12.51
CA VAL B 497 -6.42 -3.49 13.21
C VAL B 497 -4.94 -3.57 13.55
N LEU B 498 -4.06 -3.24 12.60
CA LEU B 498 -2.63 -3.43 12.79
C LEU B 498 -2.01 -2.36 13.66
N SER B 499 -2.57 -1.16 13.72
CA SER B 499 -2.05 -0.15 14.62
C SER B 499 -2.31 -0.50 16.08
N LEU B 500 -3.50 -1.04 16.37
CA LEU B 500 -3.73 -1.62 17.69
C LEU B 500 -2.85 -2.83 17.90
N LEU B 501 -2.67 -3.65 16.86
CA LEU B 501 -1.69 -4.72 16.86
C LEU B 501 -0.26 -4.18 16.85
N ARG B 502 -0.08 -2.91 16.49
CA ARG B 502 1.21 -2.24 16.44
C ARG B 502 2.22 -2.98 15.57
#